data_6E9M
#
_entry.id   6E9M
#
_entity_poly.entity_id   1
_entity_poly.type   'polypeptide(L)'
_entity_poly.pdbx_seq_one_letter_code
;GSGWESKTGSCNTGKLACCDTNKKVQKSTGEESGLLHTGDVLDQVAIQCTQIPLLIGIAIEDECKNTPTCCEDVEDDGLV
GINCTPIPLI
;
_entity_poly.pdbx_strand_id   A
#
# COMPACT_ATOMS: atom_id res chain seq x y z
N GLY A 1 -3.09 -11.83 -9.64
CA GLY A 1 -3.87 -10.58 -9.81
C GLY A 1 -5.17 -10.60 -9.02
N SER A 2 -5.13 -10.05 -7.82
CA SER A 2 -6.31 -9.96 -6.99
C SER A 2 -6.24 -8.71 -6.11
N GLY A 3 -7.38 -8.32 -5.54
CA GLY A 3 -7.42 -7.17 -4.67
C GLY A 3 -7.71 -5.89 -5.43
N TRP A 4 -6.68 -5.31 -6.02
CA TRP A 4 -6.81 -4.08 -6.77
C TRP A 4 -6.35 -4.27 -8.21
N GLU A 5 -7.04 -3.59 -9.11
CA GLU A 5 -6.70 -3.64 -10.53
C GLU A 5 -5.34 -3.00 -10.78
N SER A 6 -4.37 -3.83 -11.09
CA SER A 6 -3.01 -3.36 -11.32
C SER A 6 -2.65 -3.46 -12.79
N LYS A 7 -3.68 -3.40 -13.64
CA LYS A 7 -3.50 -3.54 -15.09
C LYS A 7 -2.62 -2.42 -15.65
N THR A 8 -2.50 -1.34 -14.90
CA THR A 8 -1.67 -0.23 -15.29
C THR A 8 -0.19 -0.61 -15.21
N GLY A 9 0.11 -1.66 -14.45
CA GLY A 9 1.47 -2.13 -14.31
C GLY A 9 2.28 -1.28 -13.36
N SER A 10 1.61 -0.33 -12.70
CA SER A 10 2.28 0.61 -11.83
C SER A 10 2.78 -0.06 -10.54
N CYS A 11 2.11 -1.13 -10.14
CA CYS A 11 2.46 -1.78 -8.89
C CYS A 11 3.12 -3.13 -9.17
N ASN A 12 4.13 -3.47 -8.37
CA ASN A 12 4.89 -4.70 -8.56
C ASN A 12 4.33 -5.85 -7.72
N THR A 13 3.56 -5.53 -6.70
CA THR A 13 3.04 -6.55 -5.78
C THR A 13 1.54 -6.74 -5.95
N GLY A 14 0.85 -5.67 -6.31
CA GLY A 14 -0.58 -5.73 -6.44
C GLY A 14 -1.29 -5.18 -5.23
N LYS A 15 -0.51 -4.69 -4.26
CA LYS A 15 -1.08 -4.11 -3.06
C LYS A 15 -1.19 -2.60 -3.20
N LEU A 16 -2.32 -2.16 -3.72
CA LEU A 16 -2.58 -0.74 -3.89
C LEU A 16 -3.34 -0.21 -2.68
N ALA A 17 -2.85 0.87 -2.10
CA ALA A 17 -3.48 1.45 -0.93
C ALA A 17 -3.51 2.97 -1.06
N CYS A 18 -4.43 3.60 -0.36
CA CYS A 18 -4.47 5.04 -0.28
C CYS A 18 -3.66 5.50 0.93
N CYS A 19 -2.43 5.88 0.69
CA CYS A 19 -1.51 6.17 1.78
C CYS A 19 -1.18 7.65 1.84
N ASP A 20 -0.80 8.11 3.03
CA ASP A 20 -0.29 9.45 3.19
C ASP A 20 1.23 9.39 3.20
N THR A 21 1.87 10.18 2.37
CA THR A 21 3.32 10.18 2.34
C THR A 21 3.87 11.26 3.27
N ASN A 22 2.97 11.94 3.97
CA ASN A 22 3.33 12.95 4.94
C ASN A 22 3.11 12.39 6.33
N LYS A 23 2.21 11.43 6.42
CA LYS A 23 1.94 10.74 7.65
C LYS A 23 2.60 9.38 7.65
N LYS A 24 3.21 9.05 8.76
CA LYS A 24 3.96 7.82 8.86
C LYS A 24 3.76 7.14 10.20
N VAL A 25 4.14 5.87 10.26
CA VAL A 25 3.91 5.05 11.44
C VAL A 25 5.24 4.59 12.02
N GLN A 26 5.28 4.41 13.34
CA GLN A 26 6.49 3.97 14.02
C GLN A 26 6.62 2.46 13.99
N LYS A 27 5.51 1.78 13.78
CA LYS A 27 5.52 0.32 13.66
C LYS A 27 5.62 -0.05 12.19
N SER A 28 6.47 -1.02 11.87
CA SER A 28 6.73 -1.38 10.49
C SER A 28 7.25 -2.81 10.37
N THR A 29 6.36 -3.74 10.07
CA THR A 29 6.77 -5.12 9.83
C THR A 29 6.34 -5.59 8.45
N GLY A 30 5.04 -5.76 8.27
CA GLY A 30 4.53 -6.30 7.03
C GLY A 30 4.85 -7.78 6.90
N GLU A 31 4.09 -8.59 7.59
CA GLU A 31 4.36 -10.02 7.66
C GLU A 31 3.41 -10.84 6.78
N GLU A 32 2.79 -10.21 5.79
CA GLU A 32 1.86 -10.92 4.93
C GLU A 32 2.61 -11.57 3.78
N SER A 33 3.25 -10.75 2.97
CA SER A 33 4.13 -11.22 1.93
C SER A 33 5.56 -11.30 2.48
N GLY A 34 5.85 -10.41 3.40
CA GLY A 34 7.16 -10.32 3.99
C GLY A 34 7.27 -11.07 5.31
N LEU A 35 6.72 -12.30 5.34
CA LEU A 35 6.77 -13.14 6.54
C LEU A 35 8.13 -13.03 7.21
N LEU A 36 9.18 -13.28 6.43
CA LEU A 36 10.53 -13.01 6.88
C LEU A 36 11.08 -11.82 6.11
N HIS A 37 11.01 -10.65 6.73
CA HIS A 37 11.45 -9.41 6.10
C HIS A 37 12.69 -8.86 6.80
N THR A 38 12.83 -9.20 8.07
CA THR A 38 13.83 -8.58 8.93
C THR A 38 15.26 -8.88 8.47
N GLY A 39 15.44 -10.00 7.79
CA GLY A 39 16.77 -10.37 7.34
C GLY A 39 17.05 -9.95 5.92
N ASP A 40 16.12 -9.20 5.34
CA ASP A 40 16.28 -8.74 3.97
C ASP A 40 16.27 -7.23 3.92
N VAL A 41 15.26 -6.63 4.53
CA VAL A 41 15.10 -5.18 4.51
C VAL A 41 14.74 -4.63 5.88
N LEU A 42 15.46 -3.60 6.27
CA LEU A 42 15.22 -2.92 7.51
C LEU A 42 14.84 -1.46 7.25
N ASP A 43 15.04 -1.04 6.01
CA ASP A 43 14.79 0.34 5.60
C ASP A 43 13.33 0.56 5.24
N GLN A 44 12.52 -0.50 5.37
CA GLN A 44 11.11 -0.46 5.02
C GLN A 44 10.44 0.80 5.56
N VAL A 45 9.70 1.45 4.69
CA VAL A 45 9.03 2.70 5.02
C VAL A 45 7.58 2.42 5.33
N ALA A 46 7.16 2.81 6.51
CA ALA A 46 5.79 2.61 6.95
C ALA A 46 5.05 3.93 7.02
N ILE A 47 4.26 4.20 6.00
CA ILE A 47 3.45 5.40 5.99
C ILE A 47 2.02 5.08 6.36
N GLN A 48 1.36 6.05 6.98
CA GLN A 48 0.01 5.86 7.48
C GLN A 48 -0.94 5.81 6.29
N CYS A 49 -1.74 4.76 6.25
CA CYS A 49 -2.58 4.50 5.11
C CYS A 49 -4.03 4.33 5.55
N THR A 50 -4.94 4.52 4.62
CA THR A 50 -6.37 4.45 4.92
C THR A 50 -7.17 4.23 3.65
N GLN A 51 -8.01 3.22 3.65
CA GLN A 51 -8.76 2.89 2.45
C GLN A 51 -10.25 3.07 2.66
N ILE A 52 -10.77 4.13 2.04
CA ILE A 52 -12.19 4.45 2.10
C ILE A 52 -13.00 3.34 1.42
N PRO A 53 -14.12 2.89 2.06
CA PRO A 53 -14.89 1.71 1.67
C PRO A 53 -14.91 1.44 0.16
N LEU A 54 -14.08 0.49 -0.23
CA LEU A 54 -13.79 0.19 -1.62
C LEU A 54 -14.91 -0.57 -2.32
N LEU A 55 -15.14 -0.23 -3.58
CA LEU A 55 -15.98 -1.02 -4.44
C LEU A 55 -15.11 -2.03 -5.19
N ILE A 56 -15.66 -3.21 -5.45
CA ILE A 56 -14.92 -4.27 -6.13
C ILE A 56 -14.72 -3.91 -7.60
N GLY A 57 -13.50 -4.14 -8.07
CA GLY A 57 -13.17 -3.87 -9.46
C GLY A 57 -12.77 -2.43 -9.69
N ILE A 58 -12.94 -1.60 -8.67
CA ILE A 58 -12.70 -0.17 -8.77
C ILE A 58 -11.22 0.18 -8.63
N ALA A 59 -10.86 1.36 -9.12
CA ALA A 59 -9.49 1.84 -9.10
C ALA A 59 -9.21 2.62 -7.82
N ILE A 60 -8.10 2.25 -7.17
CA ILE A 60 -7.67 2.84 -5.89
C ILE A 60 -7.56 4.36 -5.96
N GLU A 61 -7.13 4.88 -7.10
CA GLU A 61 -6.86 6.31 -7.23
C GLU A 61 -8.16 7.10 -7.43
N ASP A 62 -9.21 6.42 -7.88
CA ASP A 62 -10.50 7.05 -8.11
C ASP A 62 -11.45 6.82 -6.95
N GLU A 63 -11.23 5.72 -6.24
CA GLU A 63 -12.06 5.33 -5.11
C GLU A 63 -11.87 6.30 -3.95
N CYS A 64 -10.66 6.79 -3.77
CA CYS A 64 -10.34 7.60 -2.62
C CYS A 64 -9.71 8.92 -3.05
N LYS A 65 -9.84 9.94 -2.21
CA LYS A 65 -9.20 11.22 -2.47
C LYS A 65 -7.91 11.32 -1.64
N ASN A 66 -7.04 10.34 -1.85
CA ASN A 66 -5.72 10.33 -1.22
C ASN A 66 -4.70 9.87 -2.25
N THR A 67 -3.48 9.61 -1.82
CA THR A 67 -2.45 9.21 -2.76
C THR A 67 -2.44 7.70 -2.93
N PRO A 68 -2.52 7.24 -4.17
CA PRO A 68 -2.48 5.83 -4.50
C PRO A 68 -1.04 5.31 -4.47
N THR A 69 -0.80 4.34 -3.62
CA THR A 69 0.52 3.78 -3.46
C THR A 69 0.55 2.28 -3.77
N CYS A 70 1.74 1.78 -4.09
CA CYS A 70 1.97 0.35 -4.22
C CYS A 70 2.83 -0.13 -3.05
N CYS A 71 2.21 -0.80 -2.09
CA CYS A 71 2.92 -1.27 -0.91
C CYS A 71 3.52 -2.63 -1.19
N GLU A 72 4.74 -2.85 -0.73
CA GLU A 72 5.36 -4.15 -0.83
C GLU A 72 4.68 -5.12 0.13
N ASP A 73 4.20 -4.57 1.24
CA ASP A 73 3.36 -5.28 2.19
C ASP A 73 2.55 -4.26 2.96
N VAL A 74 1.50 -4.68 3.65
CA VAL A 74 0.71 -3.76 4.45
C VAL A 74 0.37 -4.38 5.79
N GLU A 75 0.45 -3.58 6.84
CA GLU A 75 0.17 -4.05 8.19
C GLU A 75 -1.24 -3.64 8.61
N ASP A 76 -1.79 -4.34 9.60
CA ASP A 76 -3.14 -4.11 10.09
C ASP A 76 -4.15 -4.37 8.98
N ASP A 77 -5.27 -3.69 9.02
CA ASP A 77 -6.29 -3.80 7.97
C ASP A 77 -5.89 -2.95 6.76
N GLY A 78 -4.62 -2.56 6.71
CA GLY A 78 -4.12 -1.77 5.63
C GLY A 78 -3.78 -0.35 6.05
N LEU A 79 -3.55 -0.18 7.35
CA LEU A 79 -3.26 1.13 7.91
C LEU A 79 -1.78 1.48 7.78
N VAL A 80 -0.94 0.48 7.62
CA VAL A 80 0.50 0.72 7.57
C VAL A 80 1.10 0.07 6.34
N GLY A 81 1.41 0.88 5.34
CA GLY A 81 1.93 0.33 4.11
C GLY A 81 3.44 0.28 4.10
N ILE A 82 3.97 -0.91 3.88
CA ILE A 82 5.40 -1.12 3.86
C ILE A 82 5.95 -0.84 2.47
N ASN A 83 6.83 0.14 2.39
CA ASN A 83 7.53 0.46 1.16
C ASN A 83 6.54 0.83 0.06
N CYS A 84 5.53 1.60 0.42
CA CYS A 84 4.52 2.01 -0.53
C CYS A 84 5.01 3.17 -1.37
N THR A 85 5.26 2.91 -2.63
CA THR A 85 5.67 3.93 -3.56
C THR A 85 4.45 4.49 -4.29
N PRO A 86 4.30 5.82 -4.33
CA PRO A 86 3.19 6.48 -5.03
C PRO A 86 3.20 6.14 -6.51
N ILE A 87 2.23 5.35 -6.93
CA ILE A 87 2.15 4.87 -8.30
C ILE A 87 1.69 5.97 -9.25
N PRO A 88 2.28 6.02 -10.45
CA PRO A 88 1.97 7.04 -11.45
C PRO A 88 0.57 6.89 -12.01
N LEU A 89 0.02 7.99 -12.50
CA LEU A 89 -1.33 8.01 -13.04
C LEU A 89 -1.29 7.75 -14.54
N ILE A 90 -0.25 7.07 -14.98
CA ILE A 90 -0.05 6.86 -16.40
C ILE A 90 0.08 5.38 -16.74
N GLY A 1 -6.36 -11.12 -10.84
CA GLY A 1 -6.37 -9.75 -10.30
C GLY A 1 -5.73 -9.67 -8.93
N SER A 2 -4.98 -8.61 -8.69
CA SER A 2 -4.31 -8.40 -7.42
C SER A 2 -5.20 -7.61 -6.46
N GLY A 3 -6.50 -7.88 -6.49
CA GLY A 3 -7.44 -7.15 -5.68
C GLY A 3 -7.74 -5.78 -6.25
N TRP A 4 -6.71 -4.96 -6.34
CA TRP A 4 -6.82 -3.64 -6.94
C TRP A 4 -6.46 -3.72 -8.42
N GLU A 5 -7.23 -2.99 -9.22
CA GLU A 5 -7.03 -2.96 -10.66
C GLU A 5 -5.63 -2.46 -11.00
N SER A 6 -4.79 -3.38 -11.48
CA SER A 6 -3.40 -3.09 -11.76
C SER A 6 -3.20 -2.64 -13.21
N LYS A 7 -4.25 -2.04 -13.78
CA LYS A 7 -4.25 -1.63 -15.19
C LYS A 7 -3.08 -0.69 -15.51
N THR A 8 -2.59 0.03 -14.50
CA THR A 8 -1.49 0.95 -14.71
C THR A 8 -0.15 0.22 -14.80
N GLY A 9 -0.06 -0.91 -14.12
CA GLY A 9 1.16 -1.69 -14.12
C GLY A 9 2.24 -1.06 -13.25
N SER A 10 1.82 -0.12 -12.41
CA SER A 10 2.75 0.66 -11.62
C SER A 10 3.27 -0.11 -10.41
N CYS A 11 2.49 -1.08 -9.96
CA CYS A 11 2.81 -1.79 -8.73
C CYS A 11 3.40 -3.16 -9.03
N ASN A 12 4.38 -3.56 -8.22
CA ASN A 12 5.07 -4.82 -8.42
C ASN A 12 4.41 -5.96 -7.66
N THR A 13 3.76 -5.64 -6.54
CA THR A 13 3.12 -6.65 -5.71
C THR A 13 1.62 -6.70 -5.95
N GLY A 14 1.04 -5.56 -6.28
CA GLY A 14 -0.39 -5.48 -6.51
C GLY A 14 -1.12 -4.88 -5.33
N LYS A 15 -0.39 -4.57 -4.27
CA LYS A 15 -0.98 -3.99 -3.07
C LYS A 15 -1.05 -2.46 -3.21
N LEU A 16 -2.13 -1.98 -3.78
CA LEU A 16 -2.35 -0.56 -3.95
C LEU A 16 -3.12 0.01 -2.76
N ALA A 17 -2.45 0.81 -1.95
CA ALA A 17 -3.11 1.45 -0.83
C ALA A 17 -3.12 2.96 -1.00
N CYS A 18 -4.13 3.59 -0.47
CA CYS A 18 -4.19 5.02 -0.42
C CYS A 18 -3.49 5.51 0.84
N CYS A 19 -2.31 6.06 0.67
CA CYS A 19 -1.48 6.41 1.81
C CYS A 19 -1.11 7.88 1.80
N ASP A 20 -0.83 8.41 2.98
CA ASP A 20 -0.33 9.76 3.12
C ASP A 20 1.16 9.72 3.31
N THR A 21 1.89 10.25 2.35
CA THR A 21 3.34 10.23 2.40
C THR A 21 3.87 11.25 3.41
N ASN A 22 2.96 12.06 3.95
CA ASN A 22 3.32 13.03 4.97
C ASN A 22 3.00 12.47 6.33
N LYS A 23 2.36 11.31 6.32
CA LYS A 23 1.99 10.62 7.53
C LYS A 23 2.80 9.35 7.66
N LYS A 24 3.83 9.43 8.45
CA LYS A 24 4.77 8.34 8.60
C LYS A 24 4.48 7.53 9.84
N VAL A 25 4.93 6.30 9.84
CA VAL A 25 4.78 5.43 11.00
C VAL A 25 6.16 5.01 11.47
N GLN A 26 6.32 4.85 12.77
CA GLN A 26 7.62 4.56 13.36
C GLN A 26 7.81 3.07 13.57
N LYS A 27 7.19 2.28 12.72
CA LYS A 27 7.29 0.83 12.79
C LYS A 27 7.66 0.27 11.43
N SER A 28 8.16 -0.95 11.41
CA SER A 28 8.51 -1.61 10.17
C SER A 28 8.35 -3.12 10.30
N THR A 29 7.11 -3.55 10.48
CA THR A 29 6.81 -4.97 10.59
C THR A 29 5.81 -5.36 9.51
N GLY A 30 5.95 -6.56 8.97
CA GLY A 30 5.09 -6.98 7.89
C GLY A 30 4.25 -8.19 8.24
N GLU A 31 3.06 -8.26 7.66
CA GLU A 31 2.16 -9.38 7.88
C GLU A 31 2.60 -10.57 7.04
N GLU A 32 3.05 -10.29 5.82
CA GLU A 32 3.56 -11.33 4.94
C GLU A 32 5.06 -11.18 4.76
N SER A 33 5.49 -9.94 4.58
CA SER A 33 6.92 -9.64 4.43
C SER A 33 7.65 -9.95 5.74
N GLY A 34 6.91 -9.90 6.85
CA GLY A 34 7.49 -10.17 8.16
C GLY A 34 7.88 -11.62 8.35
N LEU A 35 7.40 -12.48 7.46
CA LEU A 35 7.79 -13.90 7.49
C LEU A 35 9.16 -14.04 6.84
N LEU A 36 9.43 -13.17 5.89
CA LEU A 36 10.71 -13.14 5.22
C LEU A 36 11.65 -12.19 5.95
N HIS A 37 12.90 -12.16 5.52
CA HIS A 37 13.88 -11.22 6.09
C HIS A 37 13.67 -9.84 5.47
N THR A 38 12.74 -9.77 4.53
CA THR A 38 12.38 -8.54 3.87
C THR A 38 11.60 -7.62 4.81
N GLY A 39 10.88 -8.24 5.74
CA GLY A 39 10.12 -7.48 6.71
C GLY A 39 10.87 -7.31 8.01
N ASP A 40 12.13 -7.71 8.00
CA ASP A 40 12.98 -7.61 9.17
C ASP A 40 13.52 -6.19 9.31
N VAL A 41 13.99 -5.68 8.19
CA VAL A 41 14.65 -4.39 8.12
C VAL A 41 13.77 -3.23 8.56
N LEU A 42 14.40 -2.25 9.19
CA LEU A 42 13.75 -1.02 9.58
C LEU A 42 13.70 -0.07 8.39
N ASP A 43 14.40 -0.46 7.33
CA ASP A 43 14.47 0.35 6.10
C ASP A 43 13.11 0.48 5.44
N GLN A 44 12.25 -0.51 5.68
CA GLN A 44 10.89 -0.49 5.14
C GLN A 44 10.21 0.84 5.44
N VAL A 45 9.62 1.42 4.43
CA VAL A 45 8.97 2.71 4.54
C VAL A 45 7.52 2.54 4.94
N ALA A 46 7.23 2.82 6.18
CA ALA A 46 5.89 2.69 6.71
C ALA A 46 5.19 4.02 6.77
N ILE A 47 4.14 4.17 6.01
CA ILE A 47 3.31 5.36 6.05
C ILE A 47 1.88 4.99 6.42
N GLN A 48 1.18 5.94 6.99
CA GLN A 48 -0.18 5.72 7.46
C GLN A 48 -1.13 5.76 6.28
N CYS A 49 -1.86 4.68 6.14
CA CYS A 49 -2.69 4.44 4.99
C CYS A 49 -4.14 4.23 5.40
N THR A 50 -5.05 4.46 4.48
CA THR A 50 -6.46 4.31 4.76
C THR A 50 -7.24 4.17 3.47
N GLN A 51 -8.21 3.28 3.45
CA GLN A 51 -9.04 3.09 2.29
C GLN A 51 -10.51 3.32 2.62
N ILE A 52 -11.24 3.73 1.61
CA ILE A 52 -12.67 3.95 1.71
C ILE A 52 -13.39 2.65 1.33
N PRO A 53 -14.50 2.32 2.01
CA PRO A 53 -15.27 1.09 1.80
C PRO A 53 -15.28 0.62 0.34
N LEU A 54 -14.56 -0.48 0.09
CA LEU A 54 -14.21 -0.90 -1.25
C LEU A 54 -15.41 -1.33 -2.08
N LEU A 55 -15.50 -0.79 -3.28
CA LEU A 55 -16.41 -1.28 -4.29
C LEU A 55 -15.63 -2.17 -5.25
N ILE A 56 -16.05 -3.42 -5.39
CA ILE A 56 -15.33 -4.36 -6.24
C ILE A 56 -15.45 -3.96 -7.71
N GLY A 57 -14.31 -3.95 -8.38
CA GLY A 57 -14.26 -3.52 -9.77
C GLY A 57 -14.02 -2.02 -9.89
N ILE A 58 -13.61 -1.41 -8.78
CA ILE A 58 -13.35 0.02 -8.76
C ILE A 58 -11.86 0.33 -8.75
N ALA A 59 -11.54 1.51 -9.23
CA ALA A 59 -10.18 2.00 -9.31
C ALA A 59 -9.76 2.67 -8.00
N ILE A 60 -8.54 2.33 -7.56
CA ILE A 60 -7.94 2.91 -6.35
C ILE A 60 -7.98 4.43 -6.39
N GLU A 61 -7.88 4.97 -7.59
CA GLU A 61 -7.77 6.39 -7.81
C GLU A 61 -9.10 7.12 -7.60
N ASP A 62 -10.20 6.40 -7.81
CA ASP A 62 -11.51 7.02 -7.73
C ASP A 62 -12.26 6.59 -6.48
N GLU A 63 -11.75 5.57 -5.80
CA GLU A 63 -12.38 5.08 -4.60
C GLU A 63 -12.04 5.97 -3.41
N CYS A 64 -10.83 6.49 -3.41
CA CYS A 64 -10.35 7.27 -2.29
C CYS A 64 -9.89 8.64 -2.76
N LYS A 65 -9.57 9.53 -1.81
CA LYS A 65 -9.10 10.85 -2.15
C LYS A 65 -7.72 11.09 -1.53
N ASN A 66 -6.82 10.14 -1.73
CA ASN A 66 -5.45 10.27 -1.24
C ASN A 66 -4.48 9.75 -2.29
N THR A 67 -3.21 9.58 -1.93
CA THR A 67 -2.21 9.17 -2.89
C THR A 67 -2.19 7.65 -3.08
N PRO A 68 -2.32 7.23 -4.33
CA PRO A 68 -2.13 5.84 -4.73
C PRO A 68 -0.69 5.38 -4.51
N THR A 69 -0.50 4.33 -3.75
CA THR A 69 0.84 3.81 -3.50
C THR A 69 0.90 2.30 -3.70
N CYS A 70 2.07 1.81 -4.05
CA CYS A 70 2.30 0.38 -4.18
C CYS A 70 3.08 -0.13 -2.97
N CYS A 71 2.41 -0.88 -2.12
CA CYS A 71 3.03 -1.39 -0.91
C CYS A 71 3.55 -2.81 -1.12
N GLU A 72 4.77 -3.06 -0.67
CA GLU A 72 5.36 -4.38 -0.75
C GLU A 72 4.66 -5.31 0.25
N ASP A 73 4.18 -4.73 1.34
CA ASP A 73 3.35 -5.44 2.31
C ASP A 73 2.46 -4.42 2.99
N VAL A 74 1.35 -4.86 3.59
CA VAL A 74 0.50 -3.94 4.36
C VAL A 74 0.03 -4.60 5.65
N GLU A 75 0.05 -3.83 6.73
CA GLU A 75 -0.35 -4.32 8.04
C GLU A 75 -1.74 -3.78 8.42
N ASP A 76 -2.42 -4.49 9.32
CA ASP A 76 -3.72 -4.06 9.84
C ASP A 76 -4.76 -4.14 8.72
N ASP A 77 -5.78 -3.28 8.79
CA ASP A 77 -6.75 -3.16 7.71
C ASP A 77 -6.13 -2.38 6.53
N GLY A 78 -4.82 -2.27 6.56
CA GLY A 78 -4.12 -1.51 5.56
C GLY A 78 -3.76 -0.13 6.06
N LEU A 79 -3.68 0.01 7.37
CA LEU A 79 -3.39 1.30 7.98
C LEU A 79 -1.91 1.59 7.96
N VAL A 80 -1.10 0.55 7.92
CA VAL A 80 0.34 0.71 7.91
C VAL A 80 0.93 -0.06 6.74
N GLY A 81 1.32 0.66 5.72
CA GLY A 81 1.86 0.01 4.54
C GLY A 81 3.37 -0.05 4.57
N ILE A 82 3.92 -1.13 4.06
CA ILE A 82 5.35 -1.31 4.01
C ILE A 82 5.86 -1.03 2.61
N ASN A 83 6.70 -0.01 2.50
CA ASN A 83 7.36 0.32 1.26
C ASN A 83 6.33 0.71 0.20
N CYS A 84 5.43 1.59 0.59
CA CYS A 84 4.37 2.05 -0.30
C CYS A 84 4.87 3.19 -1.18
N THR A 85 5.36 2.83 -2.36
CA THR A 85 5.89 3.81 -3.29
C THR A 85 4.74 4.49 -4.04
N PRO A 86 4.71 5.82 -4.06
CA PRO A 86 3.70 6.58 -4.79
C PRO A 86 3.80 6.32 -6.28
N ILE A 87 2.76 5.73 -6.84
CA ILE A 87 2.79 5.30 -8.22
C ILE A 87 2.25 6.37 -9.16
N PRO A 88 2.75 6.37 -10.42
CA PRO A 88 2.29 7.29 -11.45
C PRO A 88 0.89 6.97 -11.92
N LEU A 89 0.22 7.97 -12.48
CA LEU A 89 -1.16 7.84 -12.93
C LEU A 89 -1.21 7.45 -14.39
N ILE A 90 -0.20 6.71 -14.84
CA ILE A 90 -0.06 6.39 -16.24
C ILE A 90 0.19 4.90 -16.44
N GLY A 1 -6.76 -12.36 -1.67
CA GLY A 1 -8.07 -12.26 -2.36
C GLY A 1 -7.98 -11.40 -3.61
N SER A 2 -8.88 -10.44 -3.73
CA SER A 2 -8.90 -9.56 -4.88
C SER A 2 -7.84 -8.48 -4.74
N GLY A 3 -6.91 -8.45 -5.68
CA GLY A 3 -5.86 -7.45 -5.66
C GLY A 3 -6.28 -6.18 -6.34
N TRP A 4 -5.51 -5.12 -6.15
CA TRP A 4 -5.82 -3.84 -6.77
C TRP A 4 -5.31 -3.79 -8.20
N GLU A 5 -5.99 -3.00 -9.02
CA GLU A 5 -5.68 -2.92 -10.44
C GLU A 5 -4.25 -2.47 -10.68
N SER A 6 -3.41 -3.39 -11.08
CA SER A 6 -2.02 -3.11 -11.37
C SER A 6 -1.73 -3.29 -12.86
N LYS A 7 -2.79 -3.40 -13.65
CA LYS A 7 -2.68 -3.72 -15.08
C LYS A 7 -1.91 -2.67 -15.86
N THR A 8 -1.78 -1.47 -15.32
CA THR A 8 -1.06 -0.43 -16.01
C THR A 8 0.45 -0.58 -15.78
N GLY A 9 0.83 -1.46 -14.87
CA GLY A 9 2.23 -1.74 -14.62
C GLY A 9 2.82 -0.83 -13.56
N SER A 10 1.96 -0.16 -12.81
CA SER A 10 2.42 0.78 -11.79
C SER A 10 2.88 0.06 -10.53
N CYS A 11 2.30 -1.10 -10.27
CA CYS A 11 2.64 -1.86 -9.08
C CYS A 11 2.98 -3.30 -9.43
N ASN A 12 3.98 -3.84 -8.74
CA ASN A 12 4.44 -5.20 -9.01
C ASN A 12 3.75 -6.22 -8.12
N THR A 13 3.25 -5.78 -6.97
CA THR A 13 2.68 -6.70 -6.00
C THR A 13 1.16 -6.76 -6.10
N GLY A 14 0.55 -5.65 -6.50
CA GLY A 14 -0.90 -5.59 -6.55
C GLY A 14 -1.49 -5.00 -5.29
N LYS A 15 -0.62 -4.63 -4.37
CA LYS A 15 -1.04 -4.01 -3.12
C LYS A 15 -1.03 -2.50 -3.25
N LEU A 16 -2.14 -1.93 -3.70
CA LEU A 16 -2.27 -0.50 -3.84
C LEU A 16 -3.08 0.07 -2.69
N ALA A 17 -2.41 0.62 -1.70
CA ALA A 17 -3.09 1.23 -0.57
C ALA A 17 -3.18 2.73 -0.74
N CYS A 18 -4.23 3.30 -0.17
CA CYS A 18 -4.39 4.73 -0.15
C CYS A 18 -3.61 5.31 1.02
N CYS A 19 -2.45 5.86 0.74
CA CYS A 19 -1.52 6.23 1.79
C CYS A 19 -1.10 7.68 1.69
N ASP A 20 -0.80 8.27 2.83
CA ASP A 20 -0.24 9.61 2.86
C ASP A 20 1.29 9.48 2.89
N THR A 21 1.97 10.19 2.02
CA THR A 21 3.41 10.08 1.95
C THR A 21 4.11 10.99 2.94
N ASN A 22 3.32 11.78 3.66
CA ASN A 22 3.86 12.70 4.65
C ASN A 22 3.56 12.17 6.05
N LYS A 23 2.37 11.62 6.21
CA LYS A 23 1.99 10.94 7.44
C LYS A 23 2.68 9.60 7.52
N LYS A 24 3.26 9.37 8.66
CA LYS A 24 4.12 8.21 8.87
C LYS A 24 3.62 7.36 10.04
N VAL A 25 3.98 6.09 10.03
CA VAL A 25 3.66 5.21 11.13
C VAL A 25 4.95 4.66 11.75
N GLN A 26 4.94 4.49 13.06
CA GLN A 26 6.09 3.96 13.77
C GLN A 26 6.14 2.44 13.66
N LYS A 27 4.99 1.87 13.34
CA LYS A 27 4.86 0.43 13.20
C LYS A 27 5.39 -0.02 11.84
N SER A 28 6.40 -0.87 11.86
CA SER A 28 6.99 -1.38 10.64
C SER A 28 7.43 -2.82 10.84
N THR A 29 6.77 -3.74 10.15
CA THR A 29 7.10 -5.15 10.26
C THR A 29 6.76 -5.89 8.96
N GLY A 30 5.48 -6.21 8.78
CA GLY A 30 5.06 -6.90 7.59
C GLY A 30 4.92 -8.39 7.79
N GLU A 31 3.90 -8.99 7.20
CA GLU A 31 3.67 -10.42 7.32
C GLU A 31 4.26 -11.18 6.15
N GLU A 32 3.99 -10.70 4.94
CA GLU A 32 4.51 -11.36 3.74
C GLU A 32 5.94 -10.91 3.50
N SER A 33 6.19 -9.64 3.72
CA SER A 33 7.55 -9.12 3.66
C SER A 33 8.34 -9.63 4.86
N GLY A 34 7.63 -9.89 5.95
CA GLY A 34 8.27 -10.38 7.16
C GLY A 34 8.73 -11.82 7.04
N LEU A 35 8.31 -12.49 5.97
CA LEU A 35 8.73 -13.85 5.71
C LEU A 35 10.11 -13.85 5.05
N LEU A 36 10.47 -12.71 4.47
CA LEU A 36 11.77 -12.54 3.84
C LEU A 36 12.60 -11.56 4.67
N HIS A 37 13.84 -11.30 4.26
CA HIS A 37 14.69 -10.33 4.96
C HIS A 37 14.18 -8.91 4.72
N THR A 38 13.27 -8.76 3.76
CA THR A 38 12.72 -7.45 3.44
C THR A 38 11.96 -6.86 4.62
N GLY A 39 11.35 -7.72 5.41
CA GLY A 39 10.62 -7.27 6.58
C GLY A 39 11.47 -7.28 7.83
N ASP A 40 12.77 -7.48 7.65
CA ASP A 40 13.71 -7.51 8.76
C ASP A 40 14.15 -6.10 9.10
N VAL A 41 14.29 -5.30 8.07
CA VAL A 41 14.73 -3.93 8.20
C VAL A 41 13.61 -3.01 8.69
N LEU A 42 13.99 -2.01 9.48
CA LEU A 42 13.08 -0.95 9.86
C LEU A 42 13.14 0.16 8.83
N ASP A 43 13.97 -0.06 7.81
CA ASP A 43 14.12 0.87 6.71
C ASP A 43 12.84 0.95 5.89
N GLN A 44 12.05 -0.13 5.94
CA GLN A 44 10.76 -0.17 5.26
C GLN A 44 9.97 1.10 5.54
N VAL A 45 9.44 1.69 4.50
CA VAL A 45 8.74 2.95 4.62
C VAL A 45 7.30 2.73 5.03
N ALA A 46 7.03 2.99 6.29
CA ALA A 46 5.70 2.83 6.84
C ALA A 46 4.96 4.15 6.86
N ILE A 47 4.10 4.34 5.88
CA ILE A 47 3.28 5.53 5.83
C ILE A 47 1.85 5.19 6.21
N GLN A 48 1.15 6.18 6.75
CA GLN A 48 -0.19 5.97 7.26
C GLN A 48 -1.18 5.88 6.13
N CYS A 49 -1.81 4.74 6.06
CA CYS A 49 -2.72 4.43 4.99
C CYS A 49 -4.13 4.29 5.53
N THR A 50 -5.09 4.40 4.63
CA THR A 50 -6.49 4.26 5.00
C THR A 50 -7.32 4.00 3.75
N GLN A 51 -8.25 3.07 3.81
CA GLN A 51 -9.02 2.72 2.65
C GLN A 51 -10.49 3.01 2.86
N ILE A 52 -10.96 4.04 2.19
CA ILE A 52 -12.37 4.43 2.19
C ILE A 52 -13.22 3.25 1.71
N PRO A 53 -14.39 3.03 2.36
CA PRO A 53 -15.33 1.96 2.03
C PRO A 53 -15.38 1.64 0.54
N LEU A 54 -15.03 0.42 0.20
CA LEU A 54 -14.81 0.02 -1.18
C LEU A 54 -16.08 0.01 -2.01
N LEU A 55 -15.98 0.54 -3.22
CA LEU A 55 -16.99 0.39 -4.23
C LEU A 55 -16.50 -0.67 -5.21
N ILE A 56 -17.13 -1.83 -5.18
CA ILE A 56 -16.63 -2.99 -5.92
C ILE A 56 -16.45 -2.68 -7.40
N GLY A 57 -15.26 -2.94 -7.89
CA GLY A 57 -14.97 -2.73 -9.29
C GLY A 57 -14.24 -1.42 -9.56
N ILE A 58 -14.04 -0.62 -8.52
CA ILE A 58 -13.36 0.66 -8.69
C ILE A 58 -11.90 0.58 -8.30
N ALA A 59 -11.11 1.43 -8.94
CA ALA A 59 -9.68 1.46 -8.77
C ALA A 59 -9.26 2.39 -7.63
N ILE A 60 -8.19 2.01 -6.92
CA ILE A 60 -7.70 2.73 -5.73
C ILE A 60 -7.74 4.27 -5.92
N GLU A 61 -7.26 4.75 -7.06
CA GLU A 61 -7.03 6.17 -7.27
C GLU A 61 -8.32 6.97 -7.38
N ASP A 62 -9.41 6.32 -7.75
CA ASP A 62 -10.70 6.99 -7.81
C ASP A 62 -11.57 6.52 -6.64
N GLU A 63 -11.09 5.52 -5.93
CA GLU A 63 -11.77 5.03 -4.74
C GLU A 63 -11.59 6.01 -3.60
N CYS A 64 -10.40 6.57 -3.51
CA CYS A 64 -10.05 7.43 -2.40
C CYS A 64 -9.40 8.72 -2.90
N LYS A 65 -9.34 9.74 -2.05
CA LYS A 65 -8.78 11.03 -2.44
C LYS A 65 -7.43 11.29 -1.78
N ASN A 66 -6.65 10.24 -1.58
CA ASN A 66 -5.28 10.39 -1.10
C ASN A 66 -4.32 9.90 -2.17
N THR A 67 -3.07 9.65 -1.80
CA THR A 67 -2.10 9.20 -2.77
C THR A 67 -2.15 7.67 -2.93
N PRO A 68 -2.20 7.19 -4.18
CA PRO A 68 -2.16 5.78 -4.48
C PRO A 68 -0.73 5.26 -4.41
N THR A 69 -0.51 4.21 -3.65
CA THR A 69 0.84 3.72 -3.45
C THR A 69 0.93 2.21 -3.66
N CYS A 70 2.05 1.76 -4.20
CA CYS A 70 2.33 0.35 -4.33
C CYS A 70 3.14 -0.14 -3.15
N CYS A 71 2.52 -0.96 -2.31
CA CYS A 71 3.16 -1.44 -1.10
C CYS A 71 3.78 -2.82 -1.32
N GLU A 72 4.91 -3.04 -0.69
CA GLU A 72 5.57 -4.32 -0.72
C GLU A 72 4.93 -5.25 0.31
N ASP A 73 4.29 -4.62 1.30
CA ASP A 73 3.49 -5.33 2.31
C ASP A 73 2.56 -4.32 2.95
N VAL A 74 1.43 -4.76 3.48
CA VAL A 74 0.56 -3.87 4.23
C VAL A 74 0.08 -4.55 5.50
N GLU A 75 0.26 -3.86 6.61
CA GLU A 75 -0.13 -4.39 7.92
C GLU A 75 -1.53 -3.93 8.29
N ASP A 76 -2.05 -4.53 9.36
CA ASP A 76 -3.35 -4.18 9.90
C ASP A 76 -4.45 -4.30 8.85
N ASP A 77 -5.47 -3.47 8.96
CA ASP A 77 -6.54 -3.43 7.95
C ASP A 77 -6.09 -2.61 6.74
N GLY A 78 -4.78 -2.49 6.57
CA GLY A 78 -4.24 -1.72 5.48
C GLY A 78 -3.96 -0.28 5.87
N LEU A 79 -3.79 -0.05 7.17
CA LEU A 79 -3.53 1.29 7.66
C LEU A 79 -2.04 1.58 7.73
N VAL A 80 -1.24 0.53 7.71
CA VAL A 80 0.19 0.67 7.79
C VAL A 80 0.86 -0.05 6.64
N GLY A 81 1.24 0.70 5.63
CA GLY A 81 1.83 0.10 4.46
C GLY A 81 3.34 0.08 4.51
N ILE A 82 3.91 -0.98 3.96
CA ILE A 82 5.36 -1.14 3.93
C ILE A 82 5.88 -0.81 2.54
N ASN A 83 6.74 0.20 2.49
CA ASN A 83 7.42 0.57 1.25
C ASN A 83 6.41 0.99 0.18
N CYS A 84 5.35 1.64 0.62
CA CYS A 84 4.30 2.09 -0.28
C CYS A 84 4.75 3.30 -1.08
N THR A 85 5.24 3.06 -2.28
CA THR A 85 5.67 4.13 -3.15
C THR A 85 4.50 4.60 -4.01
N PRO A 86 4.28 5.91 -4.00
CA PRO A 86 3.17 6.53 -4.70
C PRO A 86 3.32 6.48 -6.21
N ILE A 87 2.24 6.11 -6.87
CA ILE A 87 2.23 5.89 -8.29
C ILE A 87 1.47 7.00 -9.01
N PRO A 88 1.83 7.26 -10.29
CA PRO A 88 1.10 8.18 -11.15
C PRO A 88 -0.24 7.60 -11.57
N LEU A 89 -1.14 8.47 -12.03
CA LEU A 89 -2.47 8.05 -12.46
C LEU A 89 -2.46 7.63 -13.92
N ILE A 90 -1.30 7.21 -14.39
CA ILE A 90 -1.11 6.87 -15.79
C ILE A 90 -0.41 5.52 -15.94
N GLY A 1 -5.14 -13.31 -2.80
CA GLY A 1 -6.00 -12.12 -2.64
C GLY A 1 -5.61 -11.02 -3.60
N SER A 2 -6.48 -10.76 -4.57
CA SER A 2 -6.25 -9.73 -5.57
C SER A 2 -6.21 -8.35 -4.92
N GLY A 3 -5.31 -7.51 -5.41
CA GLY A 3 -5.18 -6.17 -4.87
C GLY A 3 -5.92 -5.16 -5.70
N TRP A 4 -5.18 -4.30 -6.38
CA TRP A 4 -5.78 -3.26 -7.19
C TRP A 4 -5.17 -3.24 -8.59
N GLU A 5 -5.58 -2.27 -9.40
CA GLU A 5 -5.09 -2.14 -10.77
C GLU A 5 -3.58 -1.96 -10.79
N SER A 6 -2.89 -3.01 -11.20
CA SER A 6 -1.44 -2.97 -11.33
C SER A 6 -1.02 -3.07 -12.78
N LYS A 7 -2.01 -3.12 -13.67
CA LYS A 7 -1.76 -3.29 -15.11
C LYS A 7 -1.00 -2.11 -15.71
N THR A 8 -0.96 -1.00 -14.99
CA THR A 8 -0.28 0.20 -15.45
C THR A 8 1.19 0.17 -15.08
N GLY A 9 1.65 -0.95 -14.50
CA GLY A 9 2.99 -1.00 -13.96
C GLY A 9 3.05 -0.28 -12.64
N SER A 10 1.87 -0.06 -12.08
CA SER A 10 1.69 0.72 -10.87
C SER A 10 2.18 -0.03 -9.65
N CYS A 11 2.10 -1.35 -9.69
CA CYS A 11 2.54 -2.16 -8.56
C CYS A 11 2.91 -3.57 -9.01
N ASN A 12 3.94 -4.13 -8.38
CA ASN A 12 4.38 -5.49 -8.72
C ASN A 12 3.68 -6.50 -7.83
N THR A 13 3.36 -6.07 -6.61
CA THR A 13 2.75 -6.94 -5.63
C THR A 13 1.23 -6.87 -5.69
N GLY A 14 0.72 -5.84 -6.36
CA GLY A 14 -0.70 -5.68 -6.51
C GLY A 14 -1.33 -4.94 -5.34
N LYS A 15 -0.55 -4.72 -4.30
CA LYS A 15 -1.06 -4.07 -3.09
C LYS A 15 -0.96 -2.56 -3.20
N LEU A 16 -2.00 -1.95 -3.73
CA LEU A 16 -2.09 -0.50 -3.74
C LEU A 16 -2.81 -0.05 -2.48
N ALA A 17 -2.35 1.06 -1.92
CA ALA A 17 -2.99 1.62 -0.75
C ALA A 17 -3.04 3.13 -0.84
N CYS A 18 -4.10 3.70 -0.29
CA CYS A 18 -4.23 5.15 -0.20
C CYS A 18 -3.42 5.62 1.00
N CYS A 19 -2.24 6.16 0.74
CA CYS A 19 -1.31 6.45 1.81
C CYS A 19 -0.89 7.90 1.80
N ASP A 20 -0.64 8.43 2.98
CA ASP A 20 -0.12 9.78 3.10
C ASP A 20 1.38 9.72 3.22
N THR A 21 2.06 10.30 2.26
CA THR A 21 3.51 10.26 2.23
C THR A 21 4.10 11.29 3.19
N ASN A 22 3.21 12.01 3.87
CA ASN A 22 3.62 13.02 4.83
C ASN A 22 3.39 12.49 6.23
N LYS A 23 2.57 11.45 6.33
CA LYS A 23 2.22 10.85 7.60
C LYS A 23 2.65 9.41 7.65
N LYS A 24 3.19 9.00 8.77
CA LYS A 24 3.82 7.70 8.84
C LYS A 24 3.54 7.00 10.16
N VAL A 25 3.78 5.69 10.15
CA VAL A 25 3.45 4.83 11.28
C VAL A 25 4.72 4.32 11.96
N GLN A 26 4.61 4.06 13.26
CA GLN A 26 5.73 3.58 14.04
C GLN A 26 6.01 2.09 13.79
N LYS A 27 5.16 1.45 13.00
CA LYS A 27 5.27 0.03 12.76
C LYS A 27 5.85 -0.25 11.39
N SER A 28 6.98 -0.92 11.35
CA SER A 28 7.61 -1.29 10.09
C SER A 28 7.35 -2.76 9.78
N THR A 29 6.50 -3.38 10.56
CA THR A 29 6.16 -4.78 10.39
C THR A 29 5.00 -4.95 9.42
N GLY A 30 4.81 -6.18 8.94
CA GLY A 30 3.79 -6.46 7.96
C GLY A 30 3.32 -7.89 8.06
N GLU A 31 2.46 -8.31 7.14
CA GLU A 31 1.87 -9.64 7.21
C GLU A 31 2.57 -10.61 6.26
N GLU A 32 3.19 -10.09 5.22
CA GLU A 32 3.85 -10.93 4.23
C GLU A 32 5.35 -10.97 4.46
N SER A 33 6.01 -9.85 4.22
CA SER A 33 7.44 -9.77 4.37
C SER A 33 7.79 -9.34 5.80
N GLY A 34 6.86 -8.59 6.41
CA GLY A 34 7.06 -8.08 7.74
C GLY A 34 7.20 -9.16 8.79
N LEU A 35 6.56 -10.30 8.56
CA LEU A 35 6.66 -11.43 9.49
C LEU A 35 7.98 -12.16 9.30
N LEU A 36 8.56 -11.99 8.12
CA LEU A 36 9.84 -12.58 7.78
C LEU A 36 10.98 -11.71 8.29
N HIS A 37 12.20 -12.22 8.16
CA HIS A 37 13.39 -11.46 8.55
C HIS A 37 13.71 -10.43 7.48
N THR A 38 13.04 -10.54 6.34
CA THR A 38 13.17 -9.57 5.27
C THR A 38 12.47 -8.27 5.64
N GLY A 39 11.48 -8.37 6.52
CA GLY A 39 10.79 -7.20 7.00
C GLY A 39 11.33 -6.70 8.32
N ASP A 40 12.50 -7.22 8.68
CA ASP A 40 13.19 -6.82 9.91
C ASP A 40 13.76 -5.43 9.73
N VAL A 41 14.21 -5.18 8.52
CA VAL A 41 14.83 -3.90 8.18
C VAL A 41 13.88 -2.73 8.35
N LEU A 42 14.38 -1.67 8.96
CA LEU A 42 13.64 -0.44 9.14
C LEU A 42 13.85 0.46 7.92
N ASP A 43 14.61 -0.07 6.95
CA ASP A 43 14.79 0.59 5.68
C ASP A 43 13.44 0.73 4.98
N GLN A 44 12.59 -0.26 5.19
CA GLN A 44 11.22 -0.24 4.72
C GLN A 44 10.53 1.05 5.18
N VAL A 45 9.69 1.59 4.32
CA VAL A 45 9.00 2.82 4.63
C VAL A 45 7.56 2.54 5.03
N ALA A 46 7.23 2.91 6.26
CA ALA A 46 5.89 2.71 6.78
C ALA A 46 5.13 4.02 6.88
N ILE A 47 4.28 4.27 5.91
CA ILE A 47 3.45 5.46 5.95
C ILE A 47 2.02 5.08 6.28
N GLN A 48 1.28 6.04 6.83
CA GLN A 48 -0.07 5.79 7.28
C GLN A 48 -1.02 5.75 6.10
N CYS A 49 -1.75 4.67 6.03
CA CYS A 49 -2.63 4.41 4.93
C CYS A 49 -4.05 4.17 5.42
N THR A 50 -5.01 4.27 4.51
CA THR A 50 -6.40 4.04 4.84
C THR A 50 -7.19 3.74 3.57
N GLN A 51 -8.15 2.83 3.67
CA GLN A 51 -8.96 2.47 2.51
C GLN A 51 -10.43 2.75 2.79
N ILE A 52 -11.00 3.65 2.01
CA ILE A 52 -12.40 4.04 2.13
C ILE A 52 -13.27 3.06 1.35
N PRO A 53 -14.43 2.64 1.94
CA PRO A 53 -15.31 1.58 1.42
C PRO A 53 -15.34 1.51 -0.10
N LEU A 54 -14.89 0.37 -0.63
CA LEU A 54 -14.63 0.20 -2.04
C LEU A 54 -15.74 -0.57 -2.74
N LEU A 55 -16.04 -0.17 -3.96
CA LEU A 55 -16.86 -0.97 -4.85
C LEU A 55 -15.95 -1.85 -5.70
N ILE A 56 -16.28 -3.13 -5.79
CA ILE A 56 -15.43 -4.08 -6.52
C ILE A 56 -15.37 -3.71 -7.99
N GLY A 57 -14.18 -3.74 -8.54
CA GLY A 57 -13.99 -3.39 -9.93
C GLY A 57 -13.68 -1.92 -10.11
N ILE A 58 -13.38 -1.23 -9.01
CA ILE A 58 -13.06 0.18 -9.06
C ILE A 58 -11.60 0.45 -8.79
N ALA A 59 -11.11 1.48 -9.42
CA ALA A 59 -9.76 1.95 -9.23
C ALA A 59 -9.60 2.64 -7.88
N ILE A 60 -8.60 2.20 -7.12
CA ILE A 60 -8.37 2.71 -5.77
C ILE A 60 -8.18 4.23 -5.75
N GLU A 61 -7.60 4.76 -6.81
CA GLU A 61 -7.31 6.18 -6.88
C GLU A 61 -8.58 6.97 -7.23
N ASP A 62 -9.61 6.23 -7.60
CA ASP A 62 -10.90 6.81 -7.89
C ASP A 62 -11.81 6.64 -6.67
N GLU A 63 -11.61 5.51 -6.00
CA GLU A 63 -12.38 5.17 -4.82
C GLU A 63 -12.01 6.09 -3.66
N CYS A 64 -10.73 6.41 -3.54
CA CYS A 64 -10.26 7.27 -2.47
C CYS A 64 -9.61 8.53 -3.05
N LYS A 65 -9.75 9.65 -2.34
CA LYS A 65 -9.17 10.90 -2.81
C LYS A 65 -7.85 11.18 -2.09
N ASN A 66 -6.99 10.18 -2.05
CA ASN A 66 -5.66 10.32 -1.46
C ASN A 66 -4.61 9.84 -2.45
N THR A 67 -3.37 9.77 -2.01
CA THR A 67 -2.28 9.37 -2.89
C THR A 67 -2.21 7.85 -2.98
N PRO A 68 -2.20 7.33 -4.22
CA PRO A 68 -2.09 5.91 -4.47
C PRO A 68 -0.64 5.44 -4.41
N THR A 69 -0.39 4.36 -3.69
CA THR A 69 0.94 3.86 -3.53
C THR A 69 0.99 2.35 -3.75
N CYS A 70 2.14 1.84 -4.17
CA CYS A 70 2.36 0.42 -4.28
C CYS A 70 3.13 -0.10 -3.07
N CYS A 71 2.46 -0.87 -2.24
CA CYS A 71 3.06 -1.36 -1.01
C CYS A 71 3.53 -2.80 -1.17
N GLU A 72 4.71 -3.08 -0.64
CA GLU A 72 5.26 -4.42 -0.66
C GLU A 72 4.59 -5.27 0.42
N ASP A 73 4.14 -4.61 1.48
CA ASP A 73 3.42 -5.27 2.56
C ASP A 73 2.51 -4.25 3.24
N VAL A 74 1.41 -4.70 3.83
CA VAL A 74 0.52 -3.80 4.55
C VAL A 74 0.01 -4.49 5.82
N GLU A 75 0.08 -3.79 6.94
CA GLU A 75 -0.36 -4.34 8.22
C GLU A 75 -1.74 -3.80 8.60
N ASP A 76 -2.44 -4.49 9.51
CA ASP A 76 -3.82 -4.17 9.87
C ASP A 76 -4.72 -4.28 8.66
N ASP A 77 -5.82 -3.54 8.66
CA ASP A 77 -6.72 -3.50 7.51
C ASP A 77 -6.18 -2.57 6.42
N GLY A 78 -4.87 -2.35 6.44
CA GLY A 78 -4.24 -1.52 5.45
C GLY A 78 -3.90 -0.14 5.97
N LEU A 79 -3.76 -0.02 7.29
CA LEU A 79 -3.42 1.24 7.91
C LEU A 79 -1.93 1.53 7.79
N VAL A 80 -1.14 0.49 7.70
CA VAL A 80 0.31 0.63 7.69
C VAL A 80 0.91 -0.03 6.47
N GLY A 81 1.37 0.77 5.53
CA GLY A 81 1.93 0.21 4.33
C GLY A 81 3.45 0.23 4.35
N ILE A 82 4.04 -0.85 3.88
CA ILE A 82 5.48 -1.00 3.85
C ILE A 82 6.00 -0.80 2.43
N ASN A 83 6.91 0.14 2.26
CA ASN A 83 7.57 0.36 0.99
C ASN A 83 6.56 0.78 -0.07
N CYS A 84 5.65 1.67 0.33
CA CYS A 84 4.59 2.13 -0.55
C CYS A 84 5.08 3.26 -1.45
N THR A 85 5.47 2.91 -2.67
CA THR A 85 5.93 3.91 -3.63
C THR A 85 4.73 4.61 -4.27
N PRO A 86 4.70 5.96 -4.21
CA PRO A 86 3.63 6.75 -4.79
C PRO A 86 3.62 6.67 -6.31
N ILE A 87 2.46 6.34 -6.88
CA ILE A 87 2.31 6.22 -8.31
C ILE A 87 1.53 7.39 -8.88
N PRO A 88 1.91 7.86 -10.09
CA PRO A 88 1.23 8.96 -10.77
C PRO A 88 -0.14 8.58 -11.28
N LEU A 89 -0.98 9.57 -11.46
CA LEU A 89 -2.32 9.38 -12.00
C LEU A 89 -2.29 9.51 -13.51
N ILE A 90 -1.09 9.44 -14.06
CA ILE A 90 -0.86 9.69 -15.47
C ILE A 90 -0.09 8.54 -16.11
N GLY A 1 -3.55 -8.44 -9.62
CA GLY A 1 -3.22 -7.75 -8.35
C GLY A 1 -4.01 -8.32 -7.19
N SER A 2 -3.92 -7.68 -6.03
CA SER A 2 -4.64 -8.13 -4.86
C SER A 2 -5.94 -7.37 -4.70
N GLY A 3 -6.93 -7.70 -5.54
CA GLY A 3 -8.22 -7.05 -5.47
C GLY A 3 -8.27 -5.76 -6.28
N TRP A 4 -7.18 -5.01 -6.22
CA TRP A 4 -7.06 -3.77 -6.97
C TRP A 4 -6.52 -4.04 -8.36
N GLU A 5 -7.07 -3.35 -9.35
CA GLU A 5 -6.58 -3.46 -10.71
C GLU A 5 -5.16 -2.93 -10.80
N SER A 6 -4.21 -3.83 -11.00
CA SER A 6 -2.81 -3.46 -11.13
C SER A 6 -2.45 -3.36 -12.61
N LYS A 7 -3.45 -3.06 -13.43
CA LYS A 7 -3.29 -3.01 -14.86
C LYS A 7 -2.60 -1.72 -15.30
N THR A 8 -2.35 -0.82 -14.35
CA THR A 8 -1.74 0.47 -14.65
C THR A 8 -0.29 0.29 -15.11
N GLY A 9 0.37 -0.75 -14.60
CA GLY A 9 1.75 -1.02 -14.97
C GLY A 9 2.73 -0.29 -14.08
N SER A 10 2.26 0.18 -12.94
CA SER A 10 3.09 0.98 -12.04
C SER A 10 3.59 0.15 -10.86
N CYS A 11 2.96 -1.00 -10.60
CA CYS A 11 3.24 -1.75 -9.39
C CYS A 11 3.50 -3.22 -9.69
N ASN A 12 4.46 -3.80 -8.98
CA ASN A 12 4.78 -5.23 -9.15
C ASN A 12 4.05 -6.11 -8.15
N THR A 13 3.73 -5.56 -6.98
CA THR A 13 3.19 -6.37 -5.90
C THR A 13 1.67 -6.52 -5.98
N GLY A 14 1.01 -5.52 -6.51
CA GLY A 14 -0.43 -5.56 -6.63
C GLY A 14 -1.14 -5.09 -5.38
N LYS A 15 -0.37 -4.58 -4.41
CA LYS A 15 -0.95 -4.03 -3.19
C LYS A 15 -1.12 -2.52 -3.33
N LEU A 16 -2.25 -2.11 -3.85
CA LEU A 16 -2.52 -0.69 -4.05
C LEU A 16 -3.29 -0.14 -2.85
N ALA A 17 -2.75 0.89 -2.23
CA ALA A 17 -3.40 1.54 -1.12
C ALA A 17 -3.23 3.03 -1.22
N CYS A 18 -4.26 3.77 -0.86
CA CYS A 18 -4.14 5.21 -0.76
C CYS A 18 -3.48 5.58 0.55
N CYS A 19 -2.32 6.22 0.47
CA CYS A 19 -1.55 6.49 1.67
C CYS A 19 -1.19 7.96 1.76
N ASP A 20 -0.79 8.39 2.95
CA ASP A 20 -0.25 9.71 3.14
C ASP A 20 1.24 9.59 3.34
N THR A 21 1.97 9.97 2.33
CA THR A 21 3.41 9.79 2.32
C THR A 21 4.10 10.82 3.20
N ASN A 22 3.29 11.66 3.85
CA ASN A 22 3.78 12.61 4.82
C ASN A 22 3.46 12.11 6.22
N LYS A 23 2.76 10.99 6.28
CA LYS A 23 2.34 10.40 7.53
C LYS A 23 3.04 9.07 7.76
N LYS A 24 4.04 9.11 8.61
CA LYS A 24 4.87 7.95 8.85
C LYS A 24 4.40 7.19 10.09
N VAL A 25 4.80 5.94 10.18
CA VAL A 25 4.47 5.09 11.31
C VAL A 25 5.76 4.63 11.99
N GLN A 26 5.71 4.42 13.30
CA GLN A 26 6.90 4.15 14.08
C GLN A 26 7.29 2.67 14.04
N LYS A 27 6.40 1.82 13.53
CA LYS A 27 6.68 0.39 13.45
C LYS A 27 6.62 -0.08 12.01
N SER A 28 7.65 -0.81 11.60
CA SER A 28 7.74 -1.31 10.23
C SER A 28 7.36 -2.79 10.16
N THR A 29 6.43 -3.19 11.02
CA THR A 29 5.95 -4.56 11.01
C THR A 29 4.82 -4.72 10.01
N GLY A 30 4.68 -5.91 9.46
CA GLY A 30 3.67 -6.16 8.46
C GLY A 30 3.20 -7.60 8.46
N GLU A 31 2.36 -7.95 7.50
CA GLU A 31 1.80 -9.29 7.44
C GLU A 31 2.66 -10.22 6.59
N GLU A 32 3.00 -9.79 5.38
CA GLU A 32 3.73 -10.64 4.47
C GLU A 32 5.23 -10.40 4.53
N SER A 33 5.65 -9.32 5.19
CA SER A 33 7.07 -9.11 5.47
C SER A 33 7.71 -10.34 6.13
N GLY A 34 6.93 -11.03 6.96
CA GLY A 34 7.42 -12.23 7.62
C GLY A 34 7.56 -13.39 6.66
N LEU A 35 6.57 -13.51 5.77
CA LEU A 35 6.57 -14.56 4.75
C LEU A 35 7.70 -14.31 3.76
N LEU A 36 7.76 -13.09 3.24
CA LEU A 36 8.78 -12.70 2.28
C LEU A 36 10.10 -12.44 2.97
N HIS A 37 11.10 -12.06 2.19
CA HIS A 37 12.41 -11.72 2.73
C HIS A 37 12.47 -10.22 3.01
N THR A 38 11.37 -9.55 2.75
CA THR A 38 11.28 -8.11 2.91
C THR A 38 11.41 -7.71 4.38
N GLY A 39 10.91 -8.57 5.25
CA GLY A 39 10.93 -8.29 6.68
C GLY A 39 12.31 -8.41 7.29
N ASP A 40 13.29 -8.80 6.48
CA ASP A 40 14.68 -8.91 6.93
C ASP A 40 15.19 -7.53 7.31
N VAL A 41 14.89 -6.57 6.47
CA VAL A 41 15.33 -5.20 6.66
C VAL A 41 14.35 -4.41 7.52
N LEU A 42 14.90 -3.54 8.35
CA LEU A 42 14.12 -2.60 9.11
C LEU A 42 14.05 -1.29 8.32
N ASP A 43 14.75 -1.28 7.20
CA ASP A 43 14.82 -0.14 6.30
C ASP A 43 13.45 0.17 5.70
N GLN A 44 12.57 -0.84 5.68
CA GLN A 44 11.22 -0.68 5.16
C GLN A 44 10.54 0.56 5.74
N VAL A 45 9.90 1.32 4.88
CA VAL A 45 9.28 2.58 5.26
C VAL A 45 7.78 2.39 5.42
N ALA A 46 7.31 2.57 6.64
CA ALA A 46 5.91 2.40 6.96
C ALA A 46 5.21 3.76 7.03
N ILE A 47 4.23 3.95 6.16
CA ILE A 47 3.40 5.14 6.22
C ILE A 47 1.96 4.75 6.51
N GLN A 48 1.24 5.68 7.12
CA GLN A 48 -0.13 5.42 7.55
C GLN A 48 -1.08 5.61 6.41
N CYS A 49 -1.60 4.50 5.94
CA CYS A 49 -2.47 4.47 4.79
C CYS A 49 -3.91 4.64 5.20
N THR A 50 -4.77 4.93 4.24
CA THR A 50 -6.18 5.12 4.52
C THR A 50 -6.99 4.94 3.25
N GLN A 51 -7.85 3.94 3.28
CA GLN A 51 -8.61 3.57 2.12
C GLN A 51 -10.09 3.67 2.40
N ILE A 52 -10.81 4.31 1.49
CA ILE A 52 -12.25 4.34 1.54
C ILE A 52 -12.79 2.95 1.20
N PRO A 53 -13.76 2.45 1.99
CA PRO A 53 -14.35 1.12 1.84
C PRO A 53 -14.64 0.76 0.39
N LEU A 54 -13.81 -0.13 -0.14
CA LEU A 54 -13.80 -0.42 -1.57
C LEU A 54 -15.08 -1.09 -2.07
N LEU A 55 -15.50 -0.68 -3.24
CA LEU A 55 -16.55 -1.36 -3.97
C LEU A 55 -15.91 -2.42 -4.86
N ILE A 56 -16.65 -3.48 -5.17
CA ILE A 56 -16.09 -4.60 -5.93
C ILE A 56 -15.84 -4.19 -7.37
N GLY A 57 -14.61 -4.34 -7.81
CA GLY A 57 -14.24 -4.01 -9.17
C GLY A 57 -13.98 -2.53 -9.36
N ILE A 58 -13.77 -1.81 -8.27
CA ILE A 58 -13.51 -0.38 -8.34
C ILE A 58 -12.02 -0.08 -8.29
N ALA A 59 -11.66 1.01 -8.97
CA ALA A 59 -10.28 1.46 -9.06
C ALA A 59 -9.87 2.19 -7.78
N ILE A 60 -8.59 2.01 -7.43
CA ILE A 60 -8.01 2.63 -6.24
C ILE A 60 -8.24 4.16 -6.23
N GLU A 61 -8.03 4.77 -7.39
CA GLU A 61 -8.09 6.21 -7.53
C GLU A 61 -9.51 6.73 -7.42
N ASP A 62 -10.44 6.02 -8.04
CA ASP A 62 -11.83 6.44 -8.07
C ASP A 62 -12.54 6.11 -6.78
N GLU A 63 -11.87 5.37 -5.92
CA GLU A 63 -12.45 4.98 -4.65
C GLU A 63 -12.09 5.98 -3.56
N CYS A 64 -10.85 6.43 -3.57
CA CYS A 64 -10.35 7.25 -2.48
C CYS A 64 -10.03 8.67 -2.96
N LYS A 65 -9.70 9.54 -2.02
CA LYS A 65 -9.33 10.90 -2.35
C LYS A 65 -7.96 11.22 -1.75
N ASN A 66 -7.01 10.34 -2.00
CA ASN A 66 -5.65 10.50 -1.48
C ASN A 66 -4.62 10.01 -2.51
N THR A 67 -3.37 9.92 -2.10
CA THR A 67 -2.30 9.51 -2.99
C THR A 67 -2.29 7.99 -3.18
N PRO A 68 -2.23 7.54 -4.44
CA PRO A 68 -2.16 6.12 -4.75
C PRO A 68 -0.75 5.59 -4.57
N THR A 69 -0.61 4.61 -3.70
CA THR A 69 0.68 4.02 -3.43
C THR A 69 0.59 2.50 -3.53
N CYS A 70 1.66 1.86 -3.95
CA CYS A 70 1.69 0.42 -4.03
C CYS A 70 2.69 -0.14 -3.02
N CYS A 71 2.15 -0.81 -2.03
CA CYS A 71 2.92 -1.27 -0.89
C CYS A 71 3.55 -2.63 -1.18
N GLU A 72 4.67 -2.88 -0.51
CA GLU A 72 5.37 -4.13 -0.65
C GLU A 72 4.88 -5.10 0.43
N ASP A 73 4.32 -4.54 1.49
CA ASP A 73 3.62 -5.28 2.53
C ASP A 73 2.70 -4.32 3.26
N VAL A 74 1.69 -4.82 3.97
CA VAL A 74 0.82 -3.94 4.74
C VAL A 74 0.50 -4.56 6.10
N GLU A 75 0.29 -3.70 7.08
CA GLU A 75 -0.05 -4.09 8.45
C GLU A 75 -1.49 -3.68 8.76
N ASP A 76 -2.09 -4.31 9.78
CA ASP A 76 -3.48 -4.09 10.14
C ASP A 76 -4.40 -4.46 8.99
N ASP A 77 -5.54 -3.81 8.92
CA ASP A 77 -6.44 -3.98 7.78
C ASP A 77 -5.94 -3.18 6.59
N GLY A 78 -4.72 -2.65 6.70
CA GLY A 78 -4.15 -1.86 5.65
C GLY A 78 -3.97 -0.41 6.04
N LEU A 79 -3.87 -0.16 7.34
CA LEU A 79 -3.69 1.19 7.86
C LEU A 79 -2.22 1.58 7.91
N VAL A 80 -1.35 0.59 7.93
CA VAL A 80 0.08 0.84 7.97
C VAL A 80 0.75 0.07 6.85
N GLY A 81 1.29 0.78 5.87
CA GLY A 81 1.83 0.11 4.72
C GLY A 81 3.33 0.13 4.68
N ILE A 82 3.90 -0.97 4.21
CA ILE A 82 5.33 -1.10 4.10
C ILE A 82 5.78 -0.76 2.70
N ASN A 83 6.59 0.28 2.60
CA ASN A 83 7.20 0.67 1.34
C ASN A 83 6.13 1.02 0.31
N CYS A 84 5.12 1.75 0.77
CA CYS A 84 4.06 2.20 -0.12
C CYS A 84 4.52 3.39 -0.93
N THR A 85 5.13 3.10 -2.06
CA THR A 85 5.66 4.13 -2.93
C THR A 85 4.56 4.69 -3.82
N PRO A 86 4.50 6.02 -3.93
CA PRO A 86 3.50 6.70 -4.71
C PRO A 86 3.70 6.49 -6.19
N ILE A 87 2.72 5.88 -6.82
CA ILE A 87 2.83 5.48 -8.21
C ILE A 87 2.38 6.59 -9.15
N PRO A 88 3.11 6.75 -10.27
CA PRO A 88 2.78 7.73 -11.30
C PRO A 88 1.58 7.29 -12.13
N LEU A 89 0.87 8.26 -12.65
CA LEU A 89 -0.29 7.99 -13.50
C LEU A 89 0.13 8.03 -14.95
N ILE A 90 1.39 7.71 -15.20
CA ILE A 90 1.97 7.83 -16.52
C ILE A 90 2.75 6.57 -16.88
N GLY A 1 -6.07 -11.58 -1.93
CA GLY A 1 -7.46 -11.31 -1.50
C GLY A 1 -7.92 -9.93 -1.92
N SER A 2 -7.61 -8.94 -1.10
CA SER A 2 -7.99 -7.56 -1.41
C SER A 2 -6.97 -6.92 -2.35
N GLY A 3 -6.74 -7.55 -3.48
CA GLY A 3 -5.79 -7.05 -4.44
C GLY A 3 -6.42 -6.08 -5.41
N TRP A 4 -5.74 -4.97 -5.65
CA TRP A 4 -6.26 -3.95 -6.55
C TRP A 4 -5.83 -4.22 -7.98
N GLU A 5 -6.36 -3.43 -8.90
CA GLU A 5 -6.03 -3.58 -10.30
C GLU A 5 -4.77 -2.81 -10.64
N SER A 6 -3.70 -3.55 -10.91
CA SER A 6 -2.41 -2.97 -11.23
C SER A 6 -2.35 -2.53 -12.69
N LYS A 7 -3.51 -2.19 -13.24
CA LYS A 7 -3.66 -1.79 -14.64
C LYS A 7 -2.73 -0.63 -15.01
N THR A 8 -2.30 0.11 -14.01
CA THR A 8 -1.46 1.27 -14.23
C THR A 8 -0.04 0.86 -14.60
N GLY A 9 0.28 -0.42 -14.40
CA GLY A 9 1.59 -0.94 -14.78
C GLY A 9 2.70 -0.42 -13.88
N SER A 10 2.32 0.09 -12.73
CA SER A 10 3.24 0.77 -11.84
C SER A 10 3.65 -0.12 -10.67
N CYS A 11 2.98 -1.26 -10.50
CA CYS A 11 3.18 -2.07 -9.30
C CYS A 11 3.22 -3.55 -9.63
N ASN A 12 4.11 -4.26 -8.97
CA ASN A 12 4.24 -5.71 -9.14
C ASN A 12 3.46 -6.48 -8.08
N THR A 13 3.34 -5.88 -6.89
CA THR A 13 2.82 -6.60 -5.74
C THR A 13 1.30 -6.67 -5.73
N GLY A 14 0.65 -5.68 -6.30
CA GLY A 14 -0.80 -5.67 -6.35
C GLY A 14 -1.40 -5.06 -5.08
N LYS A 15 -0.55 -4.73 -4.13
CA LYS A 15 -1.01 -4.12 -2.89
C LYS A 15 -1.00 -2.61 -3.03
N LEU A 16 -2.10 -2.07 -3.51
CA LEU A 16 -2.27 -0.64 -3.66
C LEU A 16 -3.01 -0.08 -2.46
N ALA A 17 -2.57 1.06 -1.98
CA ALA A 17 -3.23 1.72 -0.86
C ALA A 17 -3.12 3.23 -0.99
N CYS A 18 -4.15 3.93 -0.55
CA CYS A 18 -4.15 5.39 -0.56
C CYS A 18 -3.60 5.90 0.76
N CYS A 19 -2.33 6.28 0.75
CA CYS A 19 -1.59 6.50 1.97
C CYS A 19 -1.19 7.96 2.15
N ASP A 20 -0.80 8.31 3.37
CA ASP A 20 -0.29 9.65 3.67
C ASP A 20 1.22 9.59 3.77
N THR A 21 1.89 10.15 2.78
CA THR A 21 3.35 10.12 2.74
C THR A 21 3.95 11.15 3.69
N ASN A 22 3.08 11.87 4.39
CA ASN A 22 3.53 12.83 5.39
C ASN A 22 3.36 12.21 6.77
N LYS A 23 2.73 11.05 6.80
CA LYS A 23 2.44 10.34 8.03
C LYS A 23 3.23 9.06 8.10
N LYS A 24 4.24 9.06 8.94
CA LYS A 24 5.15 7.93 9.04
C LYS A 24 4.80 7.04 10.23
N VAL A 25 5.18 5.79 10.13
CA VAL A 25 4.92 4.82 11.18
C VAL A 25 6.22 4.23 11.69
N GLN A 26 6.25 3.85 12.95
CA GLN A 26 7.43 3.30 13.59
C GLN A 26 7.62 1.82 13.25
N LYS A 27 7.21 1.46 12.02
CA LYS A 27 7.40 0.12 11.41
C LYS A 27 7.40 -1.04 12.40
N SER A 28 6.40 -1.90 12.27
CA SER A 28 6.23 -3.01 13.17
C SER A 28 6.19 -4.34 12.43
N THR A 29 5.06 -4.60 11.83
CA THR A 29 4.81 -5.87 11.16
C THR A 29 4.01 -5.68 9.88
N GLY A 30 3.56 -6.78 9.31
CA GLY A 30 2.77 -6.77 8.10
C GLY A 30 2.23 -8.15 7.81
N GLU A 31 1.84 -8.40 6.58
CA GLU A 31 1.34 -9.72 6.21
C GLU A 31 2.42 -10.53 5.51
N GLU A 32 3.10 -9.93 4.56
CA GLU A 32 4.15 -10.60 3.82
C GLU A 32 5.48 -10.50 4.53
N SER A 33 5.84 -9.29 4.91
CA SER A 33 7.09 -9.03 5.63
C SER A 33 6.87 -9.11 7.13
N GLY A 34 5.64 -9.47 7.52
CA GLY A 34 5.29 -9.56 8.92
C GLY A 34 6.25 -10.41 9.72
N LEU A 35 6.58 -11.59 9.22
CA LEU A 35 7.48 -12.49 9.92
C LEU A 35 8.89 -11.93 9.95
N LEU A 36 9.46 -11.77 8.76
CA LEU A 36 10.79 -11.20 8.63
C LEU A 36 10.70 -9.80 8.04
N HIS A 37 10.78 -8.80 8.89
CA HIS A 37 10.64 -7.42 8.45
C HIS A 37 11.96 -6.67 8.52
N THR A 38 12.44 -6.37 9.72
CA THR A 38 13.65 -5.58 9.89
C THR A 38 14.89 -6.44 9.70
N GLY A 39 14.69 -7.76 9.71
CA GLY A 39 15.78 -8.66 9.43
C GLY A 39 15.95 -8.86 7.94
N ASP A 40 14.88 -8.66 7.22
CA ASP A 40 14.89 -8.80 5.77
C ASP A 40 15.36 -7.51 5.13
N VAL A 41 14.75 -6.42 5.54
CA VAL A 41 15.10 -5.10 5.05
C VAL A 41 14.93 -4.04 6.13
N LEU A 42 15.91 -3.18 6.26
CA LEU A 42 15.89 -2.13 7.26
C LEU A 42 15.42 -0.82 6.64
N ASP A 43 15.30 -0.82 5.31
CA ASP A 43 14.95 0.40 4.58
C ASP A 43 13.46 0.56 4.42
N GLN A 44 12.68 -0.38 4.97
CA GLN A 44 11.23 -0.35 4.84
C GLN A 44 10.66 1.01 5.26
N VAL A 45 9.82 1.55 4.41
CA VAL A 45 9.17 2.82 4.67
C VAL A 45 7.71 2.58 5.05
N ALA A 46 7.41 2.80 6.31
CA ALA A 46 6.06 2.60 6.82
C ALA A 46 5.35 3.93 6.97
N ILE A 47 4.21 4.06 6.31
CA ILE A 47 3.40 5.26 6.39
C ILE A 47 1.96 4.92 6.73
N GLN A 48 1.27 5.86 7.35
CA GLN A 48 -0.15 5.69 7.67
C GLN A 48 -0.96 5.73 6.39
N CYS A 49 -1.97 4.90 6.33
CA CYS A 49 -2.75 4.76 5.12
C CYS A 49 -4.24 4.68 5.46
N THR A 50 -5.08 4.87 4.46
CA THR A 50 -6.51 4.84 4.65
C THR A 50 -7.23 4.62 3.34
N GLN A 51 -8.11 3.63 3.33
CA GLN A 51 -8.79 3.25 2.12
C GLN A 51 -10.30 3.38 2.29
N ILE A 52 -10.91 4.11 1.38
CA ILE A 52 -12.35 4.23 1.32
C ILE A 52 -12.97 2.87 1.00
N PRO A 53 -14.11 2.54 1.68
CA PRO A 53 -14.81 1.25 1.55
C PRO A 53 -14.77 0.66 0.16
N LEU A 54 -14.22 -0.55 0.08
CA LEU A 54 -13.92 -1.21 -1.18
C LEU A 54 -15.18 -1.53 -1.98
N LEU A 55 -15.28 -0.97 -3.17
CA LEU A 55 -16.28 -1.41 -4.13
C LEU A 55 -15.62 -2.33 -5.14
N ILE A 56 -16.12 -3.56 -5.26
CA ILE A 56 -15.50 -4.54 -6.12
C ILE A 56 -15.75 -4.20 -7.58
N GLY A 57 -14.68 -4.21 -8.35
CA GLY A 57 -14.78 -3.81 -9.73
C GLY A 57 -14.40 -2.36 -9.93
N ILE A 58 -14.00 -1.71 -8.85
CA ILE A 58 -13.62 -0.31 -8.89
C ILE A 58 -12.11 -0.13 -8.85
N ALA A 59 -11.67 0.98 -9.41
CA ALA A 59 -10.27 1.37 -9.40
C ALA A 59 -9.98 2.21 -8.17
N ILE A 60 -8.91 1.84 -7.48
CA ILE A 60 -8.49 2.49 -6.23
C ILE A 60 -8.39 4.01 -6.39
N GLU A 61 -7.92 4.42 -7.55
CA GLU A 61 -7.67 5.81 -7.86
C GLU A 61 -8.95 6.63 -7.80
N ASP A 62 -10.05 6.01 -8.21
CA ASP A 62 -11.34 6.69 -8.23
C ASP A 62 -12.08 6.42 -6.92
N GLU A 63 -11.70 5.34 -6.25
CA GLU A 63 -12.32 4.94 -5.00
C GLU A 63 -11.97 5.92 -3.89
N CYS A 64 -10.72 6.37 -3.86
CA CYS A 64 -10.25 7.19 -2.77
C CYS A 64 -9.89 8.59 -3.26
N LYS A 65 -9.69 9.50 -2.31
CA LYS A 65 -9.30 10.86 -2.61
C LYS A 65 -7.98 11.20 -1.92
N ASN A 66 -7.06 10.24 -1.94
CA ASN A 66 -5.75 10.41 -1.33
C ASN A 66 -4.67 9.98 -2.31
N THR A 67 -3.44 9.86 -1.84
CA THR A 67 -2.33 9.53 -2.73
C THR A 67 -2.24 8.02 -2.93
N PRO A 68 -2.22 7.59 -4.19
CA PRO A 68 -2.15 6.18 -4.54
C PRO A 68 -0.73 5.65 -4.41
N THR A 69 -0.55 4.67 -3.56
CA THR A 69 0.76 4.09 -3.34
C THR A 69 0.68 2.58 -3.48
N CYS A 70 1.77 1.96 -3.90
CA CYS A 70 1.84 0.52 -3.98
C CYS A 70 2.83 -0.02 -2.97
N CYS A 71 2.34 -0.84 -2.07
CA CYS A 71 3.09 -1.31 -0.93
C CYS A 71 3.68 -2.69 -1.18
N GLU A 72 4.82 -2.91 -0.57
CA GLU A 72 5.47 -4.20 -0.62
C GLU A 72 4.91 -5.12 0.46
N ASP A 73 4.22 -4.50 1.41
CA ASP A 73 3.49 -5.21 2.46
C ASP A 73 2.60 -4.21 3.17
N VAL A 74 1.52 -4.68 3.80
CA VAL A 74 0.62 -3.79 4.52
C VAL A 74 0.10 -4.46 5.79
N GLU A 75 0.10 -3.72 6.88
CA GLU A 75 -0.41 -4.22 8.16
C GLU A 75 -1.85 -3.73 8.37
N ASP A 76 -2.58 -4.45 9.23
CA ASP A 76 -3.99 -4.16 9.49
C ASP A 76 -4.80 -4.31 8.21
N ASP A 77 -5.90 -3.58 8.12
CA ASP A 77 -6.68 -3.55 6.89
C ASP A 77 -6.07 -2.57 5.89
N GLY A 78 -4.79 -2.28 6.07
CA GLY A 78 -4.12 -1.38 5.17
C GLY A 78 -3.83 -0.02 5.78
N LEU A 79 -3.81 0.03 7.10
CA LEU A 79 -3.56 1.28 7.81
C LEU A 79 -2.07 1.62 7.84
N VAL A 80 -1.24 0.59 7.78
CA VAL A 80 0.20 0.78 7.82
C VAL A 80 0.86 0.03 6.68
N GLY A 81 1.42 0.74 5.74
CA GLY A 81 2.00 0.10 4.58
C GLY A 81 3.51 0.14 4.60
N ILE A 82 4.11 -0.95 4.12
CA ILE A 82 5.55 -1.06 4.01
C ILE A 82 5.97 -0.82 2.58
N ASN A 83 6.80 0.19 2.38
CA ASN A 83 7.37 0.49 1.07
C ASN A 83 6.27 0.84 0.08
N CYS A 84 5.38 1.72 0.51
CA CYS A 84 4.29 2.17 -0.34
C CYS A 84 4.75 3.34 -1.21
N THR A 85 5.19 3.01 -2.41
CA THR A 85 5.66 4.02 -3.34
C THR A 85 4.50 4.68 -4.06
N PRO A 86 4.43 6.02 -4.05
CA PRO A 86 3.38 6.77 -4.73
C PRO A 86 3.45 6.58 -6.23
N ILE A 87 2.43 5.94 -6.79
CA ILE A 87 2.38 5.60 -8.18
C ILE A 87 1.75 6.72 -9.01
N PRO A 88 2.22 6.90 -10.25
CA PRO A 88 1.70 7.92 -11.16
C PRO A 88 0.33 7.53 -11.71
N LEU A 89 -0.49 8.53 -11.97
CA LEU A 89 -1.82 8.33 -12.51
C LEU A 89 -1.78 8.25 -14.04
N ILE A 90 -0.61 7.93 -14.56
CA ILE A 90 -0.42 7.95 -15.99
C ILE A 90 0.04 6.59 -16.52
N GLY A 1 -5.58 -7.31 2.38
CA GLY A 1 -5.49 -6.17 1.43
C GLY A 1 -5.15 -6.63 0.03
N SER A 2 -4.56 -5.75 -0.76
CA SER A 2 -4.15 -6.06 -2.13
C SER A 2 -5.36 -6.31 -3.02
N GLY A 3 -5.11 -6.75 -4.26
CA GLY A 3 -6.18 -7.02 -5.18
C GLY A 3 -6.66 -5.76 -5.89
N TRP A 4 -5.77 -4.79 -6.01
CA TRP A 4 -6.11 -3.53 -6.63
C TRP A 4 -5.68 -3.50 -8.09
N GLU A 5 -6.23 -2.54 -8.82
CA GLU A 5 -5.99 -2.41 -10.25
C GLU A 5 -4.56 -1.94 -10.52
N SER A 6 -3.74 -2.86 -11.00
CA SER A 6 -2.39 -2.54 -11.42
C SER A 6 -2.29 -2.69 -12.93
N LYS A 7 -3.44 -2.52 -13.59
CA LYS A 7 -3.56 -2.69 -15.03
C LYS A 7 -2.56 -1.81 -15.79
N THR A 8 -2.27 -0.63 -15.24
CA THR A 8 -1.38 0.29 -15.90
C THR A 8 0.09 -0.01 -15.57
N GLY A 9 0.32 -1.09 -14.82
CA GLY A 9 1.68 -1.49 -14.51
C GLY A 9 2.26 -0.70 -13.35
N SER A 10 1.38 -0.08 -12.57
CA SER A 10 1.82 0.81 -11.51
C SER A 10 2.46 0.08 -10.34
N CYS A 11 2.04 -1.14 -10.08
CA CYS A 11 2.50 -1.86 -8.91
C CYS A 11 2.98 -3.27 -9.28
N ASN A 12 4.02 -3.72 -8.60
CA ASN A 12 4.60 -5.04 -8.88
C ASN A 12 3.95 -6.12 -8.00
N THR A 13 3.43 -5.72 -6.86
CA THR A 13 2.84 -6.67 -5.92
C THR A 13 1.33 -6.75 -6.06
N GLY A 14 0.74 -5.63 -6.45
CA GLY A 14 -0.70 -5.54 -6.54
C GLY A 14 -1.30 -4.91 -5.30
N LYS A 15 -0.42 -4.54 -4.37
CA LYS A 15 -0.85 -3.92 -3.13
C LYS A 15 -0.85 -2.40 -3.28
N LEU A 16 -1.97 -1.86 -3.72
CA LEU A 16 -2.12 -0.42 -3.81
C LEU A 16 -2.85 0.09 -2.59
N ALA A 17 -2.58 1.32 -2.20
CA ALA A 17 -3.27 1.93 -1.07
C ALA A 17 -3.16 3.44 -1.12
N CYS A 18 -4.22 4.11 -0.69
CA CYS A 18 -4.21 5.55 -0.54
C CYS A 18 -3.51 5.94 0.74
N CYS A 19 -2.24 6.29 0.63
CA CYS A 19 -1.42 6.52 1.79
C CYS A 19 -1.02 7.99 1.89
N ASP A 20 -0.62 8.40 3.09
CA ASP A 20 -0.10 9.75 3.28
C ASP A 20 1.40 9.68 3.51
N THR A 21 2.15 10.26 2.60
CA THR A 21 3.60 10.20 2.67
C THR A 21 4.15 11.15 3.71
N ASN A 22 3.28 11.99 4.26
CA ASN A 22 3.64 12.90 5.33
C ASN A 22 3.31 12.24 6.66
N LYS A 23 2.50 11.21 6.55
CA LYS A 23 2.05 10.45 7.70
C LYS A 23 2.81 9.13 7.81
N LYS A 24 3.65 9.03 8.83
CA LYS A 24 4.46 7.85 9.03
C LYS A 24 3.88 6.97 10.13
N VAL A 25 4.34 5.73 10.19
CA VAL A 25 3.97 4.80 11.24
C VAL A 25 5.21 4.43 12.04
N GLN A 26 5.03 4.13 13.32
CA GLN A 26 6.15 3.93 14.24
C GLN A 26 6.70 2.51 14.18
N LYS A 27 5.94 1.60 13.61
CA LYS A 27 6.38 0.21 13.47
C LYS A 27 6.55 -0.15 12.01
N SER A 28 7.37 -1.15 11.74
CA SER A 28 7.66 -1.57 10.37
C SER A 28 7.28 -3.02 10.13
N THR A 29 6.54 -3.60 11.08
CA THR A 29 6.10 -4.98 10.96
C THR A 29 4.99 -5.11 9.92
N GLY A 30 5.01 -6.20 9.17
CA GLY A 30 4.02 -6.40 8.12
C GLY A 30 3.48 -7.81 8.09
N GLU A 31 2.38 -7.98 7.38
CA GLU A 31 1.69 -9.27 7.32
C GLU A 31 2.33 -10.20 6.31
N GLU A 32 2.63 -9.68 5.12
CA GLU A 32 3.20 -10.48 4.06
C GLU A 32 4.72 -10.35 4.02
N SER A 33 5.22 -9.20 4.43
CA SER A 33 6.66 -8.94 4.45
C SER A 33 7.38 -9.88 5.41
N GLY A 34 6.64 -10.41 6.38
CA GLY A 34 7.21 -11.38 7.29
C GLY A 34 7.70 -12.61 6.57
N LEU A 35 6.92 -13.07 5.60
CA LEU A 35 7.27 -14.27 4.84
C LEU A 35 8.09 -13.90 3.61
N LEU A 36 7.85 -12.70 3.09
CA LEU A 36 8.54 -12.22 1.90
C LEU A 36 10.01 -11.94 2.21
N HIS A 37 10.90 -12.47 1.38
CA HIS A 37 12.34 -12.37 1.62
C HIS A 37 12.82 -10.93 1.41
N THR A 38 12.10 -10.18 0.60
CA THR A 38 12.42 -8.78 0.38
C THR A 38 11.90 -7.92 1.52
N GLY A 39 10.94 -8.46 2.27
CA GLY A 39 10.41 -7.78 3.43
C GLY A 39 11.15 -8.18 4.68
N ASP A 40 12.29 -8.83 4.50
CA ASP A 40 13.10 -9.32 5.60
C ASP A 40 13.83 -8.15 6.25
N VAL A 41 14.06 -7.12 5.46
CA VAL A 41 14.73 -5.90 5.92
C VAL A 41 13.95 -5.21 7.04
N LEU A 42 14.67 -4.54 7.92
CA LEU A 42 14.07 -3.80 9.00
C LEU A 42 14.00 -2.31 8.65
N ASP A 43 14.61 -1.94 7.54
CA ASP A 43 14.67 -0.55 7.11
C ASP A 43 13.44 -0.17 6.30
N GLN A 44 12.53 -1.12 6.12
CA GLN A 44 11.24 -0.87 5.47
C GLN A 44 10.61 0.40 6.02
N VAL A 45 10.01 1.18 5.12
CA VAL A 45 9.39 2.44 5.52
C VAL A 45 7.88 2.30 5.52
N ALA A 46 7.29 2.46 6.68
CA ALA A 46 5.86 2.31 6.85
C ALA A 46 5.20 3.67 7.02
N ILE A 47 4.33 4.02 6.08
CA ILE A 47 3.55 5.24 6.18
C ILE A 47 2.10 4.92 6.53
N GLN A 48 1.46 5.84 7.23
CA GLN A 48 0.11 5.64 7.71
C GLN A 48 -0.85 5.83 6.56
N CYS A 49 -1.54 4.77 6.23
CA CYS A 49 -2.38 4.72 5.05
C CYS A 49 -3.85 4.68 5.47
N THR A 50 -4.74 4.86 4.50
CA THR A 50 -6.17 4.83 4.77
C THR A 50 -6.96 4.58 3.50
N GLN A 51 -7.84 3.60 3.56
CA GLN A 51 -8.59 3.20 2.41
C GLN A 51 -10.09 3.33 2.67
N ILE A 52 -10.72 4.24 1.95
CA ILE A 52 -12.16 4.40 1.98
C ILE A 52 -12.81 3.06 1.61
N PRO A 53 -13.84 2.65 2.39
CA PRO A 53 -14.53 1.35 2.24
C PRO A 53 -14.73 0.94 0.79
N LEU A 54 -13.88 0.02 0.33
CA LEU A 54 -13.83 -0.34 -1.07
C LEU A 54 -15.08 -1.08 -1.52
N LEU A 55 -15.57 -0.68 -2.68
CA LEU A 55 -16.64 -1.38 -3.35
C LEU A 55 -16.07 -2.37 -4.34
N ILE A 56 -16.59 -3.58 -4.35
CA ILE A 56 -16.07 -4.62 -5.23
C ILE A 56 -16.32 -4.26 -6.69
N GLY A 57 -15.26 -4.33 -7.48
CA GLY A 57 -15.33 -3.94 -8.86
C GLY A 57 -14.77 -2.54 -9.08
N ILE A 58 -14.62 -1.79 -8.00
CA ILE A 58 -14.14 -0.42 -8.10
C ILE A 58 -12.62 -0.34 -8.01
N ALA A 59 -12.10 0.71 -8.62
CA ALA A 59 -10.67 0.95 -8.68
C ALA A 59 -10.20 1.79 -7.50
N ILE A 60 -8.98 1.51 -7.06
CA ILE A 60 -8.32 2.31 -6.02
C ILE A 60 -8.39 3.80 -6.35
N GLU A 61 -8.13 4.13 -7.60
CA GLU A 61 -8.07 5.49 -8.08
C GLU A 61 -9.44 6.16 -8.06
N ASP A 62 -10.49 5.35 -7.98
CA ASP A 62 -11.85 5.87 -8.01
C ASP A 62 -12.53 5.72 -6.66
N GLU A 63 -11.89 4.97 -5.77
CA GLU A 63 -12.47 4.71 -4.47
C GLU A 63 -11.96 5.72 -3.45
N CYS A 64 -10.71 6.07 -3.56
CA CYS A 64 -10.08 6.91 -2.57
C CYS A 64 -9.33 8.05 -3.25
N LYS A 65 -9.28 9.21 -2.60
CA LYS A 65 -8.61 10.37 -3.18
C LYS A 65 -7.51 10.88 -2.27
N ASN A 66 -6.50 10.04 -2.09
CA ASN A 66 -5.28 10.43 -1.40
C ASN A 66 -4.12 10.17 -2.36
N THR A 67 -2.93 9.98 -1.84
CA THR A 67 -1.84 9.58 -2.71
C THR A 67 -1.83 8.07 -2.89
N PRO A 68 -1.94 7.62 -4.13
CA PRO A 68 -1.96 6.21 -4.46
C PRO A 68 -0.54 5.65 -4.46
N THR A 69 -0.35 4.55 -3.76
CA THR A 69 0.98 3.99 -3.61
C THR A 69 0.98 2.49 -3.90
N CYS A 70 2.14 1.98 -4.30
CA CYS A 70 2.36 0.55 -4.43
C CYS A 70 3.18 0.08 -3.23
N CYS A 71 2.53 -0.67 -2.36
CA CYS A 71 3.18 -1.13 -1.14
C CYS A 71 3.76 -2.51 -1.32
N GLU A 72 4.89 -2.73 -0.66
CA GLU A 72 5.54 -4.03 -0.67
C GLU A 72 4.83 -4.95 0.33
N ASP A 73 4.07 -4.33 1.23
CA ASP A 73 3.23 -5.05 2.19
C ASP A 73 2.33 -4.06 2.90
N VAL A 74 1.20 -4.52 3.43
CA VAL A 74 0.28 -3.65 4.17
C VAL A 74 -0.33 -4.40 5.34
N GLU A 75 -0.36 -3.76 6.50
CA GLU A 75 -0.92 -4.36 7.71
C GLU A 75 -2.29 -3.77 8.02
N ASP A 76 -3.09 -4.50 8.80
CA ASP A 76 -4.44 -4.08 9.22
C ASP A 76 -5.35 -4.03 8.00
N ASP A 77 -6.32 -3.12 8.01
CA ASP A 77 -7.16 -2.90 6.84
C ASP A 77 -6.41 -2.08 5.80
N GLY A 78 -5.11 -1.92 6.00
CA GLY A 78 -4.31 -1.15 5.08
C GLY A 78 -3.87 0.17 5.68
N LEU A 79 -3.82 0.23 7.01
CA LEU A 79 -3.46 1.46 7.70
C LEU A 79 -1.95 1.63 7.78
N VAL A 80 -1.24 0.52 7.69
CA VAL A 80 0.21 0.56 7.76
C VAL A 80 0.80 -0.06 6.51
N GLY A 81 1.33 0.77 5.63
CA GLY A 81 1.85 0.27 4.38
C GLY A 81 3.36 0.28 4.37
N ILE A 82 3.95 -0.81 3.92
CA ILE A 82 5.39 -0.95 3.89
C ILE A 82 5.92 -0.61 2.52
N ASN A 83 6.79 0.38 2.47
CA ASN A 83 7.49 0.76 1.24
C ASN A 83 6.51 1.18 0.16
N CYS A 84 5.43 1.83 0.58
CA CYS A 84 4.41 2.31 -0.33
C CYS A 84 4.93 3.45 -1.18
N THR A 85 5.40 3.12 -2.36
CA THR A 85 5.94 4.12 -3.27
C THR A 85 4.82 4.72 -4.12
N PRO A 86 4.70 6.05 -4.14
CA PRO A 86 3.64 6.76 -4.88
C PRO A 86 3.68 6.45 -6.37
N ILE A 87 2.54 6.07 -6.90
CA ILE A 87 2.43 5.73 -8.30
C ILE A 87 1.82 6.87 -9.10
N PRO A 88 2.22 7.03 -10.36
CA PRO A 88 1.70 8.08 -11.25
C PRO A 88 0.24 7.86 -11.60
N LEU A 89 -0.43 8.95 -11.95
CA LEU A 89 -1.86 8.91 -12.31
C LEU A 89 -2.04 8.39 -13.72
N ILE A 90 -0.97 7.88 -14.28
CA ILE A 90 -0.96 7.43 -15.65
C ILE A 90 -0.65 5.94 -15.73
N GLY A 1 -13.58 -7.63 -5.29
CA GLY A 1 -12.85 -8.51 -4.34
C GLY A 1 -12.10 -7.73 -3.29
N SER A 2 -10.97 -8.26 -2.85
CA SER A 2 -10.15 -7.61 -1.84
C SER A 2 -8.88 -7.03 -2.47
N GLY A 3 -8.61 -7.42 -3.71
CA GLY A 3 -7.43 -6.94 -4.40
C GLY A 3 -7.72 -5.70 -5.21
N TRP A 4 -6.75 -5.27 -6.00
CA TRP A 4 -6.90 -4.06 -6.80
C TRP A 4 -6.54 -4.29 -8.26
N GLU A 5 -7.10 -3.43 -9.12
CA GLU A 5 -6.88 -3.50 -10.55
C GLU A 5 -5.42 -3.19 -10.89
N SER A 6 -4.73 -4.19 -11.40
CA SER A 6 -3.33 -4.05 -11.78
C SER A 6 -3.22 -3.56 -13.22
N LYS A 7 -4.25 -2.86 -13.67
CA LYS A 7 -4.34 -2.39 -15.05
C LYS A 7 -3.12 -1.60 -15.49
N THR A 8 -2.75 -0.60 -14.71
CA THR A 8 -1.70 0.32 -15.11
C THR A 8 -0.33 -0.34 -15.09
N GLY A 9 -0.20 -1.40 -14.30
CA GLY A 9 1.07 -2.09 -14.19
C GLY A 9 2.04 -1.36 -13.28
N SER A 10 1.48 -0.45 -12.50
CA SER A 10 2.27 0.43 -11.67
C SER A 10 2.85 -0.27 -10.45
N CYS A 11 2.14 -1.27 -9.96
CA CYS A 11 2.55 -1.95 -8.74
C CYS A 11 3.15 -3.32 -9.04
N ASN A 12 4.18 -3.68 -8.28
CA ASN A 12 4.88 -4.94 -8.47
C ASN A 12 4.30 -6.05 -7.61
N THR A 13 3.71 -5.68 -6.47
CA THR A 13 3.21 -6.65 -5.51
C THR A 13 1.71 -6.84 -5.62
N GLY A 14 1.02 -5.79 -6.02
CA GLY A 14 -0.43 -5.85 -6.12
C GLY A 14 -1.12 -5.20 -4.94
N LYS A 15 -0.34 -4.78 -3.95
CA LYS A 15 -0.91 -4.11 -2.78
C LYS A 15 -1.02 -2.62 -3.01
N LEU A 16 -2.14 -2.21 -3.57
CA LEU A 16 -2.43 -0.80 -3.80
C LEU A 16 -3.20 -0.22 -2.62
N ALA A 17 -2.71 0.86 -2.06
CA ALA A 17 -3.39 1.52 -0.97
C ALA A 17 -3.26 3.02 -1.09
N CYS A 18 -4.23 3.74 -0.54
CA CYS A 18 -4.18 5.19 -0.50
C CYS A 18 -3.48 5.64 0.76
N CYS A 19 -2.20 5.93 0.65
CA CYS A 19 -1.38 6.14 1.83
C CYS A 19 -0.91 7.58 1.92
N ASP A 20 -0.64 8.03 3.14
CA ASP A 20 -0.11 9.38 3.35
C ASP A 20 1.40 9.30 3.39
N THR A 21 2.07 9.99 2.48
CA THR A 21 3.51 9.93 2.41
C THR A 21 4.17 10.85 3.45
N ASN A 22 3.36 11.66 4.13
CA ASN A 22 3.88 12.57 5.13
C ASN A 22 3.57 12.04 6.53
N LYS A 23 2.66 11.09 6.60
CA LYS A 23 2.32 10.43 7.85
C LYS A 23 2.95 9.06 7.93
N LYS A 24 3.62 8.83 9.03
CA LYS A 24 4.38 7.60 9.23
C LYS A 24 3.82 6.80 10.39
N VAL A 25 4.18 5.52 10.42
CA VAL A 25 3.76 4.62 11.49
C VAL A 25 4.96 4.21 12.33
N GLN A 26 4.73 3.94 13.60
CA GLN A 26 5.78 3.61 14.53
C GLN A 26 6.11 2.12 14.48
N LYS A 27 5.49 1.41 13.55
CA LYS A 27 5.74 -0.02 13.38
C LYS A 27 5.98 -0.35 11.91
N SER A 28 7.15 -0.88 11.62
CA SER A 28 7.51 -1.25 10.25
C SER A 28 7.95 -2.70 10.19
N THR A 29 7.00 -3.61 10.17
CA THR A 29 7.31 -5.03 10.16
C THR A 29 6.80 -5.70 8.89
N GLY A 30 5.51 -5.54 8.64
CA GLY A 30 4.87 -6.23 7.54
C GLY A 30 4.29 -7.57 7.97
N GLU A 31 3.28 -8.04 7.24
CA GLU A 31 2.72 -9.36 7.51
C GLU A 31 3.24 -10.36 6.50
N GLU A 32 3.15 -10.01 5.22
CA GLU A 32 3.53 -10.90 4.14
C GLU A 32 5.05 -10.89 3.99
N SER A 33 5.59 -9.74 3.67
CA SER A 33 7.02 -9.57 3.55
C SER A 33 7.64 -9.57 4.95
N GLY A 34 6.81 -9.28 5.94
CA GLY A 34 7.24 -9.34 7.32
C GLY A 34 7.42 -10.77 7.81
N LEU A 35 6.80 -11.72 7.11
CA LEU A 35 7.00 -13.12 7.40
C LEU A 35 8.34 -13.56 6.79
N LEU A 36 8.64 -12.99 5.64
CA LEU A 36 9.90 -13.24 4.95
C LEU A 36 11.03 -12.44 5.59
N HIS A 37 12.23 -12.57 5.05
CA HIS A 37 13.39 -11.83 5.58
C HIS A 37 13.37 -10.39 5.08
N THR A 38 12.32 -10.02 4.39
CA THR A 38 12.13 -8.64 3.96
C THR A 38 11.88 -7.74 5.16
N GLY A 39 11.15 -8.27 6.14
CA GLY A 39 10.84 -7.51 7.34
C GLY A 39 12.02 -7.41 8.29
N ASP A 40 13.20 -7.74 7.78
CA ASP A 40 14.44 -7.63 8.56
C ASP A 40 14.82 -6.18 8.73
N VAL A 41 14.82 -5.46 7.63
CA VAL A 41 15.26 -4.07 7.61
C VAL A 41 14.22 -3.14 8.23
N LEU A 42 14.71 -2.14 8.95
CA LEU A 42 13.86 -1.08 9.47
C LEU A 42 13.80 0.02 8.42
N ASP A 43 14.54 -0.20 7.34
CA ASP A 43 14.55 0.71 6.19
C ASP A 43 13.17 0.81 5.58
N GLN A 44 12.39 -0.26 5.69
CA GLN A 44 11.02 -0.26 5.19
C GLN A 44 10.28 0.99 5.64
N VAL A 45 9.63 1.64 4.70
CA VAL A 45 8.93 2.86 5.00
C VAL A 45 7.45 2.59 5.28
N ALA A 46 7.10 2.66 6.54
CA ALA A 46 5.75 2.43 6.98
C ALA A 46 5.01 3.74 7.12
N ILE A 47 4.19 4.06 6.14
CA ILE A 47 3.39 5.26 6.19
C ILE A 47 1.95 4.92 6.52
N GLN A 48 1.28 5.86 7.18
CA GLN A 48 -0.09 5.64 7.62
C GLN A 48 -1.01 5.73 6.43
N CYS A 49 -1.80 4.70 6.25
CA CYS A 49 -2.61 4.57 5.06
C CYS A 49 -4.09 4.60 5.42
N THR A 50 -4.92 4.87 4.43
CA THR A 50 -6.34 5.03 4.65
C THR A 50 -7.12 4.63 3.40
N GLN A 51 -8.01 3.67 3.56
CA GLN A 51 -8.76 3.16 2.44
C GLN A 51 -10.25 3.37 2.66
N ILE A 52 -10.81 4.27 1.86
CA ILE A 52 -12.22 4.61 1.91
C ILE A 52 -13.06 3.44 1.37
N PRO A 53 -14.14 3.07 2.10
CA PRO A 53 -14.98 1.91 1.80
C PRO A 53 -15.14 1.60 0.32
N LEU A 54 -14.91 0.35 -0.02
CA LEU A 54 -14.72 -0.07 -1.40
C LEU A 54 -16.04 -0.32 -2.12
N LEU A 55 -16.15 0.22 -3.32
CA LEU A 55 -17.18 -0.17 -4.26
C LEU A 55 -16.60 -1.21 -5.21
N ILE A 56 -17.33 -2.29 -5.44
CA ILE A 56 -16.81 -3.41 -6.20
C ILE A 56 -16.58 -3.01 -7.66
N GLY A 57 -15.40 -3.36 -8.15
CA GLY A 57 -15.04 -3.07 -9.53
C GLY A 57 -14.44 -1.68 -9.70
N ILE A 58 -14.24 -0.97 -8.60
CA ILE A 58 -13.72 0.38 -8.65
C ILE A 58 -12.21 0.42 -8.43
N ALA A 59 -11.60 1.44 -9.02
CA ALA A 59 -10.17 1.63 -8.96
C ALA A 59 -9.77 2.44 -7.73
N ILE A 60 -8.61 2.07 -7.17
CA ILE A 60 -8.08 2.68 -5.95
C ILE A 60 -7.93 4.19 -6.09
N GLU A 61 -7.65 4.66 -7.30
CA GLU A 61 -7.36 6.06 -7.53
C GLU A 61 -8.64 6.86 -7.80
N ASP A 62 -9.74 6.15 -7.95
CA ASP A 62 -11.04 6.78 -8.18
C ASP A 62 -11.87 6.69 -6.91
N GLU A 63 -11.58 5.67 -6.11
CA GLU A 63 -12.31 5.41 -4.88
C GLU A 63 -11.94 6.43 -3.81
N CYS A 64 -10.67 6.75 -3.72
CA CYS A 64 -10.20 7.61 -2.65
C CYS A 64 -9.65 8.92 -3.20
N LYS A 65 -9.69 9.97 -2.38
CA LYS A 65 -9.15 11.26 -2.76
C LYS A 65 -7.76 11.43 -2.13
N ASN A 66 -7.05 10.33 -2.01
CA ASN A 66 -5.72 10.33 -1.41
C ASN A 66 -4.70 9.86 -2.44
N THR A 67 -3.50 9.50 -2.00
CA THR A 67 -2.46 9.12 -2.94
C THR A 67 -2.41 7.61 -3.16
N PRO A 68 -2.56 7.21 -4.41
CA PRO A 68 -2.40 5.82 -4.84
C PRO A 68 -0.95 5.38 -4.67
N THR A 69 -0.71 4.38 -3.82
CA THR A 69 0.64 3.91 -3.60
C THR A 69 0.72 2.38 -3.75
N CYS A 70 1.85 1.91 -4.23
CA CYS A 70 2.13 0.48 -4.30
C CYS A 70 3.00 0.08 -3.12
N CYS A 71 2.43 -0.68 -2.21
CA CYS A 71 3.14 -1.09 -1.00
C CYS A 71 3.73 -2.48 -1.17
N GLU A 72 4.98 -2.64 -0.76
CA GLU A 72 5.67 -3.90 -0.83
C GLU A 72 5.10 -4.86 0.21
N ASP A 73 4.45 -4.29 1.21
CA ASP A 73 3.70 -5.06 2.20
C ASP A 73 2.76 -4.13 2.94
N VAL A 74 1.80 -4.69 3.68
CA VAL A 74 0.89 -3.90 4.48
C VAL A 74 0.66 -4.57 5.84
N GLU A 75 0.26 -3.79 6.82
CA GLU A 75 -0.16 -4.32 8.11
C GLU A 75 -1.55 -3.82 8.46
N ASP A 76 -2.16 -4.46 9.45
CA ASP A 76 -3.56 -4.21 9.80
C ASP A 76 -4.45 -4.47 8.59
N ASP A 77 -5.56 -3.77 8.49
CA ASP A 77 -6.40 -3.87 7.30
C ASP A 77 -5.87 -2.97 6.18
N GLY A 78 -4.58 -2.65 6.25
CA GLY A 78 -3.98 -1.78 5.26
C GLY A 78 -3.81 -0.36 5.76
N LEU A 79 -3.79 -0.20 7.08
CA LEU A 79 -3.56 1.10 7.70
C LEU A 79 -2.08 1.42 7.69
N VAL A 80 -1.27 0.40 7.59
CA VAL A 80 0.17 0.54 7.60
C VAL A 80 0.74 -0.05 6.33
N GLY A 81 1.37 0.77 5.53
CA GLY A 81 1.96 0.28 4.30
C GLY A 81 3.47 0.30 4.35
N ILE A 82 4.08 -0.78 3.90
CA ILE A 82 5.52 -0.90 3.87
C ILE A 82 6.05 -0.60 2.48
N ASN A 83 6.92 0.40 2.40
CA ASN A 83 7.60 0.74 1.16
C ASN A 83 6.59 1.08 0.06
N CYS A 84 5.72 2.03 0.36
CA CYS A 84 4.66 2.41 -0.55
C CYS A 84 5.11 3.54 -1.46
N THR A 85 5.26 3.24 -2.73
CA THR A 85 5.63 4.25 -3.71
C THR A 85 4.38 4.76 -4.42
N PRO A 86 4.20 6.10 -4.47
CA PRO A 86 3.08 6.72 -5.17
C PRO A 86 3.12 6.41 -6.65
N ILE A 87 2.08 5.77 -7.14
CA ILE A 87 2.05 5.29 -8.50
C ILE A 87 1.27 6.23 -9.42
N PRO A 88 1.78 6.45 -10.64
CA PRO A 88 1.15 7.31 -11.63
C PRO A 88 -0.12 6.70 -12.21
N LEU A 89 -0.97 7.56 -12.77
CA LEU A 89 -2.24 7.14 -13.35
C LEU A 89 -2.05 6.74 -14.80
N ILE A 90 -0.83 6.36 -15.15
CA ILE A 90 -0.48 6.08 -16.52
C ILE A 90 0.25 4.74 -16.65
N GLY A 1 -7.52 -9.16 -10.15
CA GLY A 1 -6.17 -8.60 -9.86
C GLY A 1 -5.64 -9.08 -8.53
N SER A 2 -4.36 -8.89 -8.29
CA SER A 2 -3.73 -9.31 -7.03
C SER A 2 -4.09 -8.34 -5.91
N GLY A 3 -5.34 -8.41 -5.45
CA GLY A 3 -5.82 -7.50 -4.43
C GLY A 3 -6.43 -6.26 -5.05
N TRP A 4 -5.59 -5.48 -5.72
CA TRP A 4 -6.06 -4.32 -6.47
C TRP A 4 -5.67 -4.45 -7.93
N GLU A 5 -6.49 -3.88 -8.79
CA GLU A 5 -6.21 -3.90 -10.22
C GLU A 5 -4.95 -3.11 -10.51
N SER A 6 -3.90 -3.82 -10.89
CA SER A 6 -2.61 -3.22 -11.16
C SER A 6 -2.38 -3.09 -12.66
N LYS A 7 -3.47 -3.02 -13.41
CA LYS A 7 -3.42 -2.92 -14.86
C LYS A 7 -2.75 -1.63 -15.31
N THR A 8 -2.65 -0.68 -14.38
CA THR A 8 -1.97 0.57 -14.65
C THR A 8 -0.45 0.35 -14.79
N GLY A 9 0.01 -0.82 -14.36
CA GLY A 9 1.41 -1.18 -14.51
C GLY A 9 2.29 -0.45 -13.52
N SER A 10 1.69 0.11 -12.49
CA SER A 10 2.39 0.96 -11.55
C SER A 10 2.84 0.20 -10.31
N CYS A 11 2.35 -1.03 -10.15
CA CYS A 11 2.67 -1.80 -8.96
C CYS A 11 2.94 -3.26 -9.31
N ASN A 12 3.92 -3.86 -8.65
CA ASN A 12 4.29 -5.25 -8.91
C ASN A 12 3.57 -6.23 -7.98
N THR A 13 3.25 -5.78 -6.78
CA THR A 13 2.73 -6.67 -5.74
C THR A 13 1.21 -6.75 -5.78
N GLY A 14 0.58 -5.66 -6.20
CA GLY A 14 -0.87 -5.63 -6.24
C GLY A 14 -1.46 -4.98 -5.01
N LYS A 15 -0.61 -4.69 -4.03
CA LYS A 15 -1.05 -4.01 -2.82
C LYS A 15 -1.00 -2.51 -3.02
N LEU A 16 -2.09 -1.97 -3.53
CA LEU A 16 -2.23 -0.55 -3.72
C LEU A 16 -3.01 0.06 -2.56
N ALA A 17 -2.41 1.01 -1.87
CA ALA A 17 -3.07 1.64 -0.75
C ALA A 17 -3.07 3.15 -0.87
N CYS A 18 -4.12 3.77 -0.38
CA CYS A 18 -4.18 5.22 -0.29
C CYS A 18 -3.43 5.66 0.96
N CYS A 19 -2.28 6.28 0.77
CA CYS A 19 -1.39 6.54 1.88
C CYS A 19 -1.00 8.01 1.97
N ASP A 20 -0.67 8.43 3.18
CA ASP A 20 -0.18 9.78 3.42
C ASP A 20 1.33 9.72 3.52
N THR A 21 2.03 10.30 2.57
CA THR A 21 3.46 10.11 2.47
C THR A 21 4.27 10.91 3.49
N ASN A 22 3.63 11.84 4.20
CA ASN A 22 4.32 12.57 5.24
C ASN A 22 3.87 12.07 6.60
N LYS A 23 2.92 11.16 6.55
CA LYS A 23 2.40 10.48 7.71
C LYS A 23 3.15 9.18 7.91
N LYS A 24 4.03 9.14 8.89
CA LYS A 24 4.86 7.98 9.10
C LYS A 24 4.35 7.11 10.24
N VAL A 25 4.82 5.88 10.27
CA VAL A 25 4.52 4.94 11.34
C VAL A 25 5.83 4.46 11.95
N GLN A 26 5.83 4.26 13.25
CA GLN A 26 7.03 3.89 13.96
C GLN A 26 7.21 2.38 13.96
N LYS A 27 6.11 1.66 13.95
CA LYS A 27 6.17 0.20 13.92
C LYS A 27 6.24 -0.29 12.49
N SER A 28 7.30 -1.00 12.17
CA SER A 28 7.49 -1.56 10.84
C SER A 28 6.96 -2.98 10.80
N THR A 29 5.70 -3.14 11.19
CA THR A 29 5.08 -4.44 11.25
C THR A 29 4.36 -4.74 9.94
N GLY A 30 4.58 -5.94 9.42
CA GLY A 30 3.95 -6.32 8.17
C GLY A 30 3.12 -7.58 8.29
N GLU A 31 2.29 -7.81 7.30
CA GLU A 31 1.43 -8.98 7.27
C GLU A 31 2.02 -10.05 6.35
N GLU A 32 2.43 -9.64 5.15
CA GLU A 32 3.07 -10.56 4.22
C GLU A 32 4.58 -10.48 4.34
N SER A 33 5.08 -9.27 4.63
CA SER A 33 6.52 -9.05 4.76
C SER A 33 7.10 -9.81 5.96
N GLY A 34 6.24 -10.43 6.76
CA GLY A 34 6.72 -11.24 7.86
C GLY A 34 7.45 -12.47 7.37
N LEU A 35 6.82 -13.22 6.49
CA LEU A 35 7.44 -14.41 5.91
C LEU A 35 8.16 -14.06 4.60
N LEU A 36 7.75 -12.96 3.98
CA LEU A 36 8.33 -12.50 2.74
C LEU A 36 9.61 -11.71 3.00
N HIS A 37 10.56 -11.79 2.09
CA HIS A 37 11.87 -11.13 2.26
C HIS A 37 11.77 -9.61 2.18
N THR A 38 10.56 -9.09 2.04
CA THR A 38 10.36 -7.66 2.03
C THR A 38 10.39 -7.09 3.45
N GLY A 39 10.36 -7.99 4.43
CA GLY A 39 10.45 -7.57 5.81
C GLY A 39 11.84 -7.75 6.39
N ASP A 40 12.75 -8.26 5.57
CA ASP A 40 14.13 -8.47 6.00
C ASP A 40 14.82 -7.13 6.25
N VAL A 41 14.40 -6.12 5.52
CA VAL A 41 14.90 -4.78 5.72
C VAL A 41 14.20 -4.10 6.87
N LEU A 42 14.95 -3.38 7.68
CA LEU A 42 14.39 -2.58 8.75
C LEU A 42 14.20 -1.15 8.24
N ASP A 43 14.56 -0.95 6.97
CA ASP A 43 14.45 0.35 6.32
C ASP A 43 13.10 0.53 5.66
N GLN A 44 12.23 -0.48 5.78
CA GLN A 44 10.87 -0.42 5.25
C GLN A 44 10.25 0.94 5.51
N VAL A 45 9.62 1.48 4.50
CA VAL A 45 8.97 2.77 4.61
C VAL A 45 7.53 2.59 5.05
N ALA A 46 7.30 2.79 6.33
CA ALA A 46 5.99 2.59 6.91
C ALA A 46 5.28 3.93 7.05
N ILE A 47 4.28 4.15 6.22
CA ILE A 47 3.47 5.35 6.30
C ILE A 47 2.03 4.99 6.59
N GLN A 48 1.28 5.96 7.09
CA GLN A 48 -0.12 5.75 7.40
C GLN A 48 -0.96 5.77 6.15
N CYS A 49 -1.93 4.91 6.16
CA CYS A 49 -2.75 4.68 5.00
C CYS A 49 -4.19 4.48 5.43
N THR A 50 -5.10 4.57 4.48
CA THR A 50 -6.51 4.38 4.75
C THR A 50 -7.25 4.08 3.46
N GLN A 51 -8.15 3.10 3.50
CA GLN A 51 -8.88 2.73 2.32
C GLN A 51 -10.37 2.89 2.54
N ILE A 52 -10.95 3.89 1.86
CA ILE A 52 -12.38 4.12 1.89
C ILE A 52 -13.11 2.93 1.28
N PRO A 53 -14.15 2.41 1.98
CA PRO A 53 -14.85 1.16 1.64
C PRO A 53 -14.92 0.87 0.15
N LEU A 54 -14.07 -0.04 -0.29
CA LEU A 54 -13.87 -0.30 -1.71
C LEU A 54 -15.07 -0.98 -2.35
N LEU A 55 -15.44 -0.48 -3.53
CA LEU A 55 -16.42 -1.14 -4.36
C LEU A 55 -15.73 -2.06 -5.34
N ILE A 56 -16.27 -3.25 -5.54
CA ILE A 56 -15.70 -4.20 -6.47
C ILE A 56 -15.92 -3.71 -7.90
N GLY A 57 -14.86 -3.71 -8.67
CA GLY A 57 -14.91 -3.17 -10.02
C GLY A 57 -14.34 -1.78 -10.08
N ILE A 58 -14.01 -1.22 -8.92
CA ILE A 58 -13.43 0.11 -8.84
C ILE A 58 -11.95 0.07 -8.49
N ALA A 59 -11.25 1.10 -8.94
CA ALA A 59 -9.82 1.23 -8.74
C ALA A 59 -9.52 2.02 -7.47
N ILE A 60 -8.35 1.74 -6.88
CA ILE A 60 -7.91 2.37 -5.64
C ILE A 60 -7.88 3.91 -5.74
N GLU A 61 -7.42 4.41 -6.88
CA GLU A 61 -7.19 5.84 -7.04
C GLU A 61 -8.47 6.58 -7.44
N ASP A 62 -9.49 5.82 -7.80
CA ASP A 62 -10.79 6.39 -8.10
C ASP A 62 -11.67 6.31 -6.85
N GLU A 63 -11.47 5.24 -6.09
CA GLU A 63 -12.25 4.97 -4.89
C GLU A 63 -11.95 6.01 -3.81
N CYS A 64 -10.70 6.38 -3.68
CA CYS A 64 -10.29 7.33 -2.66
C CYS A 64 -9.70 8.57 -3.32
N LYS A 65 -9.88 9.72 -2.68
CA LYS A 65 -9.30 10.96 -3.19
C LYS A 65 -8.02 11.28 -2.43
N ASN A 66 -7.19 10.26 -2.26
CA ASN A 66 -5.90 10.40 -1.60
C ASN A 66 -4.81 9.95 -2.54
N THR A 67 -3.58 9.86 -2.06
CA THR A 67 -2.48 9.45 -2.89
C THR A 67 -2.37 7.93 -2.92
N PRO A 68 -2.37 7.36 -4.13
CA PRO A 68 -2.25 5.93 -4.33
C PRO A 68 -0.79 5.48 -4.29
N THR A 69 -0.51 4.39 -3.60
CA THR A 69 0.84 3.92 -3.47
C THR A 69 0.92 2.42 -3.72
N CYS A 70 2.08 1.97 -4.21
CA CYS A 70 2.35 0.55 -4.34
C CYS A 70 3.14 0.10 -3.12
N CYS A 71 2.54 -0.78 -2.33
CA CYS A 71 3.16 -1.24 -1.11
C CYS A 71 3.71 -2.64 -1.29
N GLU A 72 4.92 -2.83 -0.79
CA GLU A 72 5.55 -4.13 -0.78
C GLU A 72 4.85 -5.04 0.22
N ASP A 73 4.11 -4.42 1.13
CA ASP A 73 3.26 -5.11 2.08
C ASP A 73 2.39 -4.08 2.79
N VAL A 74 1.29 -4.51 3.40
CA VAL A 74 0.43 -3.60 4.14
C VAL A 74 -0.15 -4.32 5.35
N GLU A 75 -0.18 -3.65 6.49
CA GLU A 75 -0.71 -4.21 7.73
C GLU A 75 -2.13 -3.68 7.98
N ASP A 76 -2.86 -4.39 8.82
CA ASP A 76 -4.26 -4.05 9.12
C ASP A 76 -5.10 -4.15 7.85
N ASP A 77 -6.19 -3.41 7.78
CA ASP A 77 -6.98 -3.32 6.56
C ASP A 77 -6.33 -2.35 5.57
N GLY A 78 -5.03 -2.14 5.72
CA GLY A 78 -4.32 -1.26 4.84
C GLY A 78 -3.98 0.06 5.50
N LEU A 79 -3.91 0.05 6.83
CA LEU A 79 -3.59 1.25 7.59
C LEU A 79 -2.10 1.53 7.58
N VAL A 80 -1.30 0.49 7.53
CA VAL A 80 0.14 0.64 7.65
C VAL A 80 0.82 0.00 6.44
N GLY A 81 1.35 0.83 5.57
CA GLY A 81 1.95 0.31 4.37
C GLY A 81 3.45 0.17 4.48
N ILE A 82 3.96 -0.92 3.93
CA ILE A 82 5.38 -1.18 3.92
C ILE A 82 5.94 -0.88 2.55
N ASN A 83 6.83 0.10 2.50
CA ASN A 83 7.54 0.44 1.27
C ASN A 83 6.57 0.91 0.19
N CYS A 84 5.60 1.72 0.62
CA CYS A 84 4.58 2.24 -0.28
C CYS A 84 5.11 3.43 -1.07
N THR A 85 5.29 3.24 -2.36
CA THR A 85 5.72 4.30 -3.24
C THR A 85 4.54 4.82 -4.06
N PRO A 86 4.38 6.15 -4.12
CA PRO A 86 3.26 6.78 -4.77
C PRO A 86 3.28 6.55 -6.28
N ILE A 87 2.15 6.09 -6.79
CA ILE A 87 2.06 5.69 -8.19
C ILE A 87 1.30 6.72 -9.02
N PRO A 88 1.70 6.86 -10.29
CA PRO A 88 1.02 7.74 -11.24
C PRO A 88 -0.30 7.16 -11.72
N LEU A 89 -1.13 8.01 -12.30
CA LEU A 89 -2.42 7.59 -12.82
C LEU A 89 -2.32 7.28 -14.31
N ILE A 90 -1.11 6.99 -14.76
CA ILE A 90 -0.84 6.85 -16.17
C ILE A 90 -0.03 5.58 -16.47
N GLY A 1 -10.51 -8.84 -10.10
CA GLY A 1 -9.29 -9.14 -9.32
C GLY A 1 -9.61 -9.42 -7.87
N SER A 2 -8.59 -9.72 -7.08
CA SER A 2 -8.78 -10.04 -5.67
C SER A 2 -8.81 -8.77 -4.83
N GLY A 3 -8.25 -7.69 -5.37
CA GLY A 3 -8.22 -6.43 -4.66
C GLY A 3 -8.28 -5.24 -5.58
N TRP A 4 -7.14 -4.88 -6.15
CA TRP A 4 -7.04 -3.71 -7.00
C TRP A 4 -6.59 -4.06 -8.40
N GLU A 5 -6.93 -3.19 -9.34
CA GLU A 5 -6.57 -3.40 -10.73
C GLU A 5 -5.14 -2.96 -10.98
N SER A 6 -4.29 -3.91 -11.34
CA SER A 6 -2.88 -3.63 -11.58
C SER A 6 -2.65 -3.22 -13.04
N LYS A 7 -3.72 -2.71 -13.66
CA LYS A 7 -3.68 -2.26 -15.06
C LYS A 7 -2.48 -1.38 -15.36
N THR A 8 -2.26 -0.39 -14.50
CA THR A 8 -1.25 0.61 -14.73
C THR A 8 0.17 -0.01 -14.76
N GLY A 9 0.31 -1.19 -14.16
CA GLY A 9 1.58 -1.91 -14.20
C GLY A 9 2.65 -1.28 -13.34
N SER A 10 2.25 -0.41 -12.43
CA SER A 10 3.18 0.34 -11.61
C SER A 10 3.60 -0.44 -10.36
N CYS A 11 2.96 -1.57 -10.10
CA CYS A 11 3.17 -2.27 -8.83
C CYS A 11 3.41 -3.76 -9.05
N ASN A 12 4.33 -4.33 -8.27
CA ASN A 12 4.73 -5.73 -8.45
C ASN A 12 3.91 -6.67 -7.57
N THR A 13 3.47 -6.19 -6.41
CA THR A 13 2.80 -7.05 -5.46
C THR A 13 1.29 -7.02 -5.67
N GLY A 14 0.80 -5.87 -6.10
CA GLY A 14 -0.63 -5.70 -6.27
C GLY A 14 -1.28 -5.13 -5.02
N LYS A 15 -0.47 -4.79 -4.04
CA LYS A 15 -0.98 -4.19 -2.81
C LYS A 15 -1.05 -2.68 -2.99
N LEU A 16 -2.18 -2.20 -3.51
CA LEU A 16 -2.40 -0.79 -3.71
C LEU A 16 -3.15 -0.20 -2.51
N ALA A 17 -2.69 0.94 -2.05
CA ALA A 17 -3.33 1.60 -0.93
C ALA A 17 -3.18 3.12 -1.05
N CYS A 18 -4.18 3.85 -0.60
CA CYS A 18 -4.13 5.30 -0.60
C CYS A 18 -3.51 5.79 0.70
N CYS A 19 -2.25 6.14 0.64
CA CYS A 19 -1.46 6.39 1.83
C CYS A 19 -1.11 7.86 1.98
N ASP A 20 -0.79 8.26 3.21
CA ASP A 20 -0.32 9.61 3.47
C ASP A 20 1.18 9.59 3.56
N THR A 21 1.83 10.13 2.56
CA THR A 21 3.28 10.13 2.50
C THR A 21 3.87 11.09 3.53
N ASN A 22 3.02 11.93 4.09
CA ASN A 22 3.46 12.95 5.04
C ASN A 22 3.29 12.43 6.46
N LYS A 23 2.61 11.31 6.57
CA LYS A 23 2.38 10.67 7.85
C LYS A 23 3.07 9.33 7.89
N LYS A 24 3.63 9.04 9.03
CA LYS A 24 4.46 7.85 9.17
C LYS A 24 3.97 6.97 10.31
N VAL A 25 4.28 5.69 10.22
CA VAL A 25 3.94 4.73 11.27
C VAL A 25 5.23 4.23 11.91
N GLN A 26 5.17 3.89 13.18
CA GLN A 26 6.32 3.37 13.89
C GLN A 26 6.32 1.85 13.88
N LYS A 27 5.61 1.27 12.92
CA LYS A 27 5.49 -0.17 12.81
C LYS A 27 5.86 -0.63 11.41
N SER A 28 6.69 -1.66 11.35
CA SER A 28 7.15 -2.21 10.09
C SER A 28 6.61 -3.62 9.96
N THR A 29 5.34 -3.77 10.32
CA THR A 29 4.69 -5.07 10.36
C THR A 29 3.67 -5.21 9.22
N GLY A 30 3.20 -6.43 9.01
CA GLY A 30 2.28 -6.69 7.92
C GLY A 30 2.03 -8.18 7.73
N GLU A 31 1.77 -8.58 6.49
CA GLU A 31 1.46 -9.98 6.19
C GLU A 31 2.74 -10.78 5.98
N GLU A 32 3.60 -10.28 5.11
CA GLU A 32 4.85 -10.95 4.81
C GLU A 32 6.00 -10.24 5.48
N SER A 33 6.01 -8.91 5.35
CA SER A 33 7.02 -8.09 6.00
C SER A 33 6.85 -8.16 7.52
N GLY A 34 5.66 -8.55 7.96
CA GLY A 34 5.43 -8.75 9.38
C GLY A 34 6.41 -9.75 9.96
N LEU A 35 6.71 -10.78 9.18
CA LEU A 35 7.70 -11.77 9.58
C LEU A 35 9.09 -11.24 9.28
N LEU A 36 9.36 -10.97 8.00
CA LEU A 36 10.64 -10.49 7.57
C LEU A 36 10.56 -9.04 7.12
N HIS A 37 10.92 -8.12 8.02
CA HIS A 37 11.01 -6.72 7.64
C HIS A 37 12.45 -6.24 7.69
N THR A 38 13.00 -6.11 8.89
CA THR A 38 14.35 -5.62 9.08
C THR A 38 15.36 -6.65 8.62
N GLY A 39 14.95 -7.92 8.64
CA GLY A 39 15.84 -8.99 8.26
C GLY A 39 16.02 -9.12 6.77
N ASP A 40 15.31 -8.30 6.02
CA ASP A 40 15.46 -8.27 4.58
C ASP A 40 15.94 -6.90 4.14
N VAL A 41 15.24 -5.88 4.62
CA VAL A 41 15.52 -4.50 4.21
C VAL A 41 15.18 -3.52 5.33
N LEU A 42 16.13 -2.65 5.62
CA LEU A 42 15.94 -1.61 6.64
C LEU A 42 15.39 -0.33 6.03
N ASP A 43 15.38 -0.28 4.70
CA ASP A 43 14.99 0.93 3.99
C ASP A 43 13.49 1.01 3.78
N GLN A 44 12.75 0.00 4.26
CA GLN A 44 11.31 0.01 4.15
C GLN A 44 10.72 1.28 4.75
N VAL A 45 9.67 1.76 4.14
CA VAL A 45 9.02 2.97 4.59
C VAL A 45 7.61 2.66 5.06
N ALA A 46 7.33 3.01 6.29
CA ALA A 46 6.02 2.77 6.88
C ALA A 46 5.25 4.07 6.97
N ILE A 47 4.34 4.27 6.03
CA ILE A 47 3.49 5.44 6.06
C ILE A 47 2.08 5.07 6.45
N GLN A 48 1.43 5.98 7.15
CA GLN A 48 0.10 5.74 7.65
C GLN A 48 -0.89 5.82 6.49
N CYS A 49 -1.56 4.73 6.23
CA CYS A 49 -2.38 4.60 5.05
C CYS A 49 -3.84 4.43 5.45
N THR A 50 -4.74 4.62 4.49
CA THR A 50 -6.15 4.39 4.72
C THR A 50 -6.90 4.26 3.41
N GLN A 51 -7.72 3.23 3.31
CA GLN A 51 -8.45 2.97 2.10
C GLN A 51 -9.95 2.99 2.32
N ILE A 52 -10.63 3.84 1.59
CA ILE A 52 -12.09 3.88 1.58
C ILE A 52 -12.64 2.57 1.02
N PRO A 53 -13.66 1.99 1.69
CA PRO A 53 -14.29 0.72 1.29
C PRO A 53 -14.51 0.61 -0.20
N LEU A 54 -13.75 -0.30 -0.81
CA LEU A 54 -13.66 -0.40 -2.25
C LEU A 54 -14.79 -1.22 -2.86
N LEU A 55 -15.25 -0.77 -4.01
CA LEU A 55 -16.13 -1.57 -4.84
C LEU A 55 -15.29 -2.33 -5.86
N ILE A 56 -15.53 -3.62 -6.00
CA ILE A 56 -14.73 -4.45 -6.88
C ILE A 56 -14.95 -4.04 -8.33
N GLY A 57 -13.86 -3.87 -9.05
CA GLY A 57 -13.93 -3.39 -10.42
C GLY A 57 -13.61 -1.91 -10.51
N ILE A 58 -13.43 -1.27 -9.37
CA ILE A 58 -13.11 0.14 -9.33
C ILE A 58 -11.62 0.36 -9.13
N ALA A 59 -11.16 1.47 -9.67
CA ALA A 59 -9.79 1.91 -9.55
C ALA A 59 -9.58 2.65 -8.24
N ILE A 60 -8.51 2.27 -7.54
CA ILE A 60 -8.17 2.80 -6.22
C ILE A 60 -8.10 4.33 -6.22
N GLU A 61 -7.64 4.86 -7.34
CA GLU A 61 -7.37 6.27 -7.48
C GLU A 61 -8.66 7.08 -7.60
N ASP A 62 -9.75 6.40 -7.93
CA ASP A 62 -11.06 7.06 -8.00
C ASP A 62 -11.96 6.55 -6.88
N GLU A 63 -11.41 5.73 -6.01
CA GLU A 63 -12.15 5.19 -4.89
C GLU A 63 -11.92 6.02 -3.65
N CYS A 64 -10.68 6.44 -3.45
CA CYS A 64 -10.29 7.14 -2.24
C CYS A 64 -10.09 8.62 -2.52
N LYS A 65 -9.66 9.36 -1.50
CA LYS A 65 -9.36 10.78 -1.66
C LYS A 65 -7.95 11.07 -1.14
N ASN A 66 -7.04 10.12 -1.35
CA ASN A 66 -5.65 10.27 -0.94
C ASN A 66 -4.72 9.82 -2.05
N THR A 67 -3.43 9.72 -1.76
CA THR A 67 -2.44 9.41 -2.78
C THR A 67 -2.38 7.91 -3.06
N PRO A 68 -2.55 7.55 -4.33
CA PRO A 68 -2.39 6.19 -4.82
C PRO A 68 -0.95 5.70 -4.63
N THR A 69 -0.78 4.68 -3.80
CA THR A 69 0.54 4.11 -3.60
C THR A 69 0.45 2.59 -3.70
N CYS A 70 1.58 1.95 -3.95
CA CYS A 70 1.63 0.49 -3.94
C CYS A 70 2.65 0.02 -2.92
N CYS A 71 2.19 -0.79 -2.01
CA CYS A 71 2.97 -1.21 -0.87
C CYS A 71 3.51 -2.61 -1.09
N GLU A 72 4.72 -2.80 -0.62
CA GLU A 72 5.36 -4.09 -0.67
C GLU A 72 4.80 -4.98 0.43
N ASP A 73 4.15 -4.35 1.40
CA ASP A 73 3.40 -5.04 2.43
C ASP A 73 2.49 -4.05 3.14
N VAL A 74 1.40 -4.52 3.75
CA VAL A 74 0.49 -3.63 4.48
C VAL A 74 -0.17 -4.40 5.63
N GLU A 75 -0.14 -3.82 6.82
CA GLU A 75 -0.79 -4.43 7.98
C GLU A 75 -2.17 -3.80 8.18
N ASP A 76 -3.01 -4.45 8.99
CA ASP A 76 -4.38 -4.01 9.22
C ASP A 76 -5.18 -4.12 7.93
N ASP A 77 -6.23 -3.32 7.80
CA ASP A 77 -6.97 -3.26 6.53
C ASP A 77 -6.13 -2.51 5.49
N GLY A 78 -4.93 -2.13 5.88
CA GLY A 78 -4.06 -1.37 5.00
C GLY A 78 -3.67 -0.04 5.59
N LEU A 79 -3.71 0.07 6.92
CA LEU A 79 -3.38 1.31 7.61
C LEU A 79 -1.87 1.50 7.72
N VAL A 80 -1.13 0.40 7.78
CA VAL A 80 0.32 0.49 7.91
C VAL A 80 0.99 -0.15 6.71
N GLY A 81 1.48 0.69 5.80
CA GLY A 81 2.05 0.18 4.58
C GLY A 81 3.56 0.23 4.57
N ILE A 82 4.15 -0.85 4.10
CA ILE A 82 5.59 -0.96 3.96
C ILE A 82 5.99 -0.70 2.52
N ASN A 83 6.86 0.29 2.31
CA ASN A 83 7.39 0.58 0.99
C ASN A 83 6.28 0.94 0.02
N CYS A 84 5.41 1.84 0.45
CA CYS A 84 4.30 2.27 -0.38
C CYS A 84 4.74 3.39 -1.31
N THR A 85 5.19 3.00 -2.49
CA THR A 85 5.65 3.96 -3.47
C THR A 85 4.47 4.59 -4.19
N PRO A 86 4.41 5.93 -4.25
CA PRO A 86 3.35 6.65 -4.96
C PRO A 86 3.44 6.38 -6.45
N ILE A 87 2.48 5.64 -6.96
CA ILE A 87 2.52 5.16 -8.32
C ILE A 87 2.03 6.21 -9.30
N PRO A 88 2.60 6.22 -10.51
CA PRO A 88 2.19 7.10 -11.59
C PRO A 88 0.87 6.65 -12.19
N LEU A 89 0.10 7.61 -12.64
CA LEU A 89 -1.21 7.34 -13.22
C LEU A 89 -1.09 7.16 -14.72
N ILE A 90 -0.01 6.54 -15.16
CA ILE A 90 0.28 6.43 -16.57
C ILE A 90 0.65 5.00 -16.94
N GLY A 1 -10.00 -7.24 -0.63
CA GLY A 1 -8.61 -7.80 -0.59
C GLY A 1 -7.61 -6.89 -1.27
N SER A 2 -6.56 -7.47 -1.81
CA SER A 2 -5.51 -6.70 -2.46
C SER A 2 -5.59 -6.86 -3.98
N GLY A 3 -6.81 -7.02 -4.48
CA GLY A 3 -7.01 -7.14 -5.91
C GLY A 3 -7.34 -5.81 -6.54
N TRP A 4 -6.31 -5.01 -6.81
CA TRP A 4 -6.50 -3.69 -7.39
C TRP A 4 -6.17 -3.69 -8.88
N GLU A 5 -6.18 -2.50 -9.47
CA GLU A 5 -5.88 -2.34 -10.89
C GLU A 5 -4.49 -2.86 -11.24
N SER A 6 -4.45 -3.94 -11.99
CA SER A 6 -3.19 -4.56 -12.37
C SER A 6 -2.79 -4.16 -13.78
N LYS A 7 -3.75 -3.70 -14.57
CA LYS A 7 -3.51 -3.31 -15.96
C LYS A 7 -2.58 -2.11 -16.06
N THR A 8 -2.44 -1.39 -14.94
CA THR A 8 -1.62 -0.21 -14.90
C THR A 8 -0.13 -0.58 -14.93
N GLY A 9 0.19 -1.75 -14.38
CA GLY A 9 1.56 -2.22 -14.36
C GLY A 9 2.44 -1.42 -13.42
N SER A 10 1.80 -0.69 -12.52
CA SER A 10 2.50 0.24 -11.65
C SER A 10 3.03 -0.45 -10.40
N CYS A 11 2.48 -1.60 -10.09
CA CYS A 11 2.85 -2.31 -8.87
C CYS A 11 3.18 -3.77 -9.15
N ASN A 12 4.17 -4.29 -8.42
CA ASN A 12 4.62 -5.67 -8.61
C ASN A 12 3.86 -6.61 -7.69
N THR A 13 3.48 -6.10 -6.54
CA THR A 13 2.86 -6.91 -5.52
C THR A 13 1.35 -6.92 -5.66
N GLY A 14 0.81 -5.83 -6.18
CA GLY A 14 -0.62 -5.71 -6.36
C GLY A 14 -1.27 -5.00 -5.21
N LYS A 15 -0.47 -4.54 -4.26
CA LYS A 15 -0.99 -3.85 -3.09
C LYS A 15 -1.01 -2.34 -3.35
N LEU A 16 -2.09 -1.87 -3.94
CA LEU A 16 -2.28 -0.46 -4.18
C LEU A 16 -3.14 0.14 -3.08
N ALA A 17 -2.51 0.78 -2.12
CA ALA A 17 -3.23 1.38 -1.02
C ALA A 17 -3.14 2.90 -1.09
N CYS A 18 -4.20 3.56 -0.68
CA CYS A 18 -4.19 5.01 -0.55
C CYS A 18 -3.53 5.39 0.76
N CYS A 19 -2.33 5.94 0.67
CA CYS A 19 -1.52 6.20 1.84
C CYS A 19 -1.05 7.64 1.88
N ASP A 20 -0.81 8.14 3.09
CA ASP A 20 -0.30 9.49 3.29
C ASP A 20 1.20 9.45 3.42
N THR A 21 1.88 10.00 2.43
CA THR A 21 3.33 10.01 2.42
C THR A 21 3.86 11.05 3.41
N ASN A 22 2.97 11.89 3.91
CA ASN A 22 3.36 12.95 4.82
C ASN A 22 3.20 12.47 6.25
N LYS A 23 2.59 11.31 6.38
CA LYS A 23 2.36 10.70 7.67
C LYS A 23 3.04 9.36 7.76
N LYS A 24 3.85 9.24 8.78
CA LYS A 24 4.74 8.11 8.93
C LYS A 24 4.34 7.24 10.11
N VAL A 25 4.69 5.98 10.04
CA VAL A 25 4.46 5.04 11.13
C VAL A 25 5.81 4.58 11.67
N GLN A 26 5.86 4.28 12.96
CA GLN A 26 7.10 3.92 13.60
C GLN A 26 7.24 2.40 13.73
N LYS A 27 6.65 1.69 12.79
CA LYS A 27 6.66 0.23 12.83
C LYS A 27 7.11 -0.34 11.49
N SER A 28 8.20 -1.07 11.50
CA SER A 28 8.70 -1.72 10.30
C SER A 28 8.57 -3.23 10.42
N THR A 29 7.36 -3.68 10.73
CA THR A 29 7.11 -5.09 10.92
C THR A 29 6.48 -5.72 9.67
N GLY A 30 5.16 -5.78 9.63
CA GLY A 30 4.48 -6.39 8.50
C GLY A 30 4.42 -7.90 8.62
N GLU A 31 3.44 -8.52 7.99
CA GLU A 31 3.29 -9.97 8.06
C GLU A 31 3.91 -10.64 6.84
N GLU A 32 3.56 -10.16 5.64
CA GLU A 32 4.03 -10.78 4.43
C GLU A 32 5.48 -10.40 4.15
N SER A 33 5.88 -9.24 4.67
CA SER A 33 7.30 -8.87 4.70
C SER A 33 8.15 -9.97 5.35
N GLY A 34 7.57 -10.66 6.33
CA GLY A 34 8.30 -11.71 7.03
C GLY A 34 8.33 -13.01 6.25
N LEU A 35 7.31 -13.23 5.44
CA LEU A 35 7.22 -14.45 4.64
C LEU A 35 8.17 -14.39 3.46
N LEU A 36 8.46 -13.19 3.02
CA LEU A 36 9.34 -12.98 1.88
C LEU A 36 10.66 -12.35 2.35
N HIS A 37 11.65 -12.31 1.48
CA HIS A 37 12.95 -11.71 1.82
C HIS A 37 12.90 -10.19 1.70
N THR A 38 11.70 -9.67 1.45
CA THR A 38 11.50 -8.24 1.35
C THR A 38 11.59 -7.56 2.72
N GLY A 39 11.20 -8.29 3.76
CA GLY A 39 11.26 -7.76 5.10
C GLY A 39 12.65 -7.85 5.70
N ASP A 40 13.62 -8.14 4.85
CA ASP A 40 15.01 -8.26 5.28
C ASP A 40 15.68 -6.90 5.38
N VAL A 41 15.09 -5.93 4.71
CA VAL A 41 15.56 -4.55 4.78
C VAL A 41 14.90 -3.80 5.92
N LEU A 42 15.66 -2.94 6.57
CA LEU A 42 15.14 -2.11 7.64
C LEU A 42 14.73 -0.75 7.11
N ASP A 43 15.02 -0.50 5.83
CA ASP A 43 14.71 0.78 5.22
C ASP A 43 13.26 0.84 4.76
N GLN A 44 12.53 -0.28 4.90
CA GLN A 44 11.11 -0.31 4.59
C GLN A 44 10.41 0.90 5.19
N VAL A 45 9.62 1.57 4.38
CA VAL A 45 8.98 2.79 4.79
C VAL A 45 7.53 2.55 5.18
N ALA A 46 7.21 2.87 6.41
CA ALA A 46 5.86 2.71 6.92
C ALA A 46 5.14 4.05 6.97
N ILE A 47 4.08 4.17 6.20
CA ILE A 47 3.24 5.36 6.22
C ILE A 47 1.80 4.98 6.52
N GLN A 48 1.03 5.95 6.98
CA GLN A 48 -0.37 5.72 7.29
C GLN A 48 -1.18 5.53 6.04
N CYS A 49 -1.97 4.49 6.04
CA CYS A 49 -2.77 4.12 4.90
C CYS A 49 -4.22 4.00 5.31
N THR A 50 -5.12 4.30 4.38
CA THR A 50 -6.54 4.23 4.64
C THR A 50 -7.32 4.16 3.34
N GLN A 51 -8.28 3.25 3.29
CA GLN A 51 -9.04 3.04 2.09
C GLN A 51 -10.53 3.23 2.36
N ILE A 52 -11.09 4.23 1.71
CA ILE A 52 -12.52 4.49 1.74
C ILE A 52 -13.26 3.26 1.21
N PRO A 53 -14.41 2.88 1.84
CA PRO A 53 -15.15 1.64 1.54
C PRO A 53 -15.11 1.23 0.07
N LEU A 54 -14.73 -0.02 -0.15
CA LEU A 54 -14.43 -0.56 -1.47
C LEU A 54 -15.62 -0.47 -2.41
N LEU A 55 -15.34 -0.05 -3.63
CA LEU A 55 -16.33 -0.02 -4.68
C LEU A 55 -15.99 -1.08 -5.72
N ILE A 56 -17.00 -1.87 -6.11
CA ILE A 56 -16.79 -2.97 -7.04
C ILE A 56 -16.44 -2.44 -8.43
N GLY A 57 -15.41 -3.01 -9.01
CA GLY A 57 -14.97 -2.62 -10.34
C GLY A 57 -14.46 -1.20 -10.40
N ILE A 58 -13.97 -0.69 -9.27
CA ILE A 58 -13.49 0.66 -9.20
C ILE A 58 -11.98 0.72 -8.94
N ALA A 59 -11.39 1.78 -9.45
CA ALA A 59 -9.96 2.03 -9.36
C ALA A 59 -9.58 2.62 -8.01
N ILE A 60 -8.41 2.26 -7.52
CA ILE A 60 -7.90 2.71 -6.22
C ILE A 60 -7.85 4.24 -6.15
N GLU A 61 -7.40 4.86 -7.24
CA GLU A 61 -7.15 6.30 -7.25
C GLU A 61 -8.43 7.08 -7.50
N ASP A 62 -9.52 6.37 -7.77
CA ASP A 62 -10.82 7.00 -7.94
C ASP A 62 -11.70 6.70 -6.73
N GLU A 63 -11.44 5.56 -6.11
CA GLU A 63 -12.19 5.11 -4.95
C GLU A 63 -11.92 6.00 -3.74
N CYS A 64 -10.69 6.43 -3.60
CA CYS A 64 -10.29 7.23 -2.46
C CYS A 64 -9.93 8.64 -2.92
N LYS A 65 -9.58 9.51 -1.97
CA LYS A 65 -9.18 10.87 -2.29
C LYS A 65 -7.84 11.19 -1.65
N ASN A 66 -7.02 10.16 -1.47
CA ASN A 66 -5.68 10.31 -0.91
C ASN A 66 -4.65 10.17 -2.02
N THR A 67 -3.54 9.52 -1.71
CA THR A 67 -2.51 9.25 -2.71
C THR A 67 -2.37 7.75 -2.94
N PRO A 68 -2.38 7.32 -4.20
CA PRO A 68 -2.25 5.92 -4.57
C PRO A 68 -0.80 5.46 -4.49
N THR A 69 -0.55 4.43 -3.69
CA THR A 69 0.80 3.94 -3.49
C THR A 69 0.87 2.43 -3.69
N CYS A 70 1.99 1.96 -4.19
CA CYS A 70 2.25 0.53 -4.32
C CYS A 70 3.06 0.05 -3.13
N CYS A 71 2.40 -0.67 -2.23
CA CYS A 71 3.04 -1.15 -1.01
C CYS A 71 3.59 -2.55 -1.21
N GLU A 72 4.75 -2.79 -0.62
CA GLU A 72 5.39 -4.09 -0.67
C GLU A 72 4.74 -5.02 0.34
N ASP A 73 4.17 -4.43 1.38
CA ASP A 73 3.42 -5.16 2.41
C ASP A 73 2.51 -4.17 3.13
N VAL A 74 1.48 -4.66 3.80
CA VAL A 74 0.61 -3.78 4.60
C VAL A 74 0.20 -4.50 5.88
N GLU A 75 0.32 -3.81 7.00
CA GLU A 75 -0.01 -4.41 8.30
C GLU A 75 -1.34 -3.87 8.81
N ASP A 76 -1.91 -4.57 9.81
CA ASP A 76 -3.20 -4.21 10.38
C ASP A 76 -4.30 -4.41 9.34
N ASP A 77 -5.39 -3.66 9.47
CA ASP A 77 -6.46 -3.70 8.48
C ASP A 77 -5.97 -3.12 7.15
N GLY A 78 -4.76 -2.57 7.17
CA GLY A 78 -4.23 -1.91 5.99
C GLY A 78 -3.91 -0.47 6.30
N LEU A 79 -3.69 -0.17 7.57
CA LEU A 79 -3.47 1.20 8.02
C LEU A 79 -1.98 1.54 8.03
N VAL A 80 -1.13 0.52 7.94
CA VAL A 80 0.31 0.71 7.92
C VAL A 80 0.91 0.03 6.71
N GLY A 81 1.34 0.82 5.74
CA GLY A 81 1.91 0.27 4.54
C GLY A 81 3.42 0.23 4.56
N ILE A 82 3.98 -0.81 3.98
CA ILE A 82 5.43 -0.96 3.91
C ILE A 82 5.92 -0.67 2.50
N ASN A 83 6.84 0.27 2.39
CA ASN A 83 7.47 0.60 1.12
C ASN A 83 6.42 1.00 0.09
N CYS A 84 5.51 1.86 0.52
CA CYS A 84 4.42 2.31 -0.33
C CYS A 84 4.89 3.43 -1.23
N THR A 85 5.33 3.08 -2.42
CA THR A 85 5.81 4.05 -3.38
C THR A 85 4.64 4.63 -4.18
N PRO A 86 4.47 5.97 -4.16
CA PRO A 86 3.38 6.65 -4.84
C PRO A 86 3.45 6.47 -6.35
N ILE A 87 2.34 6.09 -6.95
CA ILE A 87 2.27 5.86 -8.36
C ILE A 87 1.59 7.01 -9.07
N PRO A 88 2.14 7.45 -10.21
CA PRO A 88 1.61 8.56 -10.99
C PRO A 88 0.38 8.17 -11.79
N LEU A 89 -0.42 9.17 -12.11
CA LEU A 89 -1.63 8.97 -12.91
C LEU A 89 -1.36 9.32 -14.37
N ILE A 90 -0.09 9.29 -14.72
CA ILE A 90 0.34 9.76 -16.04
C ILE A 90 1.10 8.67 -16.78
N GLY A 1 -11.63 -9.11 -7.00
CA GLY A 1 -11.31 -9.28 -5.56
C GLY A 1 -9.92 -9.82 -5.35
N SER A 2 -9.49 -9.89 -4.10
CA SER A 2 -8.16 -10.39 -3.73
C SER A 2 -7.08 -9.50 -4.38
N GLY A 3 -6.76 -8.41 -3.70
CA GLY A 3 -5.80 -7.47 -4.23
C GLY A 3 -6.49 -6.31 -4.91
N TRP A 4 -5.73 -5.47 -5.58
CA TRP A 4 -6.30 -4.33 -6.28
C TRP A 4 -6.06 -4.42 -7.78
N GLU A 5 -6.74 -3.55 -8.50
CA GLU A 5 -6.58 -3.45 -9.94
C GLU A 5 -5.19 -2.96 -10.28
N SER A 6 -4.43 -3.78 -10.98
CA SER A 6 -3.10 -3.41 -11.43
C SER A 6 -3.13 -3.17 -12.94
N LYS A 7 -4.31 -2.80 -13.42
CA LYS A 7 -4.53 -2.56 -14.84
C LYS A 7 -3.63 -1.44 -15.34
N THR A 8 -3.46 -0.43 -14.52
CA THR A 8 -2.60 0.70 -14.84
C THR A 8 -1.14 0.26 -14.95
N GLY A 9 -0.82 -0.87 -14.31
CA GLY A 9 0.52 -1.43 -14.39
C GLY A 9 1.54 -0.65 -13.58
N SER A 10 1.06 0.18 -12.67
CA SER A 10 1.94 1.04 -11.89
C SER A 10 2.54 0.31 -10.69
N CYS A 11 1.94 -0.80 -10.30
CA CYS A 11 2.39 -1.52 -9.11
C CYS A 11 2.91 -2.90 -9.49
N ASN A 12 3.98 -3.33 -8.83
CA ASN A 12 4.59 -4.63 -9.11
C ASN A 12 4.05 -5.72 -8.20
N THR A 13 3.58 -5.34 -7.02
CA THR A 13 3.17 -6.31 -6.02
C THR A 13 1.68 -6.58 -6.08
N GLY A 14 0.92 -5.56 -6.47
CA GLY A 14 -0.52 -5.68 -6.48
C GLY A 14 -1.13 -5.21 -5.17
N LYS A 15 -0.26 -4.80 -4.25
CA LYS A 15 -0.71 -4.28 -2.96
C LYS A 15 -0.84 -2.77 -3.05
N LEU A 16 -2.01 -2.32 -3.47
CA LEU A 16 -2.27 -0.90 -3.59
C LEU A 16 -2.99 -0.39 -2.37
N ALA A 17 -2.60 0.78 -1.93
CA ALA A 17 -3.24 1.44 -0.82
C ALA A 17 -3.17 2.94 -1.07
N CYS A 18 -4.07 3.69 -0.46
CA CYS A 18 -3.98 5.14 -0.56
C CYS A 18 -3.36 5.69 0.72
N CYS A 19 -2.06 5.95 0.65
CA CYS A 19 -1.29 6.25 1.84
C CYS A 19 -0.85 7.70 1.86
N ASP A 20 -0.58 8.21 3.06
CA ASP A 20 -0.07 9.55 3.21
C ASP A 20 1.42 9.50 3.41
N THR A 21 2.16 9.94 2.41
CA THR A 21 3.61 9.86 2.44
C THR A 21 4.21 10.85 3.42
N ASN A 22 3.36 11.73 3.95
CA ASN A 22 3.78 12.72 4.91
C ASN A 22 3.42 12.26 6.32
N LYS A 23 2.69 11.16 6.37
CA LYS A 23 2.24 10.58 7.61
C LYS A 23 2.86 9.22 7.81
N LYS A 24 3.66 9.07 8.84
CA LYS A 24 4.42 7.87 9.00
C LYS A 24 4.25 7.24 10.38
N VAL A 25 4.42 5.93 10.43
CA VAL A 25 4.18 5.17 11.64
C VAL A 25 5.50 4.88 12.35
N GLN A 26 5.42 4.76 13.66
CA GLN A 26 6.58 4.48 14.50
C GLN A 26 6.75 2.98 14.68
N LYS A 27 6.02 2.23 13.87
CA LYS A 27 6.09 0.77 13.85
C LYS A 27 6.25 0.30 12.42
N SER A 28 7.03 -0.74 12.21
CA SER A 28 7.28 -1.25 10.88
C SER A 28 7.28 -2.77 10.90
N THR A 29 6.08 -3.33 10.89
CA THR A 29 5.91 -4.77 10.90
C THR A 29 5.23 -5.23 9.61
N GLY A 30 5.64 -6.38 9.11
CA GLY A 30 5.08 -6.87 7.85
C GLY A 30 4.28 -8.14 8.05
N GLU A 31 3.27 -8.32 7.21
CA GLU A 31 2.43 -9.49 7.26
C GLU A 31 2.90 -10.48 6.20
N GLU A 32 3.03 -10.00 4.98
CA GLU A 32 3.53 -10.83 3.88
C GLU A 32 5.03 -10.68 3.77
N SER A 33 5.53 -9.50 4.15
CA SER A 33 6.96 -9.26 4.21
C SER A 33 7.57 -10.07 5.35
N GLY A 34 6.71 -10.49 6.30
CA GLY A 34 7.16 -11.27 7.43
C GLY A 34 7.58 -12.67 7.04
N LEU A 35 7.10 -13.15 5.89
CA LEU A 35 7.48 -14.45 5.38
C LEU A 35 8.95 -14.43 4.97
N LEU A 36 9.39 -13.30 4.46
CA LEU A 36 10.77 -13.10 4.10
C LEU A 36 11.52 -12.47 5.25
N HIS A 37 12.82 -12.32 5.10
CA HIS A 37 13.65 -11.69 6.12
C HIS A 37 13.54 -10.17 6.03
N THR A 38 12.70 -9.71 5.12
CA THR A 38 12.48 -8.30 4.92
C THR A 38 11.61 -7.72 6.04
N GLY A 39 10.81 -8.58 6.66
CA GLY A 39 9.94 -8.13 7.73
C GLY A 39 10.70 -7.86 9.02
N ASP A 40 11.95 -8.31 9.06
CA ASP A 40 12.78 -8.13 10.26
C ASP A 40 13.31 -6.71 10.35
N VAL A 41 13.60 -6.12 9.21
CA VAL A 41 14.14 -4.76 9.19
C VAL A 41 13.06 -3.73 9.45
N LEU A 42 13.39 -2.77 10.30
CA LEU A 42 12.52 -1.65 10.59
C LEU A 42 12.82 -0.54 9.59
N ASP A 43 13.79 -0.80 8.72
CA ASP A 43 14.17 0.13 7.67
C ASP A 43 13.01 0.39 6.72
N GLN A 44 12.16 -0.63 6.56
CA GLN A 44 10.96 -0.51 5.74
C GLN A 44 10.18 0.75 6.10
N VAL A 45 9.73 1.45 5.09
CA VAL A 45 9.02 2.70 5.29
C VAL A 45 7.55 2.42 5.56
N ALA A 46 7.14 2.72 6.78
CA ALA A 46 5.77 2.51 7.20
C ALA A 46 5.03 3.83 7.28
N ILE A 47 4.16 4.07 6.32
CA ILE A 47 3.37 5.29 6.31
C ILE A 47 1.91 4.99 6.60
N GLN A 48 1.22 5.97 7.16
CA GLN A 48 -0.18 5.84 7.49
C GLN A 48 -1.02 5.84 6.25
N CYS A 49 -2.04 5.02 6.27
CA CYS A 49 -2.81 4.74 5.09
C CYS A 49 -4.27 4.55 5.46
N THR A 50 -5.14 4.57 4.47
CA THR A 50 -6.56 4.45 4.72
C THR A 50 -7.29 4.02 3.45
N GLN A 51 -8.42 3.35 3.61
CA GLN A 51 -9.22 2.91 2.50
C GLN A 51 -10.61 3.54 2.59
N ILE A 52 -11.00 4.25 1.55
CA ILE A 52 -12.29 4.92 1.53
C ILE A 52 -13.32 4.00 0.87
N PRO A 53 -14.50 3.85 1.52
CA PRO A 53 -15.56 2.92 1.10
C PRO A 53 -15.67 2.78 -0.42
N LEU A 54 -15.10 1.69 -0.91
CA LEU A 54 -14.99 1.45 -2.34
C LEU A 54 -16.31 0.95 -2.91
N LEU A 55 -16.63 1.42 -4.10
CA LEU A 55 -17.75 0.89 -4.85
C LEU A 55 -17.34 -0.42 -5.47
N ILE A 56 -18.22 -1.42 -5.44
CA ILE A 56 -17.87 -2.74 -5.94
C ILE A 56 -17.50 -2.68 -7.42
N GLY A 57 -16.35 -3.26 -7.73
CA GLY A 57 -15.86 -3.24 -9.10
C GLY A 57 -15.09 -1.97 -9.43
N ILE A 58 -14.93 -1.10 -8.44
CA ILE A 58 -14.24 0.17 -8.67
C ILE A 58 -12.78 0.07 -8.27
N ALA A 59 -11.98 0.89 -8.93
CA ALA A 59 -10.54 0.93 -8.72
C ALA A 59 -10.18 1.84 -7.55
N ILE A 60 -9.05 1.53 -6.92
CA ILE A 60 -8.52 2.34 -5.81
C ILE A 60 -8.41 3.81 -6.20
N GLU A 61 -8.02 4.03 -7.45
CA GLU A 61 -7.76 5.34 -7.98
C GLU A 61 -9.04 6.19 -8.04
N ASP A 62 -10.19 5.53 -7.92
CA ASP A 62 -11.47 6.22 -7.99
C ASP A 62 -12.19 6.24 -6.64
N GLU A 63 -11.67 5.51 -5.67
CA GLU A 63 -12.33 5.43 -4.37
C GLU A 63 -11.77 6.45 -3.39
N CYS A 64 -10.48 6.73 -3.50
CA CYS A 64 -9.83 7.58 -2.51
C CYS A 64 -9.38 8.90 -3.12
N LYS A 65 -9.23 9.92 -2.29
CA LYS A 65 -8.68 11.19 -2.71
C LYS A 65 -7.30 11.37 -2.07
N ASN A 66 -6.67 10.25 -1.76
CA ASN A 66 -5.33 10.25 -1.19
C ASN A 66 -4.33 9.84 -2.24
N THR A 67 -3.10 9.56 -1.83
CA THR A 67 -2.05 9.25 -2.79
C THR A 67 -2.01 7.75 -3.10
N PRO A 68 -2.11 7.42 -4.38
CA PRO A 68 -1.95 6.07 -4.88
C PRO A 68 -0.56 5.54 -4.55
N THR A 69 -0.50 4.52 -3.70
CA THR A 69 0.77 3.96 -3.30
C THR A 69 0.81 2.45 -3.56
N CYS A 70 1.94 1.97 -4.05
CA CYS A 70 2.17 0.54 -4.25
C CYS A 70 3.05 0.01 -3.13
N CYS A 71 2.46 -0.72 -2.20
CA CYS A 71 3.18 -1.19 -1.01
C CYS A 71 3.86 -2.50 -1.32
N GLU A 72 5.03 -2.70 -0.72
CA GLU A 72 5.71 -3.97 -0.79
C GLU A 72 5.02 -4.95 0.16
N ASP A 73 4.34 -4.39 1.15
CA ASP A 73 3.51 -5.15 2.08
C ASP A 73 2.60 -4.17 2.80
N VAL A 74 1.48 -4.65 3.34
CA VAL A 74 0.59 -3.79 4.10
C VAL A 74 0.09 -4.51 5.34
N GLU A 75 0.03 -3.78 6.45
CA GLU A 75 -0.43 -4.35 7.72
C GLU A 75 -1.82 -3.84 8.05
N ASP A 76 -2.55 -4.62 8.86
CA ASP A 76 -3.92 -4.28 9.27
C ASP A 76 -4.84 -4.33 8.07
N ASP A 77 -5.92 -3.54 8.11
CA ASP A 77 -6.81 -3.40 6.95
C ASP A 77 -6.12 -2.60 5.85
N GLY A 78 -4.87 -2.21 6.10
CA GLY A 78 -4.14 -1.41 5.16
C GLY A 78 -3.82 -0.04 5.70
N LEU A 79 -3.80 0.08 7.03
CA LEU A 79 -3.52 1.36 7.68
C LEU A 79 -2.02 1.65 7.70
N VAL A 80 -1.22 0.60 7.62
CA VAL A 80 0.22 0.74 7.63
C VAL A 80 0.81 0.07 6.40
N GLY A 81 1.29 0.87 5.46
CA GLY A 81 1.84 0.32 4.25
C GLY A 81 3.34 0.32 4.27
N ILE A 82 3.92 -0.81 3.87
CA ILE A 82 5.36 -0.97 3.90
C ILE A 82 5.95 -0.66 2.55
N ASN A 83 6.80 0.34 2.53
CA ASN A 83 7.55 0.70 1.32
C ASN A 83 6.61 1.01 0.17
N CYS A 84 5.56 1.74 0.48
CA CYS A 84 4.58 2.11 -0.51
C CYS A 84 5.09 3.26 -1.36
N THR A 85 5.48 2.94 -2.58
CA THR A 85 5.96 3.94 -3.51
C THR A 85 4.76 4.59 -4.20
N PRO A 86 4.71 5.92 -4.20
CA PRO A 86 3.64 6.67 -4.87
C PRO A 86 3.63 6.39 -6.36
N ILE A 87 2.53 5.85 -6.84
CA ILE A 87 2.44 5.43 -8.21
C ILE A 87 1.57 6.37 -9.04
N PRO A 88 1.93 6.53 -10.32
CA PRO A 88 1.24 7.42 -11.22
C PRO A 88 0.06 6.76 -11.90
N LEU A 89 -0.85 7.59 -12.40
CA LEU A 89 -2.10 7.12 -12.96
C LEU A 89 -1.95 6.76 -14.43
N ILE A 90 -0.71 6.50 -14.84
CA ILE A 90 -0.39 6.27 -16.24
C ILE A 90 0.44 5.01 -16.41
N GLY A 1 -6.77 -13.21 -6.26
CA GLY A 1 -6.32 -12.17 -7.23
C GLY A 1 -5.07 -11.46 -6.74
N SER A 2 -4.81 -10.29 -7.29
CA SER A 2 -3.65 -9.50 -6.90
C SER A 2 -4.01 -8.55 -5.77
N GLY A 3 -5.31 -8.45 -5.47
CA GLY A 3 -5.79 -7.52 -4.48
C GLY A 3 -6.42 -6.31 -5.13
N TRP A 4 -5.59 -5.45 -5.66
CA TRP A 4 -6.05 -4.33 -6.47
C TRP A 4 -5.64 -4.54 -7.91
N GLU A 5 -6.18 -3.72 -8.80
CA GLU A 5 -5.89 -3.85 -10.21
C GLU A 5 -4.52 -3.27 -10.52
N SER A 6 -3.56 -4.13 -10.80
CA SER A 6 -2.24 -3.72 -11.23
C SER A 6 -2.17 -3.70 -12.74
N LYS A 7 -3.34 -3.79 -13.37
CA LYS A 7 -3.45 -3.81 -14.83
C LYS A 7 -2.87 -2.53 -15.45
N THR A 8 -2.76 -1.49 -14.63
CA THR A 8 -2.22 -0.23 -15.07
C THR A 8 -0.70 -0.31 -15.23
N GLY A 9 -0.10 -1.36 -14.63
CA GLY A 9 1.34 -1.50 -14.65
C GLY A 9 2.00 -0.68 -13.56
N SER A 10 1.20 -0.26 -12.60
CA SER A 10 1.65 0.65 -11.56
C SER A 10 2.27 -0.09 -10.37
N CYS A 11 1.83 -1.30 -10.12
CA CYS A 11 2.27 -2.04 -8.95
C CYS A 11 2.73 -3.42 -9.31
N ASN A 12 3.79 -3.84 -8.65
CA ASN A 12 4.40 -5.14 -8.86
C ASN A 12 3.82 -6.19 -7.90
N THR A 13 3.43 -5.75 -6.71
CA THR A 13 2.96 -6.67 -5.68
C THR A 13 1.44 -6.82 -5.71
N GLY A 14 0.75 -5.77 -6.12
CA GLY A 14 -0.70 -5.82 -6.20
C GLY A 14 -1.37 -5.13 -5.04
N LYS A 15 -0.59 -4.76 -4.02
CA LYS A 15 -1.15 -4.11 -2.85
C LYS A 15 -1.17 -2.60 -3.05
N LEU A 16 -2.24 -2.10 -3.64
CA LEU A 16 -2.42 -0.67 -3.80
C LEU A 16 -3.16 -0.11 -2.60
N ALA A 17 -2.73 1.03 -2.11
CA ALA A 17 -3.35 1.62 -0.95
C ALA A 17 -3.39 3.13 -1.07
N CYS A 18 -4.30 3.75 -0.36
CA CYS A 18 -4.33 5.19 -0.23
C CYS A 18 -3.52 5.59 1.00
N CYS A 19 -2.30 6.04 0.77
CA CYS A 19 -1.39 6.28 1.86
C CYS A 19 -0.93 7.73 1.89
N ASP A 20 -0.78 8.25 3.10
CA ASP A 20 -0.34 9.62 3.29
C ASP A 20 1.16 9.62 3.48
N THR A 21 1.85 10.11 2.48
CA THR A 21 3.31 10.12 2.50
C THR A 21 3.85 11.19 3.45
N ASN A 22 2.95 12.00 3.97
CA ASN A 22 3.30 13.05 4.91
C ASN A 22 3.18 12.50 6.32
N LYS A 23 2.42 11.43 6.43
CA LYS A 23 2.22 10.75 7.68
C LYS A 23 3.02 9.47 7.74
N LYS A 24 3.65 9.26 8.86
CA LYS A 24 4.54 8.13 9.04
C LYS A 24 4.05 7.27 10.18
N VAL A 25 4.44 6.00 10.17
CA VAL A 25 4.05 5.08 11.23
C VAL A 25 5.25 4.66 12.04
N GLN A 26 5.01 4.36 13.30
CA GLN A 26 6.05 3.99 14.26
C GLN A 26 6.50 2.53 14.07
N LYS A 27 6.43 2.03 12.84
CA LYS A 27 6.68 0.63 12.57
C LYS A 27 7.61 0.46 11.38
N SER A 28 8.23 -0.71 11.30
CA SER A 28 9.09 -1.06 10.18
C SER A 28 9.00 -2.56 9.93
N THR A 29 7.89 -3.14 10.38
CA THR A 29 7.68 -4.57 10.29
C THR A 29 6.74 -4.94 9.15
N GLY A 30 7.00 -6.08 8.53
CA GLY A 30 6.11 -6.59 7.50
C GLY A 30 5.55 -7.93 7.90
N GLU A 31 4.40 -8.29 7.35
CA GLU A 31 3.74 -9.54 7.69
C GLU A 31 3.99 -10.60 6.64
N GLU A 32 3.76 -10.26 5.38
CA GLU A 32 3.96 -11.19 4.28
C GLU A 32 5.32 -10.99 3.65
N SER A 33 5.79 -9.75 3.66
CA SER A 33 7.12 -9.42 3.14
C SER A 33 8.20 -10.18 3.91
N GLY A 34 7.90 -10.53 5.16
CA GLY A 34 8.84 -11.27 5.97
C GLY A 34 9.07 -12.68 5.44
N LEU A 35 8.06 -13.24 4.78
CA LEU A 35 8.19 -14.58 4.20
C LEU A 35 8.84 -14.50 2.83
N LEU A 36 8.68 -13.34 2.19
CA LEU A 36 9.30 -13.09 0.91
C LEU A 36 10.71 -12.56 1.14
N HIS A 37 11.52 -12.49 0.09
CA HIS A 37 12.89 -12.04 0.22
C HIS A 37 12.99 -10.53 0.09
N THR A 38 11.84 -9.87 0.00
CA THR A 38 11.78 -8.42 -0.05
C THR A 38 11.84 -7.84 1.36
N GLY A 39 11.28 -8.56 2.32
CA GLY A 39 11.25 -8.09 3.69
C GLY A 39 12.58 -8.27 4.40
N ASP A 40 13.62 -8.54 3.62
CA ASP A 40 14.97 -8.66 4.16
C ASP A 40 15.51 -7.28 4.50
N VAL A 41 14.98 -6.26 3.83
CA VAL A 41 15.41 -4.89 4.08
C VAL A 41 14.88 -4.37 5.40
N LEU A 42 15.72 -3.61 6.09
CA LEU A 42 15.35 -3.01 7.35
C LEU A 42 14.91 -1.56 7.13
N ASP A 43 15.05 -1.10 5.89
CA ASP A 43 14.77 0.29 5.56
C ASP A 43 13.32 0.47 5.09
N GLN A 44 12.55 -0.62 5.10
CA GLN A 44 11.13 -0.57 4.74
C GLN A 44 10.45 0.65 5.36
N VAL A 45 9.68 1.32 4.56
CA VAL A 45 9.02 2.54 4.98
C VAL A 45 7.58 2.22 5.35
N ALA A 46 7.14 2.79 6.44
CA ALA A 46 5.77 2.61 6.89
C ALA A 46 5.05 3.94 6.96
N ILE A 47 4.10 4.13 6.05
CA ILE A 47 3.29 5.33 6.04
C ILE A 47 1.84 5.01 6.36
N GLN A 48 1.10 6.02 6.77
CA GLN A 48 -0.27 5.84 7.22
C GLN A 48 -1.20 5.72 6.04
N CYS A 49 -2.01 4.69 6.06
CA CYS A 49 -2.86 4.36 4.96
C CYS A 49 -4.30 4.17 5.42
N THR A 50 -5.22 4.37 4.50
CA THR A 50 -6.64 4.28 4.80
C THR A 50 -7.41 3.99 3.53
N GLN A 51 -8.38 3.08 3.60
CA GLN A 51 -9.11 2.69 2.42
C GLN A 51 -10.61 2.96 2.58
N ILE A 52 -11.11 3.89 1.78
CA ILE A 52 -12.52 4.23 1.76
C ILE A 52 -13.29 3.17 0.96
N PRO A 53 -14.45 2.69 1.50
CA PRO A 53 -15.22 1.57 0.95
C PRO A 53 -15.18 1.50 -0.57
N LEU A 54 -14.62 0.40 -1.06
CA LEU A 54 -14.29 0.25 -2.47
C LEU A 54 -15.34 -0.58 -3.21
N LEU A 55 -15.62 -0.18 -4.43
CA LEU A 55 -16.38 -1.01 -5.34
C LEU A 55 -15.42 -2.03 -5.96
N ILE A 56 -15.82 -3.30 -5.99
CA ILE A 56 -14.96 -4.33 -6.52
C ILE A 56 -14.76 -4.13 -8.01
N GLY A 57 -13.50 -4.13 -8.43
CA GLY A 57 -13.17 -3.87 -9.81
C GLY A 57 -12.92 -2.40 -10.06
N ILE A 58 -12.85 -1.63 -8.98
CA ILE A 58 -12.56 -0.21 -9.06
C ILE A 58 -11.09 0.06 -8.77
N ALA A 59 -10.62 1.19 -9.24
CA ALA A 59 -9.25 1.61 -9.07
C ALA A 59 -9.08 2.41 -7.78
N ILE A 60 -7.98 2.11 -7.08
CA ILE A 60 -7.63 2.74 -5.79
C ILE A 60 -7.63 4.26 -5.88
N GLU A 61 -7.16 4.79 -7.00
CA GLU A 61 -6.99 6.23 -7.18
C GLU A 61 -8.32 6.90 -7.51
N ASP A 62 -9.29 6.11 -7.95
CA ASP A 62 -10.60 6.65 -8.30
C ASP A 62 -11.60 6.36 -7.20
N GLU A 63 -11.15 5.65 -6.18
CA GLU A 63 -12.02 5.29 -5.07
C GLU A 63 -11.77 6.18 -3.87
N CYS A 64 -10.59 6.78 -3.81
CA CYS A 64 -10.23 7.61 -2.69
C CYS A 64 -9.58 8.90 -3.17
N LYS A 65 -9.62 9.94 -2.35
CA LYS A 65 -9.05 11.23 -2.71
C LYS A 65 -7.73 11.46 -1.97
N ASN A 66 -6.91 10.43 -1.95
CA ASN A 66 -5.60 10.51 -1.31
C ASN A 66 -4.52 10.11 -2.30
N THR A 67 -3.32 9.84 -1.82
CA THR A 67 -2.23 9.43 -2.67
C THR A 67 -2.25 7.92 -2.87
N PRO A 68 -2.22 7.48 -4.12
CA PRO A 68 -2.19 6.07 -4.45
C PRO A 68 -0.78 5.51 -4.34
N THR A 69 -0.63 4.46 -3.56
CA THR A 69 0.66 3.85 -3.38
C THR A 69 0.64 2.36 -3.72
N CYS A 70 1.80 1.85 -4.11
CA CYS A 70 1.98 0.41 -4.29
C CYS A 70 2.84 -0.14 -3.16
N CYS A 71 2.21 -0.81 -2.21
CA CYS A 71 2.90 -1.31 -1.04
C CYS A 71 3.52 -2.67 -1.34
N GLU A 72 4.70 -2.90 -0.82
CA GLU A 72 5.33 -4.18 -0.88
C GLU A 72 4.66 -5.11 0.13
N ASP A 73 4.12 -4.50 1.18
CA ASP A 73 3.36 -5.21 2.20
C ASP A 73 2.50 -4.21 2.94
N VAL A 74 1.48 -4.67 3.66
CA VAL A 74 0.66 -3.78 4.47
C VAL A 74 0.31 -4.44 5.80
N GLU A 75 0.45 -3.70 6.88
CA GLU A 75 0.19 -4.22 8.22
C GLU A 75 -1.15 -3.66 8.75
N ASP A 76 -1.66 -4.26 9.82
CA ASP A 76 -2.94 -3.88 10.43
C ASP A 76 -4.08 -4.21 9.46
N ASP A 77 -5.17 -3.47 9.53
CA ASP A 77 -6.25 -3.62 8.56
C ASP A 77 -5.91 -2.89 7.26
N GLY A 78 -4.63 -2.68 7.02
CA GLY A 78 -4.19 -1.95 5.86
C GLY A 78 -3.89 -0.50 6.18
N LEU A 79 -3.59 -0.23 7.45
CA LEU A 79 -3.33 1.14 7.89
C LEU A 79 -1.87 1.49 7.77
N VAL A 80 -1.03 0.48 7.64
CA VAL A 80 0.42 0.69 7.61
C VAL A 80 1.02 0.03 6.38
N GLY A 81 1.35 0.84 5.39
CA GLY A 81 1.88 0.29 4.16
C GLY A 81 3.39 0.28 4.15
N ILE A 82 3.95 -0.86 3.74
CA ILE A 82 5.39 -1.05 3.70
C ILE A 82 5.92 -0.80 2.31
N ASN A 83 6.92 0.07 2.21
CA ASN A 83 7.58 0.36 0.94
C ASN A 83 6.56 0.75 -0.11
N CYS A 84 5.62 1.57 0.29
CA CYS A 84 4.54 1.97 -0.60
C CYS A 84 4.97 3.19 -1.41
N THR A 85 5.30 2.94 -2.66
CA THR A 85 5.70 4.01 -3.55
C THR A 85 4.47 4.68 -4.15
N PRO A 86 4.42 6.01 -4.09
CA PRO A 86 3.30 6.78 -4.58
C PRO A 86 3.27 6.83 -6.09
N ILE A 87 2.30 6.16 -6.67
CA ILE A 87 2.20 6.02 -8.10
C ILE A 87 1.50 7.23 -8.71
N PRO A 88 2.02 7.73 -9.84
CA PRO A 88 1.45 8.88 -10.55
C PRO A 88 0.14 8.54 -11.23
N LEU A 89 -0.66 9.56 -11.50
CA LEU A 89 -1.96 9.38 -12.13
C LEU A 89 -1.85 9.47 -13.64
N ILE A 90 -0.68 9.19 -14.17
CA ILE A 90 -0.42 9.35 -15.57
C ILE A 90 0.06 8.04 -16.19
N GLY A 1 -4.70 -12.33 -1.62
CA GLY A 1 -5.86 -12.82 -2.40
C GLY A 1 -6.10 -11.99 -3.64
N SER A 2 -7.01 -11.03 -3.54
CA SER A 2 -7.33 -10.17 -4.67
C SER A 2 -6.54 -8.86 -4.59
N GLY A 3 -5.84 -8.53 -5.66
CA GLY A 3 -5.10 -7.29 -5.69
C GLY A 3 -5.84 -6.20 -6.43
N TRP A 4 -5.30 -5.00 -6.41
CA TRP A 4 -5.93 -3.86 -7.08
C TRP A 4 -5.59 -3.81 -8.56
N GLU A 5 -6.08 -2.79 -9.22
CA GLU A 5 -5.84 -2.60 -10.64
C GLU A 5 -4.44 -2.06 -10.87
N SER A 6 -3.55 -2.89 -11.37
CA SER A 6 -2.18 -2.51 -11.64
C SER A 6 -1.94 -2.49 -13.15
N LYS A 7 -3.01 -2.25 -13.89
CA LYS A 7 -3.00 -2.35 -15.35
C LYS A 7 -1.97 -1.43 -16.00
N THR A 8 -1.61 -0.34 -15.33
CA THR A 8 -0.67 0.61 -15.90
C THR A 8 0.77 0.27 -15.50
N GLY A 9 0.95 -0.87 -14.82
CA GLY A 9 2.27 -1.27 -14.39
C GLY A 9 2.71 -0.53 -13.14
N SER A 10 1.74 0.06 -12.46
CA SER A 10 2.01 0.94 -11.33
C SER A 10 2.57 0.19 -10.13
N CYS A 11 2.18 -1.06 -9.96
CA CYS A 11 2.60 -1.81 -8.80
C CYS A 11 3.11 -3.20 -9.17
N ASN A 12 4.16 -3.62 -8.49
CA ASN A 12 4.76 -4.93 -8.73
C ASN A 12 4.18 -5.99 -7.80
N THR A 13 3.76 -5.57 -6.61
CA THR A 13 3.32 -6.51 -5.59
C THR A 13 1.81 -6.70 -5.58
N GLY A 14 1.06 -5.67 -5.95
CA GLY A 14 -0.38 -5.80 -6.06
C GLY A 14 -1.12 -5.15 -4.90
N LYS A 15 -0.43 -4.89 -3.80
CA LYS A 15 -1.07 -4.25 -2.66
C LYS A 15 -1.06 -2.73 -2.82
N LEU A 16 -2.11 -2.22 -3.44
CA LEU A 16 -2.27 -0.78 -3.56
C LEU A 16 -3.10 -0.26 -2.40
N ALA A 17 -2.69 0.88 -1.85
CA ALA A 17 -3.43 1.50 -0.78
C ALA A 17 -3.34 3.01 -0.88
N CYS A 18 -4.36 3.69 -0.37
CA CYS A 18 -4.37 5.14 -0.34
C CYS A 18 -3.70 5.63 0.94
N CYS A 19 -2.43 6.00 0.82
CA CYS A 19 -1.60 6.22 1.99
C CYS A 19 -1.13 7.68 2.07
N ASP A 20 -0.68 8.08 3.26
CA ASP A 20 -0.10 9.40 3.47
C ASP A 20 1.42 9.29 3.46
N THR A 21 2.02 9.61 2.32
CA THR A 21 3.45 9.44 2.12
C THR A 21 4.27 10.43 2.93
N ASN A 22 3.60 11.39 3.56
CA ASN A 22 4.27 12.45 4.28
C ASN A 22 4.19 12.15 5.76
N LYS A 23 3.38 11.17 6.05
CA LYS A 23 3.11 10.74 7.40
C LYS A 23 3.55 9.29 7.59
N LYS A 24 4.73 9.14 8.19
CA LYS A 24 5.31 7.83 8.44
C LYS A 24 4.81 7.26 9.76
N VAL A 25 5.11 5.99 9.99
CA VAL A 25 4.77 5.31 11.23
C VAL A 25 6.05 4.84 11.91
N GLN A 26 6.01 4.76 13.23
CA GLN A 26 7.20 4.46 14.04
C GLN A 26 7.62 2.99 13.98
N LYS A 27 7.25 2.29 12.92
CA LYS A 27 7.49 0.86 12.83
C LYS A 27 8.00 0.46 11.46
N SER A 28 8.63 -0.69 11.39
CA SER A 28 9.11 -1.25 10.13
C SER A 28 8.74 -2.73 10.05
N THR A 29 7.56 -3.04 10.54
CA THR A 29 7.06 -4.41 10.59
C THR A 29 6.33 -4.78 9.31
N GLY A 30 5.71 -5.95 9.30
CA GLY A 30 4.96 -6.38 8.13
C GLY A 30 4.25 -7.69 8.37
N GLU A 31 3.08 -7.85 7.77
CA GLU A 31 2.28 -9.05 7.94
C GLU A 31 2.77 -10.16 7.02
N GLU A 32 2.92 -9.82 5.75
CA GLU A 32 3.39 -10.77 4.76
C GLU A 32 4.89 -10.57 4.54
N SER A 33 5.31 -9.31 4.54
CA SER A 33 6.73 -9.00 4.42
C SER A 33 7.48 -9.50 5.63
N GLY A 34 6.79 -9.55 6.78
CA GLY A 34 7.40 -10.02 8.00
C GLY A 34 7.65 -11.52 7.98
N LEU A 35 6.98 -12.21 7.06
CA LEU A 35 7.18 -13.64 6.89
C LEU A 35 8.36 -13.88 5.96
N LEU A 36 8.57 -12.95 5.04
CA LEU A 36 9.66 -13.03 4.08
C LEU A 36 10.89 -12.33 4.67
N HIS A 37 12.02 -12.42 3.99
CA HIS A 37 13.25 -11.79 4.46
C HIS A 37 13.20 -10.27 4.25
N THR A 38 12.17 -9.81 3.56
CA THR A 38 12.00 -8.39 3.30
C THR A 38 11.67 -7.62 4.58
N GLY A 39 11.13 -8.32 5.56
CA GLY A 39 10.76 -7.68 6.81
C GLY A 39 11.92 -7.54 7.78
N ASP A 40 13.08 -8.08 7.39
CA ASP A 40 14.27 -8.04 8.23
C ASP A 40 14.80 -6.62 8.36
N VAL A 41 14.55 -5.82 7.34
CA VAL A 41 15.15 -4.50 7.24
C VAL A 41 14.32 -3.43 7.91
N LEU A 42 15.02 -2.43 8.44
CA LEU A 42 14.41 -1.23 8.96
C LEU A 42 14.21 -0.26 7.79
N ASP A 43 14.76 -0.63 6.64
CA ASP A 43 14.63 0.16 5.41
C ASP A 43 13.18 0.32 5.01
N GLN A 44 12.36 -0.68 5.33
CA GLN A 44 10.93 -0.62 5.02
C GLN A 44 10.34 0.68 5.50
N VAL A 45 9.67 1.36 4.60
CA VAL A 45 9.07 2.64 4.91
C VAL A 45 7.58 2.47 5.19
N ALA A 46 7.21 2.59 6.44
CA ALA A 46 5.83 2.45 6.85
C ALA A 46 5.17 3.81 6.93
N ILE A 47 4.09 3.98 6.19
CA ILE A 47 3.32 5.21 6.23
C ILE A 47 1.88 4.92 6.61
N GLN A 48 1.21 5.94 7.11
CA GLN A 48 -0.18 5.83 7.52
C GLN A 48 -1.05 5.71 6.29
N CYS A 49 -2.05 4.84 6.34
CA CYS A 49 -2.85 4.56 5.17
C CYS A 49 -4.31 4.35 5.56
N THR A 50 -5.19 4.57 4.60
CA THR A 50 -6.61 4.35 4.78
C THR A 50 -7.29 4.27 3.43
N GLN A 51 -7.96 3.16 3.17
CA GLN A 51 -8.63 2.97 1.91
C GLN A 51 -10.12 2.75 2.11
N ILE A 52 -10.90 3.69 1.59
CA ILE A 52 -12.37 3.63 1.62
C ILE A 52 -12.85 2.29 1.06
N PRO A 53 -13.82 1.64 1.74
CA PRO A 53 -14.32 0.29 1.40
C PRO A 53 -14.30 -0.03 -0.08
N LEU A 54 -13.36 -0.89 -0.46
CA LEU A 54 -13.02 -1.15 -1.86
C LEU A 54 -14.20 -1.65 -2.69
N LEU A 55 -14.25 -1.16 -3.92
CA LEU A 55 -15.19 -1.62 -4.92
C LEU A 55 -14.45 -2.36 -6.02
N ILE A 56 -14.73 -3.65 -6.16
CA ILE A 56 -14.04 -4.46 -7.15
C ILE A 56 -14.34 -3.98 -8.57
N GLY A 57 -13.31 -3.97 -9.39
CA GLY A 57 -13.45 -3.51 -10.75
C GLY A 57 -13.04 -2.07 -10.93
N ILE A 58 -13.10 -1.29 -9.86
CA ILE A 58 -12.76 0.13 -9.94
C ILE A 58 -11.32 0.40 -9.52
N ALA A 59 -10.78 1.46 -10.08
CA ALA A 59 -9.44 1.91 -9.79
C ALA A 59 -9.38 2.63 -8.46
N ILE A 60 -8.50 2.13 -7.59
CA ILE A 60 -8.29 2.70 -6.25
C ILE A 60 -7.96 4.18 -6.34
N GLU A 61 -7.29 4.54 -7.42
CA GLU A 61 -6.78 5.87 -7.63
C GLU A 61 -7.90 6.90 -7.67
N ASP A 62 -9.07 6.48 -8.12
CA ASP A 62 -10.23 7.35 -8.20
C ASP A 62 -11.23 7.00 -7.10
N GLU A 63 -11.12 5.78 -6.59
CA GLU A 63 -12.07 5.26 -5.63
C GLU A 63 -12.01 6.02 -4.31
N CYS A 64 -10.79 6.31 -3.88
CA CYS A 64 -10.58 6.98 -2.61
C CYS A 64 -10.22 8.43 -2.87
N LYS A 65 -9.87 9.15 -1.81
CA LYS A 65 -9.50 10.56 -1.94
C LYS A 65 -8.21 10.86 -1.19
N ASN A 66 -7.25 9.96 -1.35
CA ASN A 66 -5.90 10.14 -0.82
C ASN A 66 -4.90 9.70 -1.88
N THR A 67 -3.62 9.61 -1.52
CA THR A 67 -2.62 9.25 -2.51
C THR A 67 -2.55 7.74 -2.72
N PRO A 68 -2.75 7.32 -3.96
CA PRO A 68 -2.59 5.94 -4.37
C PRO A 68 -1.14 5.51 -4.30
N THR A 69 -0.86 4.45 -3.56
CA THR A 69 0.50 3.98 -3.43
C THR A 69 0.58 2.46 -3.64
N CYS A 70 1.71 2.00 -4.16
CA CYS A 70 1.99 0.58 -4.27
C CYS A 70 2.78 0.12 -3.06
N CYS A 71 2.16 -0.69 -2.23
CA CYS A 71 2.81 -1.18 -1.02
C CYS A 71 3.35 -2.58 -1.25
N GLU A 72 4.53 -2.82 -0.72
CA GLU A 72 5.16 -4.12 -0.78
C GLU A 72 4.51 -5.05 0.23
N ASP A 73 3.93 -4.45 1.26
CA ASP A 73 3.11 -5.16 2.24
C ASP A 73 2.29 -4.15 3.01
N VAL A 74 1.27 -4.59 3.74
CA VAL A 74 0.47 -3.66 4.55
C VAL A 74 0.08 -4.34 5.86
N GLU A 75 0.18 -3.59 6.95
CA GLU A 75 -0.18 -4.08 8.27
C GLU A 75 -1.55 -3.55 8.66
N ASP A 76 -2.18 -4.19 9.65
CA ASP A 76 -3.56 -3.89 10.06
C ASP A 76 -4.49 -4.19 8.90
N ASP A 77 -5.64 -3.53 8.87
CA ASP A 77 -6.56 -3.66 7.74
C ASP A 77 -6.08 -2.82 6.56
N GLY A 78 -4.87 -2.29 6.71
CA GLY A 78 -4.29 -1.45 5.68
C GLY A 78 -3.95 -0.06 6.17
N LEU A 79 -3.79 0.08 7.48
CA LEU A 79 -3.50 1.37 8.09
C LEU A 79 -2.02 1.69 8.03
N VAL A 80 -1.19 0.68 7.93
CA VAL A 80 0.25 0.88 7.91
C VAL A 80 0.85 0.15 6.72
N GLY A 81 1.26 0.90 5.72
CA GLY A 81 1.77 0.30 4.51
C GLY A 81 3.28 0.24 4.49
N ILE A 82 3.81 -0.83 3.92
CA ILE A 82 5.24 -1.02 3.83
C ILE A 82 5.73 -0.70 2.44
N ASN A 83 6.60 0.29 2.35
CA ASN A 83 7.26 0.63 1.11
C ASN A 83 6.24 1.06 0.06
N CYS A 84 5.29 1.88 0.49
CA CYS A 84 4.21 2.34 -0.37
C CYS A 84 4.65 3.53 -1.20
N THR A 85 5.01 3.26 -2.45
CA THR A 85 5.42 4.31 -3.37
C THR A 85 4.21 4.85 -4.12
N PRO A 86 4.09 6.19 -4.17
CA PRO A 86 2.97 6.85 -4.80
C PRO A 86 2.96 6.67 -6.31
N ILE A 87 1.85 6.20 -6.83
CA ILE A 87 1.74 5.87 -8.23
C ILE A 87 0.90 6.91 -8.98
N PRO A 88 1.15 7.09 -10.28
CA PRO A 88 0.42 8.05 -11.11
C PRO A 88 -1.02 7.61 -11.36
N LEU A 89 -1.88 8.59 -11.60
CA LEU A 89 -3.30 8.34 -11.85
C LEU A 89 -3.55 7.99 -13.31
N ILE A 90 -2.52 7.50 -13.98
CA ILE A 90 -2.60 7.26 -15.40
C ILE A 90 -2.16 5.85 -15.76
N GLY A 1 -6.48 -8.02 -10.31
CA GLY A 1 -5.21 -7.86 -9.55
C GLY A 1 -5.20 -8.71 -8.30
N SER A 2 -4.08 -8.74 -7.60
CA SER A 2 -3.98 -9.48 -6.35
C SER A 2 -4.85 -8.82 -5.29
N GLY A 3 -4.64 -7.54 -5.10
CA GLY A 3 -5.50 -6.76 -4.23
C GLY A 3 -6.22 -5.69 -5.02
N TRP A 4 -5.49 -5.03 -5.90
CA TRP A 4 -6.04 -4.00 -6.76
C TRP A 4 -5.52 -4.16 -8.18
N GLU A 5 -6.21 -3.57 -9.14
CA GLU A 5 -5.81 -3.62 -10.53
C GLU A 5 -4.48 -2.91 -10.76
N SER A 6 -3.45 -3.69 -11.02
CA SER A 6 -2.11 -3.16 -11.21
C SER A 6 -1.73 -3.18 -12.70
N LYS A 7 -2.75 -3.12 -13.56
CA LYS A 7 -2.55 -3.21 -15.01
C LYS A 7 -1.66 -2.10 -15.53
N THR A 8 -1.44 -1.07 -14.72
CA THR A 8 -0.59 0.04 -15.10
C THR A 8 0.88 -0.36 -15.10
N GLY A 9 1.16 -1.49 -14.45
CA GLY A 9 2.54 -1.95 -14.30
C GLY A 9 3.30 -1.10 -13.31
N SER A 10 2.59 -0.22 -12.62
CA SER A 10 3.20 0.71 -11.69
C SER A 10 3.31 0.09 -10.30
N CYS A 11 2.68 -1.06 -10.11
CA CYS A 11 2.79 -1.76 -8.84
C CYS A 11 3.31 -3.17 -9.05
N ASN A 12 4.18 -3.59 -8.14
CA ASN A 12 4.83 -4.89 -8.22
C ASN A 12 4.08 -5.95 -7.41
N THR A 13 3.47 -5.54 -6.30
CA THR A 13 2.85 -6.48 -5.39
C THR A 13 1.34 -6.54 -5.54
N GLY A 14 0.77 -5.50 -6.13
CA GLY A 14 -0.66 -5.45 -6.36
C GLY A 14 -1.41 -4.84 -5.19
N LYS A 15 -0.68 -4.34 -4.21
CA LYS A 15 -1.29 -3.67 -3.07
C LYS A 15 -1.35 -2.17 -3.30
N LEU A 16 -2.42 -1.72 -3.92
CA LEU A 16 -2.64 -0.30 -4.13
C LEU A 16 -3.46 0.27 -2.99
N ALA A 17 -2.85 1.07 -2.14
CA ALA A 17 -3.55 1.65 -1.01
C ALA A 17 -3.44 3.16 -1.01
N CYS A 18 -4.51 3.81 -0.59
CA CYS A 18 -4.51 5.26 -0.45
C CYS A 18 -3.81 5.64 0.86
N CYS A 19 -2.55 6.00 0.76
CA CYS A 19 -1.73 6.18 1.94
C CYS A 19 -1.33 7.63 2.13
N ASP A 20 -1.01 7.98 3.37
CA ASP A 20 -0.50 9.29 3.72
C ASP A 20 1.02 9.28 3.67
N THR A 21 1.56 9.65 2.51
CA THR A 21 2.99 9.53 2.25
C THR A 21 3.83 10.43 3.14
N ASN A 22 3.18 11.38 3.79
CA ASN A 22 3.89 12.41 4.53
C ASN A 22 3.74 12.15 6.00
N LYS A 23 3.03 11.07 6.28
CA LYS A 23 2.73 10.66 7.62
C LYS A 23 3.22 9.23 7.84
N LYS A 24 4.38 9.13 8.46
CA LYS A 24 5.09 7.88 8.59
C LYS A 24 4.69 7.15 9.87
N VAL A 25 5.03 5.87 9.95
CA VAL A 25 4.68 5.04 11.09
C VAL A 25 5.95 4.55 11.79
N GLN A 26 5.85 4.34 13.09
CA GLN A 26 6.93 3.76 13.86
C GLN A 26 6.92 2.25 13.70
N LYS A 27 5.72 1.68 13.70
CA LYS A 27 5.53 0.28 13.38
C LYS A 27 5.83 0.06 11.90
N SER A 28 6.78 -0.80 11.60
CA SER A 28 7.18 -1.01 10.21
C SER A 28 7.69 -2.44 9.98
N THR A 29 6.77 -3.39 9.85
CA THR A 29 7.15 -4.75 9.54
C THR A 29 6.24 -5.35 8.49
N GLY A 30 4.96 -5.43 8.80
CA GLY A 30 4.00 -6.03 7.88
C GLY A 30 3.42 -7.32 8.43
N GLU A 31 2.33 -7.78 7.85
CA GLU A 31 1.71 -9.02 8.28
C GLU A 31 2.02 -10.18 7.35
N GLU A 32 1.99 -9.93 6.05
CA GLU A 32 2.18 -10.99 5.07
C GLU A 32 3.65 -11.29 4.84
N SER A 33 4.39 -10.26 4.48
CA SER A 33 5.83 -10.42 4.23
C SER A 33 6.60 -10.16 5.52
N GLY A 34 6.04 -9.33 6.37
CA GLY A 34 6.69 -8.96 7.62
C GLY A 34 6.57 -10.02 8.71
N LEU A 35 6.74 -11.28 8.34
CA LEU A 35 6.73 -12.36 9.32
C LEU A 35 7.86 -12.16 10.33
N LEU A 36 9.06 -11.97 9.81
CA LEU A 36 10.20 -11.63 10.63
C LEU A 36 10.35 -10.12 10.69
N HIS A 37 10.83 -9.62 11.81
CA HIS A 37 10.93 -8.17 12.02
C HIS A 37 12.35 -7.69 11.79
N THR A 38 13.26 -8.01 12.71
CA THR A 38 14.62 -7.51 12.64
C THR A 38 15.41 -8.24 11.56
N GLY A 39 14.93 -9.41 11.18
CA GLY A 39 15.65 -10.19 10.18
C GLY A 39 15.08 -10.02 8.79
N ASP A 40 14.06 -9.21 8.65
CA ASP A 40 13.47 -8.98 7.34
C ASP A 40 13.52 -7.51 6.95
N VAL A 41 13.19 -6.65 7.90
CA VAL A 41 13.15 -5.22 7.61
C VAL A 41 14.54 -4.60 7.82
N LEU A 42 15.02 -3.96 6.77
CA LEU A 42 16.27 -3.27 6.82
C LEU A 42 16.09 -1.79 6.49
N ASP A 43 15.16 -1.52 5.59
CA ASP A 43 14.97 -0.16 5.08
C ASP A 43 13.50 0.15 4.84
N GLN A 44 12.61 -0.80 5.13
CA GLN A 44 11.19 -0.62 4.84
C GLN A 44 10.66 0.67 5.45
N VAL A 45 9.93 1.41 4.65
CA VAL A 45 9.34 2.66 5.08
C VAL A 45 7.84 2.50 5.17
N ALA A 46 7.31 2.75 6.35
CA ALA A 46 5.89 2.59 6.60
C ALA A 46 5.20 3.93 6.75
N ILE A 47 4.08 4.08 6.07
CA ILE A 47 3.26 5.27 6.17
C ILE A 47 1.83 4.88 6.54
N GLN A 48 1.12 5.81 7.18
CA GLN A 48 -0.26 5.57 7.57
C GLN A 48 -1.11 5.50 6.32
N CYS A 49 -2.05 4.58 6.31
CA CYS A 49 -2.87 4.36 5.14
C CYS A 49 -4.32 4.13 5.54
N THR A 50 -5.21 4.39 4.61
CA THR A 50 -6.63 4.25 4.85
C THR A 50 -7.38 4.16 3.53
N GLN A 51 -8.37 3.30 3.47
CA GLN A 51 -9.10 3.10 2.24
C GLN A 51 -10.54 3.57 2.40
N ILE A 52 -11.14 3.92 1.28
CA ILE A 52 -12.54 4.30 1.23
C ILE A 52 -13.40 3.05 1.07
N PRO A 53 -14.65 3.06 1.57
CA PRO A 53 -15.62 1.98 1.33
C PRO A 53 -15.47 1.41 -0.08
N LEU A 54 -15.03 0.15 -0.13
CA LEU A 54 -14.59 -0.47 -1.37
C LEU A 54 -15.68 -0.53 -2.43
N LEU A 55 -15.31 -0.14 -3.64
CA LEU A 55 -16.17 -0.26 -4.80
C LEU A 55 -15.67 -1.38 -5.70
N ILE A 56 -16.54 -2.34 -5.98
CA ILE A 56 -16.15 -3.54 -6.72
C ILE A 56 -15.71 -3.18 -8.13
N GLY A 57 -14.55 -3.70 -8.52
CA GLY A 57 -14.02 -3.45 -9.85
C GLY A 57 -13.56 -2.02 -10.06
N ILE A 58 -13.40 -1.28 -8.98
CA ILE A 58 -12.97 0.10 -9.07
C ILE A 58 -11.49 0.25 -8.76
N ALA A 59 -10.91 1.29 -9.34
CA ALA A 59 -9.50 1.59 -9.22
C ALA A 59 -9.24 2.49 -8.01
N ILE A 60 -8.09 2.27 -7.39
CA ILE A 60 -7.64 2.95 -6.18
C ILE A 60 -7.69 4.47 -6.29
N GLU A 61 -7.41 4.99 -7.49
CA GLU A 61 -7.26 6.42 -7.67
C GLU A 61 -8.60 7.08 -7.98
N ASP A 62 -9.64 6.28 -8.12
CA ASP A 62 -10.97 6.79 -8.38
C ASP A 62 -11.86 6.58 -7.16
N GLU A 63 -11.53 5.55 -6.38
CA GLU A 63 -12.31 5.21 -5.20
C GLU A 63 -12.09 6.24 -4.09
N CYS A 64 -10.86 6.70 -3.95
CA CYS A 64 -10.52 7.59 -2.86
C CYS A 64 -9.97 8.91 -3.42
N LYS A 65 -9.83 9.90 -2.55
CA LYS A 65 -9.30 11.21 -2.94
C LYS A 65 -7.95 11.46 -2.25
N ASN A 66 -7.26 10.38 -1.94
CA ASN A 66 -5.94 10.46 -1.32
C ASN A 66 -4.85 10.09 -2.32
N THR A 67 -3.68 9.74 -1.82
CA THR A 67 -2.59 9.36 -2.69
C THR A 67 -2.52 7.84 -2.84
N PRO A 68 -2.52 7.36 -4.08
CA PRO A 68 -2.44 5.94 -4.37
C PRO A 68 -1.00 5.44 -4.32
N THR A 69 -0.76 4.38 -3.59
CA THR A 69 0.59 3.87 -3.44
C THR A 69 0.62 2.36 -3.67
N CYS A 70 1.79 1.85 -4.02
CA CYS A 70 2.00 0.42 -4.15
C CYS A 70 2.82 -0.09 -2.98
N CYS A 71 2.16 -0.71 -2.02
CA CYS A 71 2.82 -1.22 -0.83
C CYS A 71 3.34 -2.63 -1.06
N GLU A 72 4.59 -2.86 -0.66
CA GLU A 72 5.21 -4.15 -0.82
C GLU A 72 4.69 -5.12 0.24
N ASP A 73 4.19 -4.56 1.33
CA ASP A 73 3.48 -5.32 2.35
C ASP A 73 2.61 -4.37 3.15
N VAL A 74 1.72 -4.90 3.97
CA VAL A 74 0.90 -4.08 4.82
C VAL A 74 0.82 -4.66 6.23
N GLU A 75 0.74 -3.79 7.22
CA GLU A 75 0.53 -4.21 8.58
C GLU A 75 -0.85 -3.76 9.02
N ASP A 76 -1.47 -4.51 9.93
CA ASP A 76 -2.87 -4.30 10.28
C ASP A 76 -3.73 -4.57 9.05
N ASP A 77 -4.92 -4.00 8.98
CA ASP A 77 -5.77 -4.17 7.82
C ASP A 77 -5.38 -3.19 6.70
N GLY A 78 -4.15 -2.71 6.76
CA GLY A 78 -3.67 -1.80 5.74
C GLY A 78 -3.60 -0.36 6.21
N LEU A 79 -3.54 -0.17 7.53
CA LEU A 79 -3.40 1.18 8.08
C LEU A 79 -1.94 1.58 8.11
N VAL A 80 -1.08 0.59 7.99
CA VAL A 80 0.36 0.81 7.94
C VAL A 80 0.93 0.06 6.75
N GLY A 81 1.38 0.80 5.75
CA GLY A 81 1.87 0.16 4.55
C GLY A 81 3.37 0.13 4.49
N ILE A 82 3.92 -0.98 4.01
CA ILE A 82 5.35 -1.15 3.89
C ILE A 82 5.80 -0.83 2.48
N ASN A 83 6.66 0.17 2.36
CA ASN A 83 7.29 0.51 1.09
C ASN A 83 6.24 0.88 0.06
N CYS A 84 5.35 1.78 0.44
CA CYS A 84 4.26 2.21 -0.42
C CYS A 84 4.71 3.32 -1.36
N THR A 85 5.18 2.93 -2.53
CA THR A 85 5.62 3.88 -3.54
C THR A 85 4.41 4.54 -4.20
N PRO A 86 4.36 5.88 -4.22
CA PRO A 86 3.26 6.63 -4.82
C PRO A 86 3.18 6.42 -6.32
N ILE A 87 2.04 5.93 -6.78
CA ILE A 87 1.84 5.60 -8.18
C ILE A 87 1.04 6.70 -8.87
N PRO A 88 1.20 6.84 -10.20
CA PRO A 88 0.49 7.84 -10.99
C PRO A 88 -0.99 7.55 -11.14
N LEU A 89 -1.74 8.57 -11.52
CA LEU A 89 -3.20 8.48 -11.68
C LEU A 89 -3.55 8.12 -13.12
N ILE A 90 -2.60 7.54 -13.83
CA ILE A 90 -2.76 7.30 -15.26
C ILE A 90 -2.49 5.84 -15.62
N GLY A 1 -8.15 -10.94 0.33
CA GLY A 1 -7.72 -9.52 0.34
C GLY A 1 -8.35 -8.72 -0.77
N SER A 2 -8.13 -7.42 -0.78
CA SER A 2 -8.69 -6.55 -1.80
C SER A 2 -7.88 -6.62 -3.08
N GLY A 3 -8.35 -7.41 -4.03
CA GLY A 3 -7.70 -7.48 -5.32
C GLY A 3 -7.93 -6.23 -6.13
N TRP A 4 -6.92 -5.38 -6.21
CA TRP A 4 -7.05 -4.10 -6.87
C TRP A 4 -6.71 -4.17 -8.34
N GLU A 5 -6.75 -3.03 -9.00
CA GLU A 5 -6.47 -2.94 -10.43
C GLU A 5 -5.05 -3.34 -10.72
N SER A 6 -4.91 -4.51 -11.34
CA SER A 6 -3.62 -5.02 -11.72
C SER A 6 -3.41 -4.78 -13.21
N LYS A 7 -4.50 -4.51 -13.93
CA LYS A 7 -4.44 -4.28 -15.37
C LYS A 7 -3.76 -2.95 -15.66
N THR A 8 -3.67 -2.10 -14.65
CA THR A 8 -3.10 -0.78 -14.82
C THR A 8 -1.58 -0.85 -14.97
N GLY A 9 -0.98 -1.90 -14.41
CA GLY A 9 0.44 -2.12 -14.55
C GLY A 9 1.28 -1.13 -13.77
N SER A 10 0.65 -0.45 -12.83
CA SER A 10 1.30 0.61 -12.08
C SER A 10 2.03 0.03 -10.86
N CYS A 11 1.51 -1.07 -10.33
CA CYS A 11 2.10 -1.68 -9.15
C CYS A 11 2.65 -3.07 -9.48
N ASN A 12 3.80 -3.39 -8.89
CA ASN A 12 4.47 -4.65 -9.17
C ASN A 12 4.08 -5.73 -8.16
N THR A 13 3.68 -5.32 -6.97
CA THR A 13 3.40 -6.27 -5.89
C THR A 13 1.92 -6.65 -5.86
N GLY A 14 1.07 -5.73 -6.27
CA GLY A 14 -0.35 -5.99 -6.26
C GLY A 14 -1.03 -5.38 -5.04
N LYS A 15 -0.23 -4.81 -4.15
CA LYS A 15 -0.77 -4.19 -2.95
C LYS A 15 -0.99 -2.70 -3.16
N LEU A 16 -2.17 -2.34 -3.62
CA LEU A 16 -2.51 -0.95 -3.84
C LEU A 16 -3.27 -0.39 -2.65
N ALA A 17 -2.65 0.55 -1.95
CA ALA A 17 -3.30 1.20 -0.83
C ALA A 17 -3.21 2.71 -0.98
N CYS A 18 -4.20 3.40 -0.44
CA CYS A 18 -4.15 4.85 -0.38
C CYS A 18 -3.37 5.28 0.83
N CYS A 19 -2.15 5.69 0.61
CA CYS A 19 -1.26 6.01 1.71
C CYS A 19 -0.95 7.49 1.75
N ASP A 20 -0.84 8.03 2.95
CA ASP A 20 -0.58 9.43 3.14
C ASP A 20 0.90 9.62 3.39
N THR A 21 1.59 10.18 2.43
CA THR A 21 3.02 10.41 2.55
C THR A 21 3.30 11.57 3.49
N ASN A 22 2.23 12.24 3.90
CA ASN A 22 2.31 13.34 4.84
C ASN A 22 2.22 12.80 6.26
N LYS A 23 1.91 11.52 6.34
CA LYS A 23 1.75 10.83 7.61
C LYS A 23 2.72 9.66 7.68
N LYS A 24 3.25 9.44 8.85
CA LYS A 24 4.26 8.43 9.04
C LYS A 24 3.90 7.50 10.19
N VAL A 25 4.49 6.32 10.17
CA VAL A 25 4.37 5.37 11.27
C VAL A 25 5.76 5.02 11.75
N GLN A 26 5.90 4.69 13.03
CA GLN A 26 7.20 4.37 13.61
C GLN A 26 7.66 2.97 13.24
N LYS A 27 7.27 2.55 12.04
CA LYS A 27 7.40 1.16 11.55
C LYS A 27 7.17 0.11 12.63
N SER A 28 6.12 -0.66 12.45
CA SER A 28 5.76 -1.69 13.40
C SER A 28 6.20 -3.04 12.89
N THR A 29 5.39 -3.59 12.01
CA THR A 29 5.66 -4.86 11.35
C THR A 29 4.80 -4.95 10.11
N GLY A 30 4.81 -6.12 9.47
CA GLY A 30 3.97 -6.33 8.31
C GLY A 30 3.39 -7.72 8.31
N GLU A 31 2.07 -7.81 8.38
CA GLU A 31 1.42 -9.12 8.42
C GLU A 31 1.63 -9.86 7.12
N GLU A 32 1.74 -9.11 6.02
CA GLU A 32 2.08 -9.69 4.74
C GLU A 32 3.57 -10.03 4.70
N SER A 33 4.39 -9.11 5.23
CA SER A 33 5.83 -9.30 5.33
C SER A 33 6.18 -10.60 6.08
N GLY A 34 5.28 -11.03 6.96
CA GLY A 34 5.52 -12.23 7.72
C GLY A 34 5.36 -13.50 6.89
N LEU A 35 4.52 -13.42 5.88
CA LEU A 35 4.30 -14.56 4.98
C LEU A 35 5.27 -14.51 3.81
N LEU A 36 5.65 -13.29 3.44
CA LEU A 36 6.59 -13.06 2.36
C LEU A 36 8.01 -12.97 2.92
N HIS A 37 8.97 -12.78 2.03
CA HIS A 37 10.36 -12.65 2.44
C HIS A 37 10.81 -11.20 2.38
N THR A 38 9.89 -10.33 2.02
CA THR A 38 10.17 -8.90 1.92
C THR A 38 10.31 -8.26 3.31
N GLY A 39 9.87 -8.99 4.33
CA GLY A 39 9.96 -8.51 5.69
C GLY A 39 11.31 -8.76 6.32
N ASP A 40 12.29 -9.10 5.50
CA ASP A 40 13.63 -9.38 5.96
C ASP A 40 14.35 -8.08 6.30
N VAL A 41 14.15 -7.09 5.46
CA VAL A 41 14.82 -5.80 5.62
C VAL A 41 14.14 -4.90 6.65
N LEU A 42 14.96 -4.19 7.40
CA LEU A 42 14.49 -3.13 8.27
C LEU A 42 14.40 -1.83 7.49
N ASP A 43 14.92 -1.89 6.26
CA ASP A 43 14.96 -0.75 5.34
C ASP A 43 13.56 -0.29 4.95
N GLN A 44 12.57 -1.14 5.24
CA GLN A 44 11.18 -0.80 4.98
C GLN A 44 10.79 0.56 5.54
N VAL A 45 9.89 1.24 4.82
CA VAL A 45 9.38 2.53 5.23
C VAL A 45 7.87 2.42 5.45
N ALA A 46 7.42 2.84 6.61
CA ALA A 46 6.03 2.71 6.98
C ALA A 46 5.32 4.06 7.04
N ILE A 47 4.37 4.25 6.14
CA ILE A 47 3.52 5.42 6.18
C ILE A 47 2.10 5.00 6.52
N GLN A 48 1.29 5.95 6.93
CA GLN A 48 -0.07 5.67 7.37
C GLN A 48 -1.01 5.69 6.19
N CYS A 49 -1.76 4.62 6.07
CA CYS A 49 -2.60 4.40 4.92
C CYS A 49 -4.05 4.22 5.35
N THR A 50 -4.96 4.40 4.42
CA THR A 50 -6.38 4.27 4.69
C THR A 50 -7.15 4.06 3.39
N GLN A 51 -8.17 3.23 3.41
CA GLN A 51 -8.93 2.95 2.21
C GLN A 51 -10.39 3.35 2.40
N ILE A 52 -10.81 4.32 1.61
CA ILE A 52 -12.19 4.79 1.60
C ILE A 52 -13.09 3.76 0.89
N PRO A 53 -14.25 3.42 1.51
CA PRO A 53 -15.14 2.35 1.07
C PRO A 53 -15.20 2.17 -0.45
N LEU A 54 -14.65 1.04 -0.88
CA LEU A 54 -14.43 0.76 -2.30
C LEU A 54 -15.64 0.11 -2.96
N LEU A 55 -15.88 0.50 -4.20
CA LEU A 55 -16.83 -0.18 -5.05
C LEU A 55 -16.09 -1.21 -5.90
N ILE A 56 -16.73 -2.35 -6.15
CA ILE A 56 -16.09 -3.44 -6.88
C ILE A 56 -15.86 -3.05 -8.34
N GLY A 57 -14.65 -3.27 -8.81
CA GLY A 57 -14.29 -2.92 -10.16
C GLY A 57 -13.77 -1.50 -10.28
N ILE A 58 -13.73 -0.79 -9.17
CA ILE A 58 -13.28 0.60 -9.16
C ILE A 58 -11.80 0.70 -8.85
N ALA A 59 -11.21 1.78 -9.32
CA ALA A 59 -9.79 2.05 -9.15
C ALA A 59 -9.51 2.70 -7.81
N ILE A 60 -8.50 2.16 -7.13
CA ILE A 60 -8.01 2.65 -5.83
C ILE A 60 -7.76 4.16 -5.87
N GLU A 61 -7.22 4.61 -6.99
CA GLU A 61 -6.80 6.00 -7.16
C GLU A 61 -7.99 6.94 -7.26
N ASP A 62 -9.08 6.46 -7.87
CA ASP A 62 -10.26 7.29 -8.06
C ASP A 62 -11.22 7.14 -6.90
N GLU A 63 -11.12 6.03 -6.20
CA GLU A 63 -12.04 5.73 -5.11
C GLU A 63 -11.74 6.61 -3.89
N CYS A 64 -10.48 6.80 -3.60
CA CYS A 64 -10.09 7.53 -2.41
C CYS A 64 -9.56 8.92 -2.78
N LYS A 65 -9.63 9.83 -1.83
CA LYS A 65 -9.10 11.19 -2.02
C LYS A 65 -7.72 11.24 -1.38
N ASN A 66 -6.88 10.33 -1.81
CA ASN A 66 -5.58 10.11 -1.23
C ASN A 66 -4.56 9.88 -2.34
N THR A 67 -3.37 9.43 -1.97
CA THR A 67 -2.39 9.05 -2.95
C THR A 67 -2.29 7.53 -3.03
N PRO A 68 -2.44 6.99 -4.24
CA PRO A 68 -2.38 5.55 -4.47
C PRO A 68 -0.93 5.06 -4.47
N THR A 69 -0.65 4.04 -3.69
CA THR A 69 0.70 3.55 -3.56
C THR A 69 0.78 2.05 -3.79
N CYS A 70 1.92 1.61 -4.28
CA CYS A 70 2.22 0.19 -4.43
C CYS A 70 3.07 -0.25 -3.25
N CYS A 71 2.44 -0.87 -2.26
CA CYS A 71 3.13 -1.28 -1.06
C CYS A 71 3.75 -2.66 -1.24
N GLU A 72 4.94 -2.83 -0.70
CA GLU A 72 5.59 -4.12 -0.67
C GLU A 72 4.77 -5.07 0.19
N ASP A 73 4.35 -4.55 1.34
CA ASP A 73 3.52 -5.28 2.30
C ASP A 73 2.67 -4.28 3.07
N VAL A 74 1.69 -4.75 3.81
CA VAL A 74 0.86 -3.88 4.63
C VAL A 74 0.51 -4.59 5.94
N GLU A 75 0.14 -3.83 6.96
CA GLU A 75 -0.30 -4.38 8.22
C GLU A 75 -1.72 -3.88 8.54
N ASP A 76 -2.44 -4.65 9.36
CA ASP A 76 -3.82 -4.33 9.72
C ASP A 76 -4.71 -4.49 8.50
N ASP A 77 -5.78 -3.71 8.45
CA ASP A 77 -6.64 -3.70 7.27
C ASP A 77 -5.98 -2.88 6.17
N GLY A 78 -4.78 -2.38 6.46
CA GLY A 78 -4.04 -1.59 5.50
C GLY A 78 -3.73 -0.20 6.00
N LEU A 79 -3.69 -0.03 7.32
CA LEU A 79 -3.41 1.28 7.91
C LEU A 79 -1.91 1.58 7.90
N VAL A 80 -1.10 0.54 7.91
CA VAL A 80 0.34 0.71 7.96
C VAL A 80 1.00 -0.02 6.79
N GLY A 81 1.48 0.73 5.83
CA GLY A 81 2.02 0.13 4.63
C GLY A 81 3.53 0.10 4.61
N ILE A 82 4.07 -0.96 4.03
CA ILE A 82 5.50 -1.14 3.95
C ILE A 82 5.98 -0.77 2.55
N ASN A 83 6.84 0.23 2.49
CA ASN A 83 7.49 0.64 1.24
C ASN A 83 6.46 1.03 0.20
N CYS A 84 5.47 1.79 0.62
CA CYS A 84 4.40 2.22 -0.28
C CYS A 84 4.86 3.37 -1.16
N THR A 85 5.26 3.04 -2.37
CA THR A 85 5.68 4.03 -3.34
C THR A 85 4.49 4.53 -4.15
N PRO A 86 4.32 5.86 -4.26
CA PRO A 86 3.22 6.47 -5.01
C PRO A 86 3.27 6.10 -6.49
N ILE A 87 2.26 5.35 -6.92
CA ILE A 87 2.19 4.88 -8.29
C ILE A 87 1.60 5.95 -9.19
N PRO A 88 2.17 6.11 -10.40
CA PRO A 88 1.73 7.10 -11.35
C PRO A 88 0.38 6.76 -11.94
N LEU A 89 -0.41 7.78 -12.19
CA LEU A 89 -1.75 7.60 -12.73
C LEU A 89 -1.69 7.70 -14.24
N ILE A 90 -0.57 7.24 -14.80
CA ILE A 90 -0.32 7.39 -16.22
C ILE A 90 0.21 6.09 -16.82
N GLY A 1 -6.36 -3.09 1.07
CA GLY A 1 -5.21 -2.61 0.27
C GLY A 1 -4.38 -3.73 -0.30
N SER A 2 -5.05 -4.72 -0.87
CA SER A 2 -4.37 -5.89 -1.40
C SER A 2 -5.18 -6.52 -2.53
N GLY A 3 -4.54 -6.74 -3.66
CA GLY A 3 -5.21 -7.36 -4.79
C GLY A 3 -5.91 -6.35 -5.67
N TRP A 4 -5.40 -5.13 -5.68
CA TRP A 4 -6.00 -4.06 -6.46
C TRP A 4 -5.64 -4.17 -7.93
N GLU A 5 -6.43 -3.49 -8.76
CA GLU A 5 -6.24 -3.52 -10.20
C GLU A 5 -4.93 -2.85 -10.58
N SER A 6 -3.99 -3.67 -11.02
CA SER A 6 -2.67 -3.19 -11.41
C SER A 6 -2.63 -2.93 -12.91
N LYS A 7 -3.79 -2.59 -13.48
CA LYS A 7 -3.95 -2.27 -14.89
C LYS A 7 -2.86 -1.32 -15.39
N THR A 8 -2.61 -0.27 -14.65
CA THR A 8 -1.61 0.73 -15.01
C THR A 8 -0.20 0.14 -15.07
N GLY A 9 0.00 -0.96 -14.36
CA GLY A 9 1.33 -1.56 -14.27
C GLY A 9 2.22 -0.84 -13.30
N SER A 10 1.64 0.15 -12.62
CA SER A 10 2.39 0.98 -11.69
C SER A 10 2.79 0.21 -10.43
N CYS A 11 2.20 -0.95 -10.22
CA CYS A 11 2.53 -1.75 -9.05
C CYS A 11 2.80 -3.19 -9.44
N ASN A 12 3.79 -3.78 -8.79
CA ASN A 12 4.21 -5.15 -9.07
C ASN A 12 3.54 -6.16 -8.14
N THR A 13 3.22 -5.75 -6.93
CA THR A 13 2.68 -6.66 -5.93
C THR A 13 1.17 -6.73 -5.99
N GLY A 14 0.55 -5.63 -6.40
CA GLY A 14 -0.90 -5.56 -6.42
C GLY A 14 -1.45 -5.03 -5.12
N LYS A 15 -0.57 -4.66 -4.22
CA LYS A 15 -0.97 -4.09 -2.95
C LYS A 15 -0.94 -2.57 -3.02
N LEU A 16 -2.04 -2.01 -3.46
CA LEU A 16 -2.19 -0.57 -3.55
C LEU A 16 -2.91 -0.05 -2.32
N ALA A 17 -2.44 1.06 -1.80
CA ALA A 17 -3.11 1.70 -0.68
C ALA A 17 -3.09 3.21 -0.83
N CYS A 18 -4.16 3.84 -0.39
CA CYS A 18 -4.21 5.29 -0.34
C CYS A 18 -3.52 5.76 0.92
N CYS A 19 -2.30 6.25 0.77
CA CYS A 19 -1.46 6.53 1.91
C CYS A 19 -1.03 7.98 1.96
N ASP A 20 -0.70 8.44 3.15
CA ASP A 20 -0.23 9.80 3.35
C ASP A 20 1.28 9.78 3.53
N THR A 21 1.98 10.44 2.62
CA THR A 21 3.43 10.40 2.61
C THR A 21 4.01 11.38 3.63
N ASN A 22 3.16 12.16 4.26
CA ASN A 22 3.58 13.10 5.29
C ASN A 22 3.39 12.48 6.66
N LYS A 23 2.54 11.48 6.70
CA LYS A 23 2.25 10.76 7.91
C LYS A 23 2.94 9.42 7.91
N LYS A 24 3.49 9.08 9.05
CA LYS A 24 4.32 7.91 9.18
C LYS A 24 3.83 7.03 10.32
N VAL A 25 4.13 5.75 10.25
CA VAL A 25 3.76 4.81 11.30
C VAL A 25 5.01 4.34 12.02
N GLN A 26 4.89 4.11 13.33
CA GLN A 26 6.03 3.82 14.17
C GLN A 26 6.40 2.34 14.13
N LYS A 27 5.39 1.48 14.14
CA LYS A 27 5.62 0.05 14.07
C LYS A 27 5.49 -0.43 12.63
N SER A 28 6.52 -1.12 12.17
CA SER A 28 6.57 -1.59 10.79
C SER A 28 7.18 -2.98 10.71
N THR A 29 6.40 -3.96 10.33
CA THR A 29 6.90 -5.30 10.10
C THR A 29 6.25 -5.92 8.87
N GLY A 30 4.93 -5.82 8.83
CA GLY A 30 4.18 -6.37 7.72
C GLY A 30 3.60 -7.73 8.04
N GLU A 31 2.75 -8.24 7.17
CA GLU A 31 2.18 -9.57 7.36
C GLU A 31 2.92 -10.57 6.48
N GLU A 32 3.02 -10.24 5.19
CA GLU A 32 3.69 -11.09 4.24
C GLU A 32 5.19 -10.85 4.28
N SER A 33 5.57 -9.59 4.31
CA SER A 33 6.98 -9.23 4.42
C SER A 33 7.44 -9.45 5.86
N GLY A 34 6.49 -9.41 6.79
CA GLY A 34 6.79 -9.55 8.20
C GLY A 34 7.23 -10.95 8.56
N LEU A 35 6.66 -11.94 7.88
CA LEU A 35 7.02 -13.33 8.11
C LEU A 35 8.38 -13.62 7.49
N LEU A 36 8.74 -12.82 6.49
CA LEU A 36 10.00 -12.97 5.80
C LEU A 36 11.06 -12.09 6.47
N HIS A 37 12.32 -12.28 6.09
CA HIS A 37 13.42 -11.48 6.63
C HIS A 37 13.26 -9.99 6.27
N THR A 38 12.38 -9.71 5.32
CA THR A 38 12.12 -8.35 4.89
C THR A 38 11.49 -7.52 6.01
N GLY A 39 10.89 -8.20 6.98
CA GLY A 39 10.25 -7.51 8.08
C GLY A 39 11.18 -7.35 9.27
N ASP A 40 12.45 -7.67 9.07
CA ASP A 40 13.45 -7.52 10.12
C ASP A 40 14.14 -6.18 10.02
N VAL A 41 14.02 -5.54 8.87
CA VAL A 41 14.63 -4.25 8.64
C VAL A 41 13.68 -3.12 8.96
N LEU A 42 14.18 -2.10 9.63
CA LEU A 42 13.42 -0.89 9.87
C LEU A 42 13.53 0.02 8.66
N ASP A 43 14.28 -0.47 7.67
CA ASP A 43 14.43 0.21 6.39
C ASP A 43 13.09 0.33 5.68
N GLN A 44 12.19 -0.63 5.96
CA GLN A 44 10.84 -0.58 5.43
C GLN A 44 10.24 0.79 5.67
N VAL A 45 9.59 1.33 4.66
CA VAL A 45 8.96 2.63 4.77
C VAL A 45 7.49 2.46 5.09
N ALA A 46 7.14 2.74 6.33
CA ALA A 46 5.78 2.58 6.81
C ALA A 46 5.09 3.92 6.92
N ILE A 47 4.29 4.22 5.92
CA ILE A 47 3.49 5.42 5.95
C ILE A 47 2.06 5.08 6.29
N GLN A 48 1.39 6.02 6.92
CA GLN A 48 0.04 5.79 7.40
C GLN A 48 -0.94 5.84 6.25
N CYS A 49 -1.71 4.78 6.14
CA CYS A 49 -2.60 4.60 5.02
C CYS A 49 -4.06 4.60 5.47
N THR A 50 -4.94 4.93 4.54
CA THR A 50 -6.36 5.04 4.82
C THR A 50 -7.14 4.94 3.51
N GLN A 51 -7.91 3.89 3.39
CA GLN A 51 -8.60 3.60 2.15
C GLN A 51 -10.12 3.55 2.36
N ILE A 52 -10.84 4.26 1.49
CA ILE A 52 -12.30 4.34 1.54
C ILE A 52 -12.94 2.97 1.31
N PRO A 53 -14.05 2.67 2.03
CA PRO A 53 -14.82 1.42 1.89
C PRO A 53 -14.90 0.92 0.44
N LEU A 54 -14.56 -0.35 0.28
CA LEU A 54 -14.39 -0.97 -1.04
C LEU A 54 -15.66 -0.89 -1.88
N LEU A 55 -15.50 -0.37 -3.09
CA LEU A 55 -16.55 -0.41 -4.09
C LEU A 55 -16.11 -1.36 -5.21
N ILE A 56 -16.74 -2.52 -5.28
CA ILE A 56 -16.28 -3.57 -6.16
C ILE A 56 -16.43 -3.17 -7.62
N GLY A 57 -15.39 -3.43 -8.39
CA GLY A 57 -15.38 -3.08 -9.79
C GLY A 57 -14.67 -1.78 -10.05
N ILE A 58 -14.39 -1.03 -8.98
CA ILE A 58 -13.76 0.27 -9.11
C ILE A 58 -12.28 0.22 -8.71
N ALA A 59 -11.54 1.13 -9.32
CA ALA A 59 -10.11 1.28 -9.08
C ALA A 59 -9.86 2.13 -7.84
N ILE A 60 -8.89 1.70 -7.04
CA ILE A 60 -8.57 2.33 -5.75
C ILE A 60 -8.26 3.81 -5.90
N GLU A 61 -7.55 4.14 -6.95
CA GLU A 61 -7.06 5.49 -7.17
C GLU A 61 -8.20 6.42 -7.57
N ASP A 62 -9.34 5.84 -7.90
CA ASP A 62 -10.55 6.61 -8.20
C ASP A 62 -11.56 6.41 -7.08
N GLU A 63 -11.36 5.36 -6.30
CA GLU A 63 -12.24 5.04 -5.19
C GLU A 63 -11.99 6.00 -4.03
N CYS A 64 -10.72 6.30 -3.78
CA CYS A 64 -10.35 7.18 -2.70
C CYS A 64 -9.85 8.51 -3.28
N LYS A 65 -9.55 9.46 -2.40
CA LYS A 65 -9.11 10.79 -2.84
C LYS A 65 -7.76 11.15 -2.22
N ASN A 66 -6.98 10.13 -1.88
CA ASN A 66 -5.64 10.36 -1.35
C ASN A 66 -4.59 9.86 -2.33
N THR A 67 -3.35 9.81 -1.90
CA THR A 67 -2.27 9.40 -2.77
C THR A 67 -2.24 7.88 -2.91
N PRO A 68 -2.25 7.38 -4.15
CA PRO A 68 -2.18 5.96 -4.43
C PRO A 68 -0.74 5.47 -4.39
N THR A 69 -0.49 4.44 -3.62
CA THR A 69 0.85 3.93 -3.45
C THR A 69 0.91 2.43 -3.69
N CYS A 70 2.03 1.95 -4.20
CA CYS A 70 2.28 0.52 -4.35
C CYS A 70 3.11 0.04 -3.17
N CYS A 71 2.49 -0.74 -2.31
CA CYS A 71 3.16 -1.25 -1.12
C CYS A 71 3.66 -2.65 -1.37
N GLU A 72 4.84 -2.94 -0.85
CA GLU A 72 5.42 -4.27 -0.94
C GLU A 72 4.69 -5.19 0.03
N ASP A 73 4.09 -4.59 1.05
CA ASP A 73 3.29 -5.31 2.02
C ASP A 73 2.45 -4.30 2.79
N VAL A 74 1.42 -4.77 3.49
CA VAL A 74 0.61 -3.89 4.30
C VAL A 74 0.29 -4.57 5.63
N GLU A 75 0.35 -3.82 6.71
CA GLU A 75 0.11 -4.34 8.04
C GLU A 75 -1.23 -3.81 8.58
N ASP A 76 -1.76 -4.48 9.60
CA ASP A 76 -3.08 -4.17 10.17
C ASP A 76 -4.16 -4.47 9.14
N ASP A 77 -5.27 -3.75 9.21
CA ASP A 77 -6.33 -3.86 8.20
C ASP A 77 -5.86 -3.22 6.89
N GLY A 78 -4.68 -2.61 6.94
CA GLY A 78 -4.17 -1.89 5.80
C GLY A 78 -3.87 -0.44 6.11
N LEU A 79 -3.65 -0.15 7.39
CA LEU A 79 -3.36 1.22 7.83
C LEU A 79 -1.88 1.51 7.73
N VAL A 80 -1.08 0.46 7.70
CA VAL A 80 0.36 0.61 7.70
C VAL A 80 0.97 -0.08 6.50
N GLY A 81 1.33 0.70 5.50
CA GLY A 81 1.88 0.12 4.30
C GLY A 81 3.39 0.04 4.37
N ILE A 82 3.93 -1.08 3.90
CA ILE A 82 5.37 -1.27 3.89
C ILE A 82 5.91 -0.97 2.51
N ASN A 83 6.76 0.04 2.45
CA ASN A 83 7.46 0.38 1.21
C ASN A 83 6.47 0.82 0.14
N CYS A 84 5.61 1.76 0.49
CA CYS A 84 4.58 2.24 -0.41
C CYS A 84 5.08 3.40 -1.25
N THR A 85 5.34 3.12 -2.52
CA THR A 85 5.78 4.14 -3.45
C THR A 85 4.59 4.74 -4.19
N PRO A 86 4.47 6.08 -4.23
CA PRO A 86 3.38 6.77 -4.93
C PRO A 86 3.37 6.45 -6.42
N ILE A 87 2.28 5.87 -6.88
CA ILE A 87 2.19 5.38 -8.23
C ILE A 87 1.48 6.36 -9.15
N PRO A 88 1.92 6.43 -10.41
CA PRO A 88 1.29 7.24 -11.44
C PRO A 88 -0.04 6.65 -11.89
N LEU A 89 -0.93 7.51 -12.33
CA LEU A 89 -2.25 7.09 -12.80
C LEU A 89 -2.21 6.79 -14.29
N ILE A 90 -1.01 6.59 -14.79
CA ILE A 90 -0.79 6.44 -16.21
C ILE A 90 -0.12 5.11 -16.53
N GLY A 1 -2.58 -10.09 -1.23
CA GLY A 1 -2.57 -8.95 -2.18
C GLY A 1 -3.70 -8.01 -1.91
N SER A 2 -4.31 -7.49 -2.97
CA SER A 2 -5.46 -6.61 -2.84
C SER A 2 -6.28 -6.63 -4.12
N GLY A 3 -7.58 -6.41 -4.00
CA GLY A 3 -8.46 -6.42 -5.15
C GLY A 3 -8.41 -5.12 -5.91
N TRP A 4 -7.26 -4.82 -6.49
CA TRP A 4 -7.06 -3.59 -7.22
C TRP A 4 -6.47 -3.85 -8.59
N GLU A 5 -6.78 -2.97 -9.53
CA GLU A 5 -6.28 -3.10 -10.90
C GLU A 5 -4.80 -2.79 -10.96
N SER A 6 -3.99 -3.82 -11.16
CA SER A 6 -2.56 -3.67 -11.35
C SER A 6 -2.20 -4.04 -12.79
N LYS A 7 -3.22 -4.11 -13.62
CA LYS A 7 -3.08 -4.55 -15.01
C LYS A 7 -2.17 -3.61 -15.81
N THR A 8 -2.22 -2.35 -15.49
CA THR A 8 -1.38 -1.35 -16.14
C THR A 8 0.09 -1.57 -15.81
N GLY A 9 0.36 -2.23 -14.68
CA GLY A 9 1.73 -2.47 -14.27
C GLY A 9 2.18 -1.46 -13.23
N SER A 10 1.23 -0.77 -12.62
CA SER A 10 1.52 0.27 -11.65
C SER A 10 2.17 -0.30 -10.39
N CYS A 11 1.80 -1.52 -10.04
CA CYS A 11 2.30 -2.12 -8.81
C CYS A 11 2.94 -3.47 -9.08
N ASN A 12 4.03 -3.75 -8.38
CA ASN A 12 4.77 -4.99 -8.54
C ASN A 12 4.31 -6.06 -7.56
N THR A 13 3.82 -5.64 -6.40
CA THR A 13 3.46 -6.56 -5.34
C THR A 13 1.97 -6.85 -5.32
N GLY A 14 1.17 -5.97 -5.91
CA GLY A 14 -0.26 -6.17 -5.97
C GLY A 14 -0.96 -5.68 -4.72
N LYS A 15 -0.31 -4.78 -3.99
CA LYS A 15 -0.91 -4.18 -2.80
C LYS A 15 -1.12 -2.69 -3.01
N LEU A 16 -2.29 -2.31 -3.48
CA LEU A 16 -2.60 -0.91 -3.71
C LEU A 16 -3.40 -0.34 -2.55
N ALA A 17 -2.95 0.81 -2.05
CA ALA A 17 -3.64 1.48 -0.96
C ALA A 17 -3.43 2.99 -1.06
N CYS A 18 -4.42 3.74 -0.60
CA CYS A 18 -4.32 5.19 -0.55
C CYS A 18 -3.65 5.62 0.75
N CYS A 19 -2.38 5.94 0.66
CA CYS A 19 -1.56 6.19 1.83
C CYS A 19 -1.12 7.64 1.85
N ASP A 20 -0.76 8.16 3.02
CA ASP A 20 -0.23 9.51 3.10
C ASP A 20 1.28 9.42 3.19
N THR A 21 1.97 10.16 2.34
CA THR A 21 3.42 10.12 2.34
C THR A 21 4.01 11.06 3.39
N ASN A 22 3.13 11.78 4.08
CA ASN A 22 3.55 12.67 5.15
C ASN A 22 3.19 12.04 6.49
N LYS A 23 2.34 11.03 6.43
CA LYS A 23 1.94 10.28 7.60
C LYS A 23 2.78 9.02 7.72
N LYS A 24 3.76 9.05 8.58
CA LYS A 24 4.58 7.88 8.83
C LYS A 24 4.06 7.12 10.04
N VAL A 25 4.41 5.85 10.13
CA VAL A 25 4.00 5.02 11.26
C VAL A 25 5.23 4.61 12.06
N GLN A 26 5.04 4.46 13.37
CA GLN A 26 6.13 4.15 14.27
C GLN A 26 6.52 2.67 14.17
N LYS A 27 5.56 1.84 13.81
CA LYS A 27 5.82 0.42 13.62
C LYS A 27 6.15 0.15 12.16
N SER A 28 7.24 -0.54 11.92
CA SER A 28 7.68 -0.83 10.57
C SER A 28 8.05 -2.31 10.44
N THR A 29 7.36 -3.13 11.20
CA THR A 29 7.58 -4.57 11.18
C THR A 29 6.98 -5.18 9.92
N GLY A 30 5.70 -4.93 9.70
CA GLY A 30 5.04 -5.41 8.51
C GLY A 30 4.53 -6.83 8.66
N GLU A 31 3.22 -6.99 8.69
CA GLU A 31 2.61 -8.30 8.82
C GLU A 31 2.80 -9.11 7.54
N GLU A 32 2.52 -8.50 6.39
CA GLU A 32 2.75 -9.18 5.12
C GLU A 32 4.24 -9.30 4.87
N SER A 33 4.99 -8.30 5.35
CA SER A 33 6.44 -8.31 5.28
C SER A 33 7.01 -9.60 5.88
N GLY A 34 6.36 -10.08 6.94
CA GLY A 34 6.82 -11.31 7.59
C GLY A 34 6.61 -12.53 6.71
N LEU A 35 5.64 -12.44 5.80
CA LEU A 35 5.37 -13.53 4.86
C LEU A 35 6.33 -13.44 3.69
N LEU A 36 6.74 -12.22 3.38
CA LEU A 36 7.73 -11.96 2.35
C LEU A 36 9.13 -11.90 2.96
N HIS A 37 10.13 -11.62 2.14
CA HIS A 37 11.49 -11.47 2.63
C HIS A 37 11.71 -10.07 3.21
N THR A 38 10.76 -9.19 2.96
CA THR A 38 10.86 -7.79 3.38
C THR A 38 10.91 -7.66 4.89
N GLY A 39 10.32 -8.61 5.59
CA GLY A 39 10.29 -8.58 7.04
C GLY A 39 11.67 -8.74 7.66
N ASP A 40 12.66 -9.02 6.83
CA ASP A 40 14.04 -9.12 7.27
C ASP A 40 14.55 -7.76 7.71
N VAL A 41 14.05 -6.71 7.06
CA VAL A 41 14.50 -5.36 7.31
C VAL A 41 13.45 -4.53 8.02
N LEU A 42 13.91 -3.67 8.92
CA LEU A 42 13.06 -2.70 9.55
C LEU A 42 13.26 -1.34 8.90
N ASP A 43 14.02 -1.35 7.80
CA ASP A 43 14.27 -0.15 7.01
C ASP A 43 13.10 0.13 6.09
N GLN A 44 12.16 -0.81 6.03
CA GLN A 44 10.92 -0.63 5.31
C GLN A 44 10.29 0.72 5.65
N VAL A 45 9.76 1.39 4.65
CA VAL A 45 9.15 2.69 4.83
C VAL A 45 7.67 2.53 5.14
N ALA A 46 7.32 2.73 6.39
CA ALA A 46 5.96 2.56 6.85
C ALA A 46 5.23 3.89 6.92
N ILE A 47 4.27 4.08 6.03
CA ILE A 47 3.42 5.25 6.08
C ILE A 47 2.00 4.86 6.40
N GLN A 48 1.30 5.76 7.09
CA GLN A 48 -0.05 5.50 7.54
C GLN A 48 -1.00 5.60 6.34
N CYS A 49 -1.86 4.61 6.23
CA CYS A 49 -2.69 4.48 5.06
C CYS A 49 -4.16 4.38 5.45
N THR A 50 -5.04 4.58 4.50
CA THR A 50 -6.47 4.46 4.73
C THR A 50 -7.21 4.29 3.42
N GLN A 51 -8.03 3.26 3.34
CA GLN A 51 -8.72 2.95 2.12
C GLN A 51 -10.23 2.99 2.30
N ILE A 52 -10.89 3.71 1.41
CA ILE A 52 -12.33 3.71 1.34
C ILE A 52 -12.83 2.38 0.78
N PRO A 53 -13.91 1.82 1.38
CA PRO A 53 -14.50 0.53 0.97
C PRO A 53 -14.59 0.38 -0.54
N LEU A 54 -13.76 -0.50 -1.08
CA LEU A 54 -13.55 -0.61 -2.51
C LEU A 54 -14.76 -1.17 -3.24
N LEU A 55 -15.03 -0.60 -4.40
CA LEU A 55 -15.96 -1.17 -5.35
C LEU A 55 -15.18 -2.02 -6.33
N ILE A 56 -15.80 -3.09 -6.82
CA ILE A 56 -15.12 -4.00 -7.73
C ILE A 56 -14.94 -3.35 -9.09
N GLY A 57 -13.77 -3.55 -9.67
CA GLY A 57 -13.45 -2.95 -10.94
C GLY A 57 -13.10 -1.48 -10.84
N ILE A 58 -13.03 -0.97 -9.61
CA ILE A 58 -12.76 0.44 -9.40
C ILE A 58 -11.27 0.70 -9.20
N ALA A 59 -10.87 1.91 -9.52
CA ALA A 59 -9.49 2.34 -9.44
C ALA A 59 -9.17 2.91 -8.06
N ILE A 60 -8.03 2.49 -7.53
CA ILE A 60 -7.54 2.94 -6.22
C ILE A 60 -7.54 4.46 -6.10
N GLU A 61 -7.13 5.13 -7.18
CA GLU A 61 -6.97 6.56 -7.20
C GLU A 61 -8.32 7.27 -7.26
N ASP A 62 -9.31 6.61 -7.84
CA ASP A 62 -10.61 7.23 -8.04
C ASP A 62 -11.56 6.85 -6.92
N GLU A 63 -11.27 5.74 -6.26
CA GLU A 63 -12.07 5.29 -5.12
C GLU A 63 -11.89 6.24 -3.95
N CYS A 64 -10.68 6.75 -3.81
CA CYS A 64 -10.33 7.54 -2.65
C CYS A 64 -9.92 8.95 -3.09
N LYS A 65 -9.63 9.81 -2.12
CA LYS A 65 -9.14 11.15 -2.43
C LYS A 65 -7.81 11.38 -1.69
N ASN A 66 -6.98 10.35 -1.67
CA ASN A 66 -5.66 10.42 -1.08
C ASN A 66 -4.63 9.96 -2.11
N THR A 67 -3.41 9.67 -1.68
CA THR A 67 -2.39 9.28 -2.61
C THR A 67 -2.41 7.78 -2.85
N PRO A 68 -2.50 7.38 -4.12
CA PRO A 68 -2.52 5.98 -4.50
C PRO A 68 -1.11 5.41 -4.51
N THR A 69 -0.88 4.37 -3.72
CA THR A 69 0.45 3.84 -3.60
C THR A 69 0.49 2.33 -3.81
N CYS A 70 1.62 1.85 -4.29
CA CYS A 70 1.89 0.42 -4.37
C CYS A 70 2.76 0.00 -3.19
N CYS A 71 2.13 -0.60 -2.19
CA CYS A 71 2.84 -1.05 -1.02
C CYS A 71 3.43 -2.42 -1.25
N GLU A 72 4.67 -2.57 -0.89
CA GLU A 72 5.35 -3.83 -0.96
C GLU A 72 4.68 -4.82 -0.01
N ASP A 73 4.31 -4.33 1.16
CA ASP A 73 3.66 -5.12 2.20
C ASP A 73 2.82 -4.21 3.06
N VAL A 74 1.94 -4.78 3.87
CA VAL A 74 1.09 -3.98 4.74
C VAL A 74 1.07 -4.55 6.14
N GLU A 75 0.68 -3.72 7.09
CA GLU A 75 0.46 -4.12 8.47
C GLU A 75 -0.91 -3.60 8.89
N ASP A 76 -1.52 -4.26 9.88
CA ASP A 76 -2.90 -3.97 10.27
C ASP A 76 -3.84 -4.39 9.15
N ASP A 77 -5.02 -3.80 9.10
CA ASP A 77 -5.95 -4.03 7.99
C ASP A 77 -5.44 -3.33 6.72
N GLY A 78 -4.34 -2.60 6.87
CA GLY A 78 -3.83 -1.81 5.77
C GLY A 78 -3.73 -0.35 6.14
N LEU A 79 -3.66 -0.09 7.44
CA LEU A 79 -3.47 1.29 7.94
C LEU A 79 -2.00 1.61 7.98
N VAL A 80 -1.17 0.58 7.89
CA VAL A 80 0.27 0.74 7.87
C VAL A 80 0.81 0.09 6.61
N GLY A 81 1.34 0.89 5.70
CA GLY A 81 1.83 0.35 4.47
C GLY A 81 3.35 0.34 4.42
N ILE A 82 3.89 -0.74 3.93
CA ILE A 82 5.32 -0.92 3.84
C ILE A 82 5.81 -0.64 2.42
N ASN A 83 6.70 0.34 2.31
CA ASN A 83 7.36 0.65 1.05
C ASN A 83 6.35 1.01 -0.03
N CYS A 84 5.38 1.82 0.34
CA CYS A 84 4.33 2.24 -0.57
C CYS A 84 4.83 3.33 -1.51
N THR A 85 5.06 2.94 -2.76
CA THR A 85 5.48 3.89 -3.77
C THR A 85 4.27 4.49 -4.47
N PRO A 86 4.18 5.83 -4.50
CA PRO A 86 3.06 6.53 -5.13
C PRO A 86 2.98 6.25 -6.62
N ILE A 87 1.85 5.72 -7.06
CA ILE A 87 1.66 5.41 -8.46
C ILE A 87 1.00 6.58 -9.17
N PRO A 88 1.37 6.80 -10.44
CA PRO A 88 0.83 7.89 -11.25
C PRO A 88 -0.65 7.69 -11.56
N LEU A 89 -1.34 8.79 -11.81
CA LEU A 89 -2.77 8.75 -12.14
C LEU A 89 -2.98 8.38 -13.61
N ILE A 90 -1.96 7.78 -14.20
CA ILE A 90 -1.99 7.43 -15.60
C ILE A 90 -1.68 5.95 -15.79
N GLY A 1 -8.07 -10.15 -0.06
CA GLY A 1 -8.37 -10.13 -1.51
C GLY A 1 -8.08 -8.78 -2.13
N SER A 2 -9.13 -8.13 -2.63
CA SER A 2 -9.05 -6.79 -3.21
C SER A 2 -7.87 -6.64 -4.17
N GLY A 3 -7.92 -7.37 -5.28
CA GLY A 3 -6.90 -7.25 -6.29
C GLY A 3 -7.03 -5.94 -7.05
N TRP A 4 -6.09 -5.04 -6.83
CA TRP A 4 -6.16 -3.71 -7.42
C TRP A 4 -5.62 -3.70 -8.85
N GLU A 5 -5.94 -2.62 -9.56
CA GLU A 5 -5.55 -2.47 -10.95
C GLU A 5 -4.13 -1.96 -11.07
N SER A 6 -3.24 -2.83 -11.53
CA SER A 6 -1.85 -2.48 -11.73
C SER A 6 -1.57 -2.33 -13.23
N LYS A 7 -2.62 -1.96 -13.97
CA LYS A 7 -2.57 -1.86 -15.42
C LYS A 7 -1.43 -0.97 -15.92
N THR A 8 -1.01 -0.02 -15.10
CA THR A 8 0.07 0.88 -15.48
C THR A 8 1.43 0.19 -15.33
N GLY A 9 1.45 -0.94 -14.64
CA GLY A 9 2.71 -1.53 -14.23
C GLY A 9 3.19 -0.88 -12.96
N SER A 10 2.25 -0.20 -12.33
CA SER A 10 2.53 0.69 -11.22
C SER A 10 2.95 -0.05 -9.96
N CYS A 11 2.46 -1.26 -9.78
CA CYS A 11 2.75 -2.00 -8.57
C CYS A 11 3.32 -3.38 -8.88
N ASN A 12 4.26 -3.82 -8.06
CA ASN A 12 4.90 -5.13 -8.25
C ASN A 12 4.16 -6.21 -7.46
N THR A 13 3.55 -5.83 -6.35
CA THR A 13 2.90 -6.79 -5.46
C THR A 13 1.40 -6.86 -5.73
N GLY A 14 0.82 -5.76 -6.14
CA GLY A 14 -0.61 -5.67 -6.32
C GLY A 14 -1.29 -5.05 -5.12
N LYS A 15 -0.48 -4.63 -4.15
CA LYS A 15 -0.99 -3.98 -2.96
C LYS A 15 -1.04 -2.47 -3.16
N LEU A 16 -2.15 -1.98 -3.69
CA LEU A 16 -2.35 -0.56 -3.87
C LEU A 16 -3.13 0.02 -2.70
N ALA A 17 -2.55 0.98 -2.03
CA ALA A 17 -3.18 1.59 -0.87
C ALA A 17 -3.14 3.11 -0.97
N CYS A 18 -4.18 3.76 -0.47
CA CYS A 18 -4.22 5.22 -0.43
C CYS A 18 -3.53 5.72 0.81
N CYS A 19 -2.28 6.13 0.67
CA CYS A 19 -1.43 6.41 1.81
C CYS A 19 -1.01 7.87 1.86
N ASP A 20 -0.65 8.34 3.05
CA ASP A 20 -0.12 9.69 3.20
C ASP A 20 1.39 9.62 3.37
N THR A 21 2.10 10.13 2.39
CA THR A 21 3.55 9.98 2.33
C THR A 21 4.27 10.88 3.33
N ASN A 22 3.56 11.87 3.86
CA ASN A 22 4.14 12.78 4.84
C ASN A 22 3.75 12.34 6.24
N LYS A 23 2.97 11.26 6.28
CA LYS A 23 2.51 10.68 7.51
C LYS A 23 3.15 9.32 7.70
N LYS A 24 4.17 9.27 8.53
CA LYS A 24 4.95 8.07 8.70
C LYS A 24 4.50 7.28 9.92
N VAL A 25 4.88 6.02 9.94
CA VAL A 25 4.65 5.14 11.08
C VAL A 25 5.98 4.51 11.46
N GLN A 26 6.20 4.35 12.75
CA GLN A 26 7.49 3.88 13.24
C GLN A 26 7.51 2.37 13.36
N LYS A 27 6.34 1.77 13.50
CA LYS A 27 6.24 0.33 13.62
C LYS A 27 5.78 -0.32 12.32
N SER A 28 6.62 -1.18 11.78
CA SER A 28 6.30 -1.92 10.57
C SER A 28 6.47 -3.40 10.81
N THR A 29 5.40 -4.17 10.63
CA THR A 29 5.44 -5.60 10.90
C THR A 29 5.89 -6.36 9.66
N GLY A 30 5.20 -6.12 8.55
CA GLY A 30 5.49 -6.87 7.35
C GLY A 30 5.18 -8.34 7.51
N GLU A 31 3.89 -8.65 7.60
CA GLU A 31 3.46 -10.01 7.87
C GLU A 31 3.54 -10.89 6.62
N GLU A 32 3.42 -10.29 5.45
CA GLU A 32 3.50 -11.06 4.22
C GLU A 32 4.89 -10.93 3.61
N SER A 33 5.46 -9.74 3.70
CA SER A 33 6.82 -9.50 3.25
C SER A 33 7.79 -10.31 4.11
N GLY A 34 7.42 -10.51 5.37
CA GLY A 34 8.21 -11.33 6.26
C GLY A 34 8.18 -12.79 5.89
N LEU A 35 7.06 -13.23 5.31
CA LEU A 35 6.95 -14.59 4.82
C LEU A 35 7.80 -14.76 3.56
N LEU A 36 7.86 -13.69 2.78
CA LEU A 36 8.71 -13.62 1.63
C LEU A 36 10.16 -13.39 2.05
N HIS A 37 11.07 -13.28 1.09
CA HIS A 37 12.48 -13.05 1.41
C HIS A 37 12.69 -11.62 1.93
N THR A 38 11.63 -10.84 1.96
CA THR A 38 11.68 -9.46 2.37
C THR A 38 11.68 -9.34 3.91
N GLY A 39 11.59 -10.46 4.60
CA GLY A 39 11.57 -10.45 6.06
C GLY A 39 12.92 -10.05 6.65
N ASP A 40 13.95 -10.08 5.81
CA ASP A 40 15.30 -9.75 6.25
C ASP A 40 15.51 -8.25 6.38
N VAL A 41 14.83 -7.47 5.56
CA VAL A 41 15.05 -6.02 5.55
C VAL A 41 14.22 -5.31 6.60
N LEU A 42 14.86 -4.39 7.29
CA LEU A 42 14.20 -3.55 8.26
C LEU A 42 14.12 -2.13 7.72
N ASP A 43 14.70 -1.94 6.53
CA ASP A 43 14.74 -0.64 5.88
C ASP A 43 13.37 -0.25 5.34
N GLN A 44 12.44 -1.20 5.38
CA GLN A 44 11.04 -0.95 5.03
C GLN A 44 10.55 0.37 5.64
N VAL A 45 9.72 1.05 4.88
CA VAL A 45 9.19 2.34 5.31
C VAL A 45 7.68 2.26 5.45
N ALA A 46 7.21 2.52 6.66
CA ALA A 46 5.78 2.48 6.94
C ALA A 46 5.19 3.88 6.95
N ILE A 47 4.17 4.08 6.15
CA ILE A 47 3.43 5.32 6.18
C ILE A 47 1.96 5.06 6.54
N GLN A 48 1.35 6.06 7.15
CA GLN A 48 -0.03 5.98 7.58
C GLN A 48 -0.93 6.00 6.35
N CYS A 49 -1.81 5.02 6.26
CA CYS A 49 -2.57 4.80 5.06
C CYS A 49 -4.05 4.59 5.40
N THR A 50 -4.90 4.60 4.39
CA THR A 50 -6.32 4.37 4.57
C THR A 50 -6.97 3.95 3.26
N GLN A 51 -7.83 2.95 3.33
CA GLN A 51 -8.50 2.44 2.15
C GLN A 51 -10.01 2.57 2.29
N ILE A 52 -10.65 3.08 1.25
CA ILE A 52 -12.08 3.33 1.23
C ILE A 52 -12.85 2.04 0.93
N PRO A 53 -14.05 1.84 1.53
CA PRO A 53 -14.91 0.68 1.29
C PRO A 53 -14.91 0.22 -0.16
N LEU A 54 -14.63 -1.07 -0.35
CA LEU A 54 -14.40 -1.65 -1.67
C LEU A 54 -15.61 -1.51 -2.60
N LEU A 55 -15.36 -0.90 -3.76
CA LEU A 55 -16.32 -0.87 -4.84
C LEU A 55 -15.83 -1.76 -5.97
N ILE A 56 -16.71 -2.64 -6.44
CA ILE A 56 -16.34 -3.61 -7.47
C ILE A 56 -16.10 -2.91 -8.80
N GLY A 57 -15.02 -3.31 -9.46
CA GLY A 57 -14.67 -2.75 -10.75
C GLY A 57 -14.09 -1.35 -10.65
N ILE A 58 -13.80 -0.91 -9.45
CA ILE A 58 -13.31 0.45 -9.23
C ILE A 58 -11.82 0.50 -8.94
N ALA A 59 -11.23 1.64 -9.27
CA ALA A 59 -9.81 1.88 -9.12
C ALA A 59 -9.49 2.47 -7.75
N ILE A 60 -8.33 2.12 -7.20
CA ILE A 60 -7.88 2.62 -5.90
C ILE A 60 -7.91 4.14 -5.84
N GLU A 61 -7.45 4.78 -6.91
CA GLU A 61 -7.33 6.23 -6.96
C GLU A 61 -8.70 6.89 -7.13
N ASP A 62 -9.66 6.12 -7.64
CA ASP A 62 -11.00 6.64 -7.87
C ASP A 62 -11.86 6.40 -6.64
N GLU A 63 -11.60 5.28 -5.97
CA GLU A 63 -12.36 4.87 -4.80
C GLU A 63 -12.10 5.82 -3.64
N CYS A 64 -10.87 6.30 -3.55
CA CYS A 64 -10.47 7.14 -2.44
C CYS A 64 -9.98 8.50 -2.95
N LYS A 65 -9.73 9.42 -2.02
CA LYS A 65 -9.29 10.76 -2.40
C LYS A 65 -7.93 11.08 -1.78
N ASN A 66 -7.18 10.05 -1.43
CA ASN A 66 -5.81 10.22 -0.94
C ASN A 66 -4.83 9.82 -2.05
N THR A 67 -3.57 9.69 -1.70
CA THR A 67 -2.56 9.34 -2.70
C THR A 67 -2.46 7.84 -2.89
N PRO A 68 -2.71 7.40 -4.13
CA PRO A 68 -2.54 6.01 -4.53
C PRO A 68 -1.07 5.59 -4.48
N THR A 69 -0.76 4.56 -3.72
CA THR A 69 0.60 4.08 -3.61
C THR A 69 0.65 2.56 -3.77
N CYS A 70 1.79 2.05 -4.21
CA CYS A 70 2.01 0.61 -4.22
C CYS A 70 2.85 0.22 -3.01
N CYS A 71 2.27 -0.60 -2.15
CA CYS A 71 2.96 -1.05 -0.96
C CYS A 71 3.46 -2.47 -1.17
N GLU A 72 4.66 -2.73 -0.68
CA GLU A 72 5.25 -4.03 -0.79
C GLU A 72 4.66 -4.97 0.26
N ASP A 73 4.09 -4.37 1.29
CA ASP A 73 3.30 -5.10 2.30
C ASP A 73 2.40 -4.09 3.00
N VAL A 74 1.33 -4.55 3.63
CA VAL A 74 0.43 -3.66 4.37
C VAL A 74 -0.20 -4.39 5.54
N GLU A 75 -0.14 -3.78 6.73
CA GLU A 75 -0.79 -4.34 7.91
C GLU A 75 -2.20 -3.78 8.05
N ASP A 76 -2.99 -4.43 8.92
CA ASP A 76 -4.35 -4.00 9.20
C ASP A 76 -5.21 -4.09 7.95
N ASP A 77 -6.21 -3.23 7.85
CA ASP A 77 -7.00 -3.13 6.62
C ASP A 77 -6.26 -2.32 5.58
N GLY A 78 -5.03 -1.93 5.91
CA GLY A 78 -4.25 -1.12 5.01
C GLY A 78 -3.88 0.22 5.60
N LEU A 79 -3.85 0.31 6.94
CA LEU A 79 -3.54 1.56 7.61
C LEU A 79 -2.04 1.76 7.74
N VAL A 80 -1.28 0.69 7.68
CA VAL A 80 0.16 0.76 7.79
C VAL A 80 0.81 0.02 6.64
N GLY A 81 1.30 0.77 5.67
CA GLY A 81 1.87 0.16 4.49
C GLY A 81 3.39 0.17 4.50
N ILE A 82 3.95 -0.92 4.04
CA ILE A 82 5.40 -1.08 3.95
C ILE A 82 5.85 -0.74 2.54
N ASN A 83 6.74 0.25 2.46
CA ASN A 83 7.39 0.60 1.20
C ASN A 83 6.36 1.03 0.16
N CYS A 84 5.47 1.91 0.57
CA CYS A 84 4.43 2.41 -0.33
C CYS A 84 4.97 3.55 -1.19
N THR A 85 5.09 3.28 -2.47
CA THR A 85 5.56 4.27 -3.42
C THR A 85 4.38 4.78 -4.25
N PRO A 86 4.20 6.13 -4.33
CA PRO A 86 3.11 6.75 -5.07
C PRO A 86 3.15 6.39 -6.55
N ILE A 87 2.04 5.86 -7.03
CA ILE A 87 1.96 5.39 -8.40
C ILE A 87 1.32 6.45 -9.31
N PRO A 88 1.50 6.32 -10.63
CA PRO A 88 0.99 7.28 -11.61
C PRO A 88 -0.52 7.19 -11.74
N LEU A 89 -1.12 8.32 -12.06
CA LEU A 89 -2.57 8.42 -12.21
C LEU A 89 -2.95 8.23 -13.68
N ILE A 90 -2.20 7.41 -14.38
CA ILE A 90 -2.36 7.28 -15.81
C ILE A 90 -2.36 5.81 -16.24
N GLY A 1 -7.17 -11.90 -8.94
CA GLY A 1 -7.41 -10.69 -8.11
C GLY A 1 -6.52 -10.67 -6.88
N SER A 2 -7.17 -10.59 -5.71
CA SER A 2 -6.46 -10.55 -4.43
C SER A 2 -5.55 -9.32 -4.35
N GLY A 3 -6.02 -8.22 -4.91
CA GLY A 3 -5.27 -7.00 -4.89
C GLY A 3 -6.07 -5.84 -5.43
N TRP A 4 -5.56 -5.20 -6.47
CA TRP A 4 -6.24 -4.09 -7.10
C TRP A 4 -6.07 -4.12 -8.60
N GLU A 5 -6.87 -3.31 -9.30
CA GLU A 5 -6.76 -3.17 -10.73
C GLU A 5 -5.42 -2.51 -11.05
N SER A 6 -4.52 -3.30 -11.61
CA SER A 6 -3.11 -2.91 -11.73
C SER A 6 -2.73 -2.55 -13.17
N LYS A 7 -3.71 -2.08 -13.95
CA LYS A 7 -3.50 -1.75 -15.37
C LYS A 7 -2.28 -0.83 -15.59
N THR A 8 -1.91 -0.07 -14.58
CA THR A 8 -0.80 0.87 -14.69
C THR A 8 0.55 0.15 -14.77
N GLY A 9 0.63 -1.03 -14.14
CA GLY A 9 1.86 -1.81 -14.17
C GLY A 9 2.96 -1.22 -13.29
N SER A 10 2.65 -0.12 -12.62
CA SER A 10 3.64 0.57 -11.81
C SER A 10 3.88 -0.13 -10.48
N CYS A 11 3.00 -1.03 -10.11
CA CYS A 11 3.14 -1.74 -8.84
C CYS A 11 3.65 -3.15 -9.08
N ASN A 12 4.56 -3.60 -8.21
CA ASN A 12 5.13 -4.94 -8.36
C ASN A 12 4.40 -5.99 -7.51
N THR A 13 3.69 -5.55 -6.49
CA THR A 13 3.06 -6.48 -5.55
C THR A 13 1.56 -6.59 -5.77
N GLY A 14 0.95 -5.50 -6.23
CA GLY A 14 -0.48 -5.48 -6.44
C GLY A 14 -1.23 -4.85 -5.29
N LYS A 15 -0.49 -4.46 -4.26
CA LYS A 15 -1.08 -3.83 -3.09
C LYS A 15 -1.15 -2.32 -3.30
N LEU A 16 -2.23 -1.87 -3.91
CA LEU A 16 -2.45 -0.46 -4.14
C LEU A 16 -3.27 0.14 -3.00
N ALA A 17 -2.61 0.85 -2.11
CA ALA A 17 -3.29 1.46 -0.99
C ALA A 17 -3.23 2.97 -1.08
N CYS A 18 -4.21 3.62 -0.47
CA CYS A 18 -4.22 5.06 -0.37
C CYS A 18 -3.48 5.48 0.90
N CYS A 19 -2.26 5.96 0.73
CA CYS A 19 -1.40 6.20 1.88
C CYS A 19 -0.88 7.64 1.91
N ASP A 20 -0.62 8.12 3.12
CA ASP A 20 -0.05 9.44 3.32
C ASP A 20 1.46 9.36 3.43
N THR A 21 2.15 9.74 2.38
CA THR A 21 3.61 9.66 2.34
C THR A 21 4.25 10.73 3.24
N ASN A 22 3.41 11.60 3.78
CA ASN A 22 3.88 12.70 4.60
C ASN A 22 3.78 12.31 6.05
N LYS A 23 2.91 11.36 6.30
CA LYS A 23 2.65 10.86 7.64
C LYS A 23 3.26 9.47 7.79
N LYS A 24 4.30 9.40 8.61
CA LYS A 24 5.08 8.19 8.78
C LYS A 24 4.69 7.43 10.05
N VAL A 25 5.07 6.16 10.08
CA VAL A 25 4.87 5.31 11.26
C VAL A 25 6.20 4.69 11.64
N GLN A 26 6.41 4.46 12.93
CA GLN A 26 7.66 3.92 13.42
C GLN A 26 7.58 2.41 13.63
N LYS A 27 6.62 1.77 12.95
CA LYS A 27 6.44 0.33 13.05
C LYS A 27 6.26 -0.27 11.65
N SER A 28 7.15 -1.17 11.28
CA SER A 28 7.09 -1.81 9.97
C SER A 28 7.45 -3.28 10.07
N THR A 29 6.47 -4.11 10.38
CA THR A 29 6.68 -5.54 10.46
C THR A 29 6.02 -6.24 9.28
N GLY A 30 4.77 -5.87 9.04
CA GLY A 30 4.04 -6.42 7.91
C GLY A 30 3.17 -7.60 8.30
N GLU A 31 2.23 -7.94 7.43
CA GLU A 31 1.39 -9.11 7.61
C GLU A 31 1.89 -10.25 6.73
N GLU A 32 2.19 -9.91 5.48
CA GLU A 32 2.68 -10.89 4.54
C GLU A 32 4.20 -10.93 4.58
N SER A 33 4.81 -9.75 4.67
CA SER A 33 6.25 -9.66 4.88
C SER A 33 6.55 -9.79 6.37
N GLY A 34 5.51 -10.02 7.17
CA GLY A 34 5.65 -10.09 8.61
C GLY A 34 6.64 -11.14 9.07
N LEU A 35 6.65 -12.29 8.39
CA LEU A 35 7.54 -13.37 8.78
C LEU A 35 8.97 -13.04 8.43
N LEU A 36 9.23 -12.88 7.13
CA LEU A 36 10.56 -12.51 6.68
C LEU A 36 10.54 -11.12 6.06
N HIS A 37 10.86 -10.12 6.86
CA HIS A 37 10.96 -8.75 6.36
C HIS A 37 12.38 -8.23 6.43
N THR A 38 13.03 -8.43 7.57
CA THR A 38 14.36 -7.88 7.82
C THR A 38 15.39 -8.50 6.89
N GLY A 39 15.19 -9.78 6.56
CA GLY A 39 16.11 -10.47 5.68
C GLY A 39 16.00 -10.01 4.25
N ASP A 40 14.95 -9.25 3.97
CA ASP A 40 14.75 -8.68 2.66
C ASP A 40 15.15 -7.21 2.67
N VAL A 41 14.61 -6.47 3.63
CA VAL A 41 14.84 -5.04 3.74
C VAL A 41 14.62 -4.54 5.17
N LEU A 42 15.51 -3.66 5.61
CA LEU A 42 15.34 -2.97 6.88
C LEU A 42 14.94 -1.52 6.61
N ASP A 43 14.96 -1.16 5.33
CA ASP A 43 14.68 0.20 4.89
C ASP A 43 13.17 0.41 4.68
N GLN A 44 12.38 -0.64 4.95
CA GLN A 44 10.94 -0.59 4.76
C GLN A 44 10.35 0.67 5.37
N VAL A 45 9.50 1.33 4.62
CA VAL A 45 8.89 2.56 5.05
C VAL A 45 7.45 2.33 5.42
N ALA A 46 7.09 2.77 6.61
CA ALA A 46 5.74 2.64 7.10
C ALA A 46 5.06 4.00 7.11
N ILE A 47 3.95 4.09 6.40
CA ILE A 47 3.15 5.30 6.39
C ILE A 47 1.69 4.95 6.65
N GLN A 48 0.91 5.94 7.06
CA GLN A 48 -0.49 5.72 7.37
C GLN A 48 -1.31 5.61 6.12
N CYS A 49 -2.19 4.63 6.12
CA CYS A 49 -2.96 4.30 4.96
C CYS A 49 -4.43 4.17 5.33
N THR A 50 -5.29 4.39 4.36
CA THR A 50 -6.72 4.34 4.58
C THR A 50 -7.45 4.07 3.28
N GLN A 51 -8.32 3.07 3.29
CA GLN A 51 -9.02 2.67 2.10
C GLN A 51 -10.53 2.79 2.31
N ILE A 52 -11.13 3.76 1.64
CA ILE A 52 -12.58 3.93 1.66
C ILE A 52 -13.25 2.73 0.99
N PRO A 53 -14.24 2.13 1.69
CA PRO A 53 -14.92 0.90 1.30
C PRO A 53 -15.09 0.75 -0.20
N LEU A 54 -14.20 -0.04 -0.79
CA LEU A 54 -14.10 -0.17 -2.22
C LEU A 54 -15.27 -0.93 -2.82
N LEU A 55 -15.77 -0.43 -3.93
CA LEU A 55 -16.73 -1.16 -4.74
C LEU A 55 -15.97 -1.89 -5.83
N ILE A 56 -16.10 -3.21 -5.86
CA ILE A 56 -15.31 -4.04 -6.76
C ILE A 56 -15.55 -3.63 -8.22
N GLY A 57 -14.46 -3.48 -8.94
CA GLY A 57 -14.51 -2.98 -10.29
C GLY A 57 -13.97 -1.57 -10.39
N ILE A 58 -14.03 -0.86 -9.27
CA ILE A 58 -13.55 0.51 -9.20
C ILE A 58 -12.06 0.57 -8.89
N ALA A 59 -11.45 1.66 -9.31
CA ALA A 59 -10.03 1.89 -9.13
C ALA A 59 -9.74 2.55 -7.79
N ILE A 60 -8.61 2.15 -7.20
CA ILE A 60 -8.12 2.71 -5.94
C ILE A 60 -7.99 4.22 -6.02
N GLU A 61 -7.62 4.70 -7.20
CA GLU A 61 -7.32 6.10 -7.43
C GLU A 61 -8.59 6.94 -7.55
N ASP A 62 -9.71 6.28 -7.76
CA ASP A 62 -10.99 6.97 -7.91
C ASP A 62 -11.86 6.74 -6.68
N GLU A 63 -11.61 5.66 -5.97
CA GLU A 63 -12.40 5.26 -4.82
C GLU A 63 -12.09 6.15 -3.61
N CYS A 64 -10.82 6.49 -3.44
CA CYS A 64 -10.40 7.28 -2.29
C CYS A 64 -9.92 8.65 -2.74
N LYS A 65 -9.64 9.53 -1.77
CA LYS A 65 -9.13 10.86 -2.08
C LYS A 65 -7.75 11.07 -1.47
N ASN A 66 -6.89 10.08 -1.65
CA ASN A 66 -5.50 10.16 -1.19
C ASN A 66 -4.58 9.64 -2.28
N THR A 67 -3.31 9.54 -1.99
CA THR A 67 -2.33 9.15 -2.98
C THR A 67 -2.30 7.64 -3.18
N PRO A 68 -2.48 7.22 -4.44
CA PRO A 68 -2.31 5.83 -4.85
C PRO A 68 -0.88 5.37 -4.65
N THR A 69 -0.67 4.41 -3.76
CA THR A 69 0.67 3.93 -3.50
C THR A 69 0.76 2.42 -3.64
N CYS A 70 1.87 1.95 -4.16
CA CYS A 70 2.15 0.52 -4.25
C CYS A 70 2.92 0.07 -3.03
N CYS A 71 2.25 -0.62 -2.13
CA CYS A 71 2.88 -1.12 -0.93
C CYS A 71 3.40 -2.53 -1.16
N GLU A 72 4.62 -2.78 -0.73
CA GLU A 72 5.21 -4.10 -0.79
C GLU A 72 4.43 -5.03 0.13
N ASP A 73 3.99 -4.48 1.25
CA ASP A 73 3.13 -5.18 2.18
C ASP A 73 2.29 -4.16 2.92
N VAL A 74 1.23 -4.60 3.59
CA VAL A 74 0.44 -3.70 4.41
C VAL A 74 0.12 -4.36 5.75
N GLU A 75 0.30 -3.62 6.82
CA GLU A 75 0.08 -4.13 8.16
C GLU A 75 -1.25 -3.61 8.69
N ASP A 76 -1.75 -4.23 9.77
CA ASP A 76 -3.04 -3.87 10.35
C ASP A 76 -4.16 -4.15 9.36
N ASP A 77 -5.29 -3.46 9.52
CA ASP A 77 -6.37 -3.54 8.54
C ASP A 77 -6.04 -2.75 7.28
N GLY A 78 -4.76 -2.53 7.04
CA GLY A 78 -4.32 -1.75 5.91
C GLY A 78 -4.07 -0.31 6.29
N LEU A 79 -3.82 -0.08 7.58
CA LEU A 79 -3.61 1.27 8.10
C LEU A 79 -2.14 1.66 8.03
N VAL A 80 -1.27 0.67 7.92
CA VAL A 80 0.16 0.92 7.87
C VAL A 80 0.78 0.16 6.71
N GLY A 81 1.21 0.88 5.69
CA GLY A 81 1.76 0.23 4.52
C GLY A 81 3.26 0.17 4.55
N ILE A 82 3.81 -0.92 4.02
CA ILE A 82 5.25 -1.10 3.94
C ILE A 82 5.73 -0.79 2.54
N ASN A 83 6.63 0.18 2.44
CA ASN A 83 7.26 0.52 1.17
C ASN A 83 6.22 0.92 0.14
N CYS A 84 5.38 1.88 0.51
CA CYS A 84 4.30 2.33 -0.35
C CYS A 84 4.75 3.45 -1.26
N THR A 85 5.12 3.09 -2.47
CA THR A 85 5.62 4.04 -3.45
C THR A 85 4.46 4.62 -4.27
N PRO A 86 4.35 5.96 -4.34
CA PRO A 86 3.29 6.64 -5.09
C PRO A 86 3.38 6.32 -6.58
N ILE A 87 2.34 5.70 -7.11
CA ILE A 87 2.34 5.23 -8.47
C ILE A 87 1.62 6.22 -9.39
N PRO A 88 2.06 6.29 -10.67
CA PRO A 88 1.43 7.12 -11.69
C PRO A 88 0.07 6.57 -12.09
N LEU A 89 -0.75 7.43 -12.70
CA LEU A 89 -2.09 7.06 -13.11
C LEU A 89 -2.10 6.58 -14.56
N ILE A 90 -0.96 6.13 -15.03
CA ILE A 90 -0.79 5.76 -16.42
C ILE A 90 -0.29 4.33 -16.54
#